data_3KAG
# 
_entry.id   3KAG 
# 
_audit_conform.dict_name       mmcif_pdbx.dic 
_audit_conform.dict_version    5.380 
_audit_conform.dict_location   http://mmcif.pdb.org/dictionaries/ascii/mmcif_pdbx.dic 
# 
loop_
_database_2.database_id 
_database_2.database_code 
_database_2.pdbx_database_accession 
_database_2.pdbx_DOI 
PDB   3KAG         pdb_00003kag 10.2210/pdb3kag/pdb 
RCSB  RCSB055749   ?            ?                   
WWPDB D_1000055749 ?            ?                   
# 
loop_
_pdbx_database_related.db_name 
_pdbx_database_related.db_id 
_pdbx_database_related.details 
_pdbx_database_related.content_type 
PDB 3KAB . unspecified 
PDB 3KAC . unspecified 
PDB 3KAD . unspecified 
PDB 3KAF . unspecified 
PDB 3KAH . unspecified 
PDB 3KAI . unspecified 
# 
_pdbx_database_status.status_code                     REL 
_pdbx_database_status.entry_id                        3KAG 
_pdbx_database_status.recvd_initial_deposition_date   2009-10-19 
_pdbx_database_status.deposit_site                    RCSB 
_pdbx_database_status.process_site                    PDBJ 
_pdbx_database_status.status_code_sf                  REL 
_pdbx_database_status.status_code_mr                  ? 
_pdbx_database_status.SG_entry                        ? 
_pdbx_database_status.pdb_format_compatible           Y 
_pdbx_database_status.status_code_cs                  ? 
_pdbx_database_status.status_code_nmr_data            ? 
_pdbx_database_status.methods_development_category    ? 
# 
loop_
_audit_author.name 
_audit_author.pdbx_ordinal 
'Baker, L.M.'    1 
'Dokurno, P.'    2 
'Robinson, D.A.' 3 
'Surgenor, A.E.' 4 
'Murray, J.B.'   5 
'Potter, A.J.'   6 
'Moore, J.D.'    7 
# 
_citation.id                        primary 
_citation.title                     'Structure-guided design of alpha-amino acid-derived Pin1 inhibitors' 
_citation.journal_abbrev            Bioorg.Med.Chem.Lett. 
_citation.journal_volume            20 
_citation.page_first                586 
_citation.page_last                 590 
_citation.year                      2010 
_citation.journal_id_ASTM           BMCLE8 
_citation.country                   UK 
_citation.journal_id_ISSN           0960-894X 
_citation.journal_id_CSD            1127 
_citation.book_publisher            ? 
_citation.pdbx_database_id_PubMed   19969456 
_citation.pdbx_database_id_DOI      10.1016/j.bmcl.2009.11.090 
# 
loop_
_citation_author.citation_id 
_citation_author.name 
_citation_author.ordinal 
_citation_author.identifier_ORCID 
primary 'Potter, A.J.'     1  ? 
primary 'Ray, S.'          2  ? 
primary 'Gueritz, L.'      3  ? 
primary 'Nunns, C.L.'      4  ? 
primary 'Bryant, C.J.'     5  ? 
primary 'Scrace, S.F.'     6  ? 
primary 'Matassova, N.'    7  ? 
primary 'Baker, L.M.'      8  ? 
primary 'Dokurno, P.'      9  ? 
primary 'Robinson, D.A.'   10 ? 
primary 'Surgenor, A.E.'   11 ? 
primary 'Davis, B.'        12 ? 
primary 'Murray, J.B.'     13 ? 
primary 'Richardson, C.M.' 14 ? 
primary 'Moore, J.D.'      15 ? 
# 
_cell.entry_id           3KAG 
_cell.length_a           68.504 
_cell.length_b           68.504 
_cell.length_c           79.560 
_cell.angle_alpha        90.00 
_cell.angle_beta         90.00 
_cell.angle_gamma        120.00 
_cell.Z_PDB              6 
_cell.pdbx_unique_axis   ? 
_cell.length_a_esd       ? 
_cell.length_b_esd       ? 
_cell.length_c_esd       ? 
_cell.angle_alpha_esd    ? 
_cell.angle_beta_esd     ? 
_cell.angle_gamma_esd    ? 
# 
_symmetry.entry_id                         3KAG 
_symmetry.space_group_name_H-M             'P 31 2 1' 
_symmetry.pdbx_full_space_group_name_H-M   ? 
_symmetry.cell_setting                     ? 
_symmetry.Int_Tables_number                152 
_symmetry.space_group_name_Hall            ? 
# 
loop_
_entity.id 
_entity.type 
_entity.src_method 
_entity.pdbx_description 
_entity.formula_weight 
_entity.pdbx_number_of_molecules 
_entity.pdbx_ec 
_entity.pdbx_mutation 
_entity.pdbx_fragment 
_entity.details 
1 polymer     man 'Peptidyl-prolyl cis-trans isomerase NIMA-interacting 1'              18524.525 1   5.2.1.8 R14A ? ? 
2 non-polymer syn '3-(1H-benzimidazol-2-yl)-N-[(2-methylfuran-3-yl)carbonyl]-D-alanine' 313.308   1   ?       ?    ? ? 
3 non-polymer syn 'DODECAETHYLENE GLYCOL'                                               546.646   1   ?       ?    ? ? 
4 water       nat water                                                                 18.015    121 ?       ?    ? ? 
# 
_entity_name_com.entity_id   1 
_entity_name_com.name        'Rotamase Pin1, PPIase Pin1' 
# 
_entity_poly.entity_id                      1 
_entity_poly.type                           'polypeptide(L)' 
_entity_poly.nstd_linkage                   no 
_entity_poly.nstd_monomer                   no 
_entity_poly.pdbx_seq_one_letter_code       
;GSHGMADEEKLPPGWEKAMSRSSGRVYYFNHITNASQWERPSGNSSSGGKNGQGEPARVRCSHLLVKHSQSRRPSSWRQE
KITRTKEEALELINGYIQKIKSGEEDFESLASQFSDCSSAKARGDLGAFSRGQMQKPFEDASFALRTGEMSGPVFTDSGI
HIILRTE
;
_entity_poly.pdbx_seq_one_letter_code_can   
;GSHGMADEEKLPPGWEKAMSRSSGRVYYFNHITNASQWERPSGNSSSGGKNGQGEPARVRCSHLLVKHSQSRRPSSWRQE
KITRTKEEALELINGYIQKIKSGEEDFESLASQFSDCSSAKARGDLGAFSRGQMQKPFEDASFALRTGEMSGPVFTDSGI
HIILRTE
;
_entity_poly.pdbx_strand_id                 A 
_entity_poly.pdbx_target_identifier         ? 
# 
loop_
_entity_poly_seq.entity_id 
_entity_poly_seq.num 
_entity_poly_seq.mon_id 
_entity_poly_seq.hetero 
1 1   GLY n 
1 2   SER n 
1 3   HIS n 
1 4   GLY n 
1 5   MET n 
1 6   ALA n 
1 7   ASP n 
1 8   GLU n 
1 9   GLU n 
1 10  LYS n 
1 11  LEU n 
1 12  PRO n 
1 13  PRO n 
1 14  GLY n 
1 15  TRP n 
1 16  GLU n 
1 17  LYS n 
1 18  ALA n 
1 19  MET n 
1 20  SER n 
1 21  ARG n 
1 22  SER n 
1 23  SER n 
1 24  GLY n 
1 25  ARG n 
1 26  VAL n 
1 27  TYR n 
1 28  TYR n 
1 29  PHE n 
1 30  ASN n 
1 31  HIS n 
1 32  ILE n 
1 33  THR n 
1 34  ASN n 
1 35  ALA n 
1 36  SER n 
1 37  GLN n 
1 38  TRP n 
1 39  GLU n 
1 40  ARG n 
1 41  PRO n 
1 42  SER n 
1 43  GLY n 
1 44  ASN n 
1 45  SER n 
1 46  SER n 
1 47  SER n 
1 48  GLY n 
1 49  GLY n 
1 50  LYS n 
1 51  ASN n 
1 52  GLY n 
1 53  GLN n 
1 54  GLY n 
1 55  GLU n 
1 56  PRO n 
1 57  ALA n 
1 58  ARG n 
1 59  VAL n 
1 60  ARG n 
1 61  CYS n 
1 62  SER n 
1 63  HIS n 
1 64  LEU n 
1 65  LEU n 
1 66  VAL n 
1 67  LYS n 
1 68  HIS n 
1 69  SER n 
1 70  GLN n 
1 71  SER n 
1 72  ARG n 
1 73  ARG n 
1 74  PRO n 
1 75  SER n 
1 76  SER n 
1 77  TRP n 
1 78  ARG n 
1 79  GLN n 
1 80  GLU n 
1 81  LYS n 
1 82  ILE n 
1 83  THR n 
1 84  ARG n 
1 85  THR n 
1 86  LYS n 
1 87  GLU n 
1 88  GLU n 
1 89  ALA n 
1 90  LEU n 
1 91  GLU n 
1 92  LEU n 
1 93  ILE n 
1 94  ASN n 
1 95  GLY n 
1 96  TYR n 
1 97  ILE n 
1 98  GLN n 
1 99  LYS n 
1 100 ILE n 
1 101 LYS n 
1 102 SER n 
1 103 GLY n 
1 104 GLU n 
1 105 GLU n 
1 106 ASP n 
1 107 PHE n 
1 108 GLU n 
1 109 SER n 
1 110 LEU n 
1 111 ALA n 
1 112 SER n 
1 113 GLN n 
1 114 PHE n 
1 115 SER n 
1 116 ASP n 
1 117 CYS n 
1 118 SER n 
1 119 SER n 
1 120 ALA n 
1 121 LYS n 
1 122 ALA n 
1 123 ARG n 
1 124 GLY n 
1 125 ASP n 
1 126 LEU n 
1 127 GLY n 
1 128 ALA n 
1 129 PHE n 
1 130 SER n 
1 131 ARG n 
1 132 GLY n 
1 133 GLN n 
1 134 MET n 
1 135 GLN n 
1 136 LYS n 
1 137 PRO n 
1 138 PHE n 
1 139 GLU n 
1 140 ASP n 
1 141 ALA n 
1 142 SER n 
1 143 PHE n 
1 144 ALA n 
1 145 LEU n 
1 146 ARG n 
1 147 THR n 
1 148 GLY n 
1 149 GLU n 
1 150 MET n 
1 151 SER n 
1 152 GLY n 
1 153 PRO n 
1 154 VAL n 
1 155 PHE n 
1 156 THR n 
1 157 ASP n 
1 158 SER n 
1 159 GLY n 
1 160 ILE n 
1 161 HIS n 
1 162 ILE n 
1 163 ILE n 
1 164 LEU n 
1 165 ARG n 
1 166 THR n 
1 167 GLU n 
# 
_entity_src_gen.entity_id                          1 
_entity_src_gen.pdbx_src_id                        1 
_entity_src_gen.pdbx_alt_source_flag               sample 
_entity_src_gen.pdbx_seq_type                      ? 
_entity_src_gen.pdbx_beg_seq_num                   ? 
_entity_src_gen.pdbx_end_seq_num                   ? 
_entity_src_gen.gene_src_common_name               human 
_entity_src_gen.gene_src_genus                     ? 
_entity_src_gen.pdbx_gene_src_gene                 PIN1 
_entity_src_gen.gene_src_species                   ? 
_entity_src_gen.gene_src_strain                    ? 
_entity_src_gen.gene_src_tissue                    ? 
_entity_src_gen.gene_src_tissue_fraction           ? 
_entity_src_gen.gene_src_details                   ? 
_entity_src_gen.pdbx_gene_src_fragment             ? 
_entity_src_gen.pdbx_gene_src_scientific_name      'Homo sapiens' 
_entity_src_gen.pdbx_gene_src_ncbi_taxonomy_id     9606 
_entity_src_gen.pdbx_gene_src_variant              ? 
_entity_src_gen.pdbx_gene_src_cell_line            ? 
_entity_src_gen.pdbx_gene_src_atcc                 ? 
_entity_src_gen.pdbx_gene_src_organ                ? 
_entity_src_gen.pdbx_gene_src_organelle            ? 
_entity_src_gen.pdbx_gene_src_cell                 ? 
_entity_src_gen.pdbx_gene_src_cellular_location    ? 
_entity_src_gen.host_org_common_name               ? 
_entity_src_gen.pdbx_host_org_scientific_name      'Escherichia coli' 
_entity_src_gen.pdbx_host_org_ncbi_taxonomy_id     469008 
_entity_src_gen.host_org_genus                     ? 
_entity_src_gen.pdbx_host_org_gene                 ? 
_entity_src_gen.pdbx_host_org_organ                ? 
_entity_src_gen.host_org_species                   ? 
_entity_src_gen.pdbx_host_org_tissue               ? 
_entity_src_gen.pdbx_host_org_tissue_fraction      ? 
_entity_src_gen.pdbx_host_org_strain               'BL21 (DE3)' 
_entity_src_gen.pdbx_host_org_variant              ? 
_entity_src_gen.pdbx_host_org_cell_line            ? 
_entity_src_gen.pdbx_host_org_atcc                 ? 
_entity_src_gen.pdbx_host_org_culture_collection   ? 
_entity_src_gen.pdbx_host_org_cell                 ? 
_entity_src_gen.pdbx_host_org_organelle            ? 
_entity_src_gen.pdbx_host_org_cellular_location    ? 
_entity_src_gen.pdbx_host_org_vector_type          plasmid 
_entity_src_gen.pdbx_host_org_vector               ? 
_entity_src_gen.host_org_details                   ? 
_entity_src_gen.expression_system_id               ? 
_entity_src_gen.plasmid_name                       PET28A 
_entity_src_gen.plasmid_details                    ? 
_entity_src_gen.pdbx_description                   ? 
# 
_struct_ref.id                         1 
_struct_ref.db_name                    UNP 
_struct_ref.db_code                    PIN1_HUMAN 
_struct_ref.pdbx_db_accession          Q13526 
_struct_ref.entity_id                  1 
_struct_ref.pdbx_seq_one_letter_code   
;MADEEKLPPGWEKRMSRSSGRVYYFNHITNASQWERPSGNSSSGGKNGQGEPARVRCSHLLVKHSQSRRPSSWRQEKITR
TKEEALELINGYIQKIKSGEEDFESLASQFSDCSSAKARGDLGAFSRGQMQKPFEDASFALRTGEMSGPVFTDSGIHIIL
RTE
;
_struct_ref.pdbx_align_begin           1 
_struct_ref.pdbx_db_isoform            ? 
# 
_struct_ref_seq.align_id                      1 
_struct_ref_seq.ref_id                        1 
_struct_ref_seq.pdbx_PDB_id_code              3KAG 
_struct_ref_seq.pdbx_strand_id                A 
_struct_ref_seq.seq_align_beg                 5 
_struct_ref_seq.pdbx_seq_align_beg_ins_code   ? 
_struct_ref_seq.seq_align_end                 167 
_struct_ref_seq.pdbx_seq_align_end_ins_code   ? 
_struct_ref_seq.pdbx_db_accession             Q13526 
_struct_ref_seq.db_align_beg                  1 
_struct_ref_seq.pdbx_db_align_beg_ins_code    ? 
_struct_ref_seq.db_align_end                  163 
_struct_ref_seq.pdbx_db_align_end_ins_code    ? 
_struct_ref_seq.pdbx_auth_seq_align_beg       1 
_struct_ref_seq.pdbx_auth_seq_align_end       163 
# 
loop_
_struct_ref_seq_dif.align_id 
_struct_ref_seq_dif.pdbx_pdb_id_code 
_struct_ref_seq_dif.mon_id 
_struct_ref_seq_dif.pdbx_pdb_strand_id 
_struct_ref_seq_dif.seq_num 
_struct_ref_seq_dif.pdbx_pdb_ins_code 
_struct_ref_seq_dif.pdbx_seq_db_name 
_struct_ref_seq_dif.pdbx_seq_db_accession_code 
_struct_ref_seq_dif.db_mon_id 
_struct_ref_seq_dif.pdbx_seq_db_seq_num 
_struct_ref_seq_dif.details 
_struct_ref_seq_dif.pdbx_auth_seq_num 
_struct_ref_seq_dif.pdbx_ordinal 
1 3KAG GLY A 1  ? UNP Q13526 ?   ?  'expression tag'      -3 1 
1 3KAG SER A 2  ? UNP Q13526 ?   ?  'expression tag'      -2 2 
1 3KAG HIS A 3  ? UNP Q13526 ?   ?  'expression tag'      -1 3 
1 3KAG GLY A 4  ? UNP Q13526 ?   ?  'expression tag'      0  4 
1 3KAG ALA A 18 ? UNP Q13526 ARG 14 'engineered mutation' 14 5 
# 
loop_
_chem_comp.id 
_chem_comp.type 
_chem_comp.mon_nstd_flag 
_chem_comp.name 
_chem_comp.pdbx_synonyms 
_chem_comp.formula 
_chem_comp.formula_weight 
12P non-polymer         . 'DODECAETHYLENE GLYCOL'                                               'POLYETHYLENE GLYCOL PEG400' 
'C24 H50 O13'    546.646 
4D7 non-polymer         . '3-(1H-benzimidazol-2-yl)-N-[(2-methylfuran-3-yl)carbonyl]-D-alanine' 
'(R)-3-(1H-Benzoimidazol-2-yl)-2-[(2-methyl-furan-3-carbonyl)-amino]-propionic acid' 'C16 H15 N3 O4'  313.308 
ALA 'L-peptide linking' y ALANINE                                                               ? 'C3 H7 N O2'     89.093  
ARG 'L-peptide linking' y ARGININE                                                              ? 'C6 H15 N4 O2 1' 175.209 
ASN 'L-peptide linking' y ASPARAGINE                                                            ? 'C4 H8 N2 O3'    132.118 
ASP 'L-peptide linking' y 'ASPARTIC ACID'                                                       ? 'C4 H7 N O4'     133.103 
CYS 'L-peptide linking' y CYSTEINE                                                              ? 'C3 H7 N O2 S'   121.158 
GLN 'L-peptide linking' y GLUTAMINE                                                             ? 'C5 H10 N2 O3'   146.144 
GLU 'L-peptide linking' y 'GLUTAMIC ACID'                                                       ? 'C5 H9 N O4'     147.129 
GLY 'peptide linking'   y GLYCINE                                                               ? 'C2 H5 N O2'     75.067  
HIS 'L-peptide linking' y HISTIDINE                                                             ? 'C6 H10 N3 O2 1' 156.162 
HOH non-polymer         . WATER                                                                 ? 'H2 O'           18.015  
ILE 'L-peptide linking' y ISOLEUCINE                                                            ? 'C6 H13 N O2'    131.173 
LEU 'L-peptide linking' y LEUCINE                                                               ? 'C6 H13 N O2'    131.173 
LYS 'L-peptide linking' y LYSINE                                                                ? 'C6 H15 N2 O2 1' 147.195 
MET 'L-peptide linking' y METHIONINE                                                            ? 'C5 H11 N O2 S'  149.211 
PHE 'L-peptide linking' y PHENYLALANINE                                                         ? 'C9 H11 N O2'    165.189 
PRO 'L-peptide linking' y PROLINE                                                               ? 'C5 H9 N O2'     115.130 
SER 'L-peptide linking' y SERINE                                                                ? 'C3 H7 N O3'     105.093 
THR 'L-peptide linking' y THREONINE                                                             ? 'C4 H9 N O3'     119.119 
TRP 'L-peptide linking' y TRYPTOPHAN                                                            ? 'C11 H12 N2 O2'  204.225 
TYR 'L-peptide linking' y TYROSINE                                                              ? 'C9 H11 N O3'    181.189 
VAL 'L-peptide linking' y VALINE                                                                ? 'C5 H11 N O2'    117.146 
# 
_exptl.entry_id          3KAG 
_exptl.method            'X-RAY DIFFRACTION' 
_exptl.crystals_number   1 
# 
_exptl_crystal.id                    1 
_exptl_crystal.density_meas          ? 
_exptl_crystal.density_Matthews      2.91 
_exptl_crystal.density_percent_sol   57.72 
_exptl_crystal.description           ? 
_exptl_crystal.F_000                 ? 
_exptl_crystal.preparation           ? 
# 
_exptl_crystal_grow.crystal_id      1 
_exptl_crystal_grow.method          'VAPOR DIFFUSION, HANGING DROP' 
_exptl_crystal_grow.temp            277 
_exptl_crystal_grow.temp_details    ? 
_exptl_crystal_grow.pH              7.5 
_exptl_crystal_grow.pdbx_details    
'2.2M Ammonium sulphate, 0.1M HEPES buffer, 1% PEG 400, 5mM DTT, pH 7.5, VAPOR DIFFUSION, HANGING DROP, temperature 277K' 
_exptl_crystal_grow.pdbx_pH_range   . 
# 
_diffrn.id                     1 
_diffrn.ambient_temp           100 
_diffrn.ambient_temp_details   ? 
_diffrn.crystal_id             1 
# 
_diffrn_detector.diffrn_id              1 
_diffrn_detector.detector               'IMAGE PLATE' 
_diffrn_detector.type                   'RIGAKU RAXIS IV++' 
_diffrn_detector.pdbx_collection_date   2006-10-30 
_diffrn_detector.details                mirrors 
# 
_diffrn_radiation.diffrn_id                        1 
_diffrn_radiation.wavelength_id                    1 
_diffrn_radiation.pdbx_monochromatic_or_laue_m_l   M 
_diffrn_radiation.monochromator                    mirrors 
_diffrn_radiation.pdbx_diffrn_protocol             'SINGLE WAVELENGTH' 
_diffrn_radiation.pdbx_scattering_type             x-ray 
# 
_diffrn_radiation_wavelength.id           1 
_diffrn_radiation_wavelength.wavelength   1.5418 
_diffrn_radiation_wavelength.wt           1.0 
# 
_diffrn_source.diffrn_id                   1 
_diffrn_source.source                      'ROTATING ANODE' 
_diffrn_source.type                        'RIGAKU RUH3R' 
_diffrn_source.pdbx_synchrotron_site       ? 
_diffrn_source.pdbx_synchrotron_beamline   ? 
_diffrn_source.pdbx_wavelength             ? 
_diffrn_source.pdbx_wavelength_list        1.5418 
# 
_reflns.entry_id                     3KAG 
_reflns.observed_criterion_sigma_I   1 
_reflns.observed_criterion_sigma_F   1 
_reflns.d_resolution_low             26 
_reflns.d_resolution_high            1.90 
_reflns.number_obs                   16604 
_reflns.number_all                   16604 
_reflns.percent_possible_obs         94.9 
_reflns.pdbx_Rmerge_I_obs            0.057 
_reflns.pdbx_Rsym_value              ? 
_reflns.pdbx_netI_over_sigmaI        6.2 
_reflns.B_iso_Wilson_estimate        ? 
_reflns.pdbx_redundancy              2.0 
_reflns.R_free_details               ? 
_reflns.limit_h_max                  ? 
_reflns.limit_h_min                  ? 
_reflns.limit_k_max                  ? 
_reflns.limit_k_min                  ? 
_reflns.limit_l_max                  ? 
_reflns.limit_l_min                  ? 
_reflns.observed_criterion_F_max     ? 
_reflns.observed_criterion_F_min     ? 
_reflns.pdbx_chi_squared             ? 
_reflns.pdbx_scaling_rejects         ? 
_reflns.pdbx_diffrn_id               1 
_reflns.pdbx_ordinal                 1 
# 
_reflns_shell.d_res_high             1.90 
_reflns_shell.d_res_low              1.97 
_reflns_shell.percent_possible_all   84.9 
_reflns_shell.Rmerge_I_obs           0.397 
_reflns_shell.pdbx_Rsym_value        ? 
_reflns_shell.meanI_over_sigI_obs    1.5 
_reflns_shell.pdbx_redundancy        1.9 
_reflns_shell.percent_possible_obs   ? 
_reflns_shell.number_unique_all      873 
_reflns_shell.number_measured_all    ? 
_reflns_shell.number_measured_obs    ? 
_reflns_shell.number_unique_obs      ? 
_reflns_shell.pdbx_chi_squared       ? 
_reflns_shell.pdbx_diffrn_id         ? 
_reflns_shell.pdbx_ordinal           1 
# 
_refine.entry_id                                 3KAG 
_refine.ls_number_reflns_obs                     15750 
_refine.ls_number_reflns_all                     ? 
_refine.pdbx_ls_sigma_I                          ? 
_refine.pdbx_ls_sigma_F                          ? 
_refine.pdbx_data_cutoff_high_absF               ? 
_refine.pdbx_data_cutoff_low_absF                ? 
_refine.pdbx_data_cutoff_high_rms_absF           ? 
_refine.ls_d_res_low                             26 
_refine.ls_d_res_high                            1.90 
_refine.ls_percent_reflns_obs                    94.80 
_refine.ls_R_factor_obs                          0.20511 
_refine.ls_R_factor_all                          ? 
_refine.ls_R_factor_R_work                       0.20247 
_refine.ls_R_factor_R_free                       0.25511 
_refine.ls_R_factor_R_free_error                 ? 
_refine.ls_R_factor_R_free_error_details         ? 
_refine.ls_percent_reflns_R_free                 5.1 
_refine.ls_number_reflns_R_free                  842 
_refine.ls_number_parameters                     ? 
_refine.ls_number_restraints                     ? 
_refine.occupancy_min                            ? 
_refine.occupancy_max                            ? 
_refine.correlation_coeff_Fo_to_Fc               0.959 
_refine.correlation_coeff_Fo_to_Fc_free          0.929 
_refine.B_iso_mean                               31.787 
_refine.aniso_B[1][1]                            0.69 
_refine.aniso_B[2][2]                            0.69 
_refine.aniso_B[3][3]                            -1.03 
_refine.aniso_B[1][2]                            0.34 
_refine.aniso_B[1][3]                            0.00 
_refine.aniso_B[2][3]                            0.00 
_refine.solvent_model_details                    MASK 
_refine.solvent_model_param_ksol                 ? 
_refine.solvent_model_param_bsol                 ? 
_refine.pdbx_solvent_vdw_probe_radii             1.40 
_refine.pdbx_solvent_ion_probe_radii             0.80 
_refine.pdbx_solvent_shrinkage_radii             0.80 
_refine.pdbx_ls_cross_valid_method               THROUGHOUT 
_refine.details                                  'HYDROGENS HAVE BEEN ADDED IN THE RIDING POSITIONS' 
_refine.pdbx_starting_model                      'PDB ENTRY 1PIN' 
_refine.pdbx_method_to_determine_struct          'MOLECULAR REPLACEMENT' 
_refine.pdbx_isotropic_thermal_model             ? 
_refine.pdbx_stereochemistry_target_values       'MAXIMUM LIKELIHOOD' 
_refine.pdbx_stereochem_target_val_spec_case     ? 
_refine.pdbx_R_Free_selection_details            RANDOM 
_refine.pdbx_overall_ESU_R                       0.143 
_refine.pdbx_overall_ESU_R_Free                  0.146 
_refine.overall_SU_ML                            0.108 
_refine.overall_SU_B                             3.795 
_refine.ls_redundancy_reflns_obs                 ? 
_refine.B_iso_min                                ? 
_refine.B_iso_max                                ? 
_refine.overall_SU_R_Cruickshank_DPI             ? 
_refine.overall_SU_R_free                        ? 
_refine.ls_wR_factor_R_free                      ? 
_refine.ls_wR_factor_R_work                      ? 
_refine.overall_FOM_free_R_set                   ? 
_refine.overall_FOM_work_R_set                   ? 
_refine.pdbx_refine_id                           'X-RAY DIFFRACTION' 
_refine.pdbx_overall_phase_error                 ? 
_refine.pdbx_diffrn_id                           1 
_refine.pdbx_TLS_residual_ADP_flag               ? 
_refine.pdbx_overall_SU_R_free_Cruickshank_DPI   ? 
_refine.pdbx_overall_SU_R_Blow_DPI               ? 
_refine.pdbx_overall_SU_R_free_Blow_DPI          ? 
# 
_refine_hist.pdbx_refine_id                   'X-RAY DIFFRACTION' 
_refine_hist.cycle_id                         LAST 
_refine_hist.pdbx_number_atoms_protein        1170 
_refine_hist.pdbx_number_atoms_nucleic_acid   0 
_refine_hist.pdbx_number_atoms_ligand         45 
_refine_hist.number_atoms_solvent             121 
_refine_hist.number_atoms_total               1336 
_refine_hist.d_res_high                       1.90 
_refine_hist.d_res_low                        26 
# 
loop_
_refine_ls_restr.type 
_refine_ls_restr.dev_ideal 
_refine_ls_restr.dev_ideal_target 
_refine_ls_restr.weight 
_refine_ls_restr.number 
_refine_ls_restr.pdbx_refine_id 
_refine_ls_restr.pdbx_restraint_function 
r_bond_refined_d       0.025  0.021  ? 1243 'X-RAY DIFFRACTION' ? 
r_angle_refined_deg    1.974  1.979  ? 1665 'X-RAY DIFFRACTION' ? 
r_dihedral_angle_1_deg 7.385  5.000  ? 147  'X-RAY DIFFRACTION' ? 
r_dihedral_angle_2_deg 31.593 22.500 ? 60   'X-RAY DIFFRACTION' ? 
r_dihedral_angle_3_deg 16.113 15.000 ? 216  'X-RAY DIFFRACTION' ? 
r_dihedral_angle_4_deg 19.189 15.000 ? 14   'X-RAY DIFFRACTION' ? 
r_chiral_restr         0.155  0.200  ? 165  'X-RAY DIFFRACTION' ? 
r_gen_planes_refined   0.009  0.021  ? 951  'X-RAY DIFFRACTION' ? 
r_mcbond_it            1.362  1.500  ? 727  'X-RAY DIFFRACTION' ? 
r_mcangle_it           2.353  2.000  ? 1167 'X-RAY DIFFRACTION' ? 
r_scbond_it            3.682  3.000  ? 516  'X-RAY DIFFRACTION' ? 
r_scangle_it           6.043  4.500  ? 496  'X-RAY DIFFRACTION' ? 
# 
_refine_ls_shell.pdbx_total_number_of_bins_used   20 
_refine_ls_shell.d_res_high                       1.899 
_refine_ls_shell.d_res_low                        1.948 
_refine_ls_shell.number_reflns_R_work             1011 
_refine_ls_shell.R_factor_R_work                  0.394 
_refine_ls_shell.percent_reflns_obs               84.02 
_refine_ls_shell.R_factor_R_free                  0.485 
_refine_ls_shell.R_factor_R_free_error            ? 
_refine_ls_shell.percent_reflns_R_free            ? 
_refine_ls_shell.number_reflns_R_free             56 
_refine_ls_shell.number_reflns_all                ? 
_refine_ls_shell.R_factor_all                     ? 
_refine_ls_shell.number_reflns_obs                1067 
_refine_ls_shell.redundancy_reflns_obs            ? 
_refine_ls_shell.pdbx_refine_id                   'X-RAY DIFFRACTION' 
# 
_struct.entry_id                  3KAG 
_struct.title                     'Structure-guided design of alpha-amino acid-derived Pin1 inhibitors' 
_struct.pdbx_model_details        ? 
_struct.pdbx_CASP_flag            ? 
_struct.pdbx_model_type_details   ? 
# 
_struct_keywords.entry_id        3KAG 
_struct_keywords.pdbx_keywords   ISOMERASE 
_struct_keywords.text            
;SBDD, PPIASE, ISOMERASE, ROTAMASE, SMALL MOLECULE, Proline directed kinase, cell cycle, Oncogenic transformation, Nucleus, Phosphoprotein
;
# 
loop_
_struct_asym.id 
_struct_asym.pdbx_blank_PDB_chainid_flag 
_struct_asym.pdbx_modified 
_struct_asym.entity_id 
_struct_asym.details 
A N N 1 ? 
B N N 2 ? 
C N N 3 ? 
D N N 4 ? 
# 
_struct_biol.id        1 
_struct_biol.details   ? 
# 
loop_
_struct_conf.conf_type_id 
_struct_conf.id 
_struct_conf.pdbx_PDB_helix_id 
_struct_conf.beg_label_comp_id 
_struct_conf.beg_label_asym_id 
_struct_conf.beg_label_seq_id 
_struct_conf.pdbx_beg_PDB_ins_code 
_struct_conf.end_label_comp_id 
_struct_conf.end_label_asym_id 
_struct_conf.end_label_seq_id 
_struct_conf.pdbx_end_PDB_ins_code 
_struct_conf.beg_auth_comp_id 
_struct_conf.beg_auth_asym_id 
_struct_conf.beg_auth_seq_id 
_struct_conf.end_auth_comp_id 
_struct_conf.end_auth_asym_id 
_struct_conf.end_auth_seq_id 
_struct_conf.pdbx_PDB_helix_class 
_struct_conf.details 
_struct_conf.pdbx_PDB_helix_length 
HELX_P HELX_P1 1 THR A 85  ? SER A 102 ? THR A 81  SER A 98  1 ? 18 
HELX_P HELX_P2 2 ASP A 106 ? SER A 115 ? ASP A 102 SER A 111 1 ? 10 
HELX_P HELX_P3 3 CYS A 117 ? ARG A 123 ? CYS A 113 ARG A 119 5 ? 7  
HELX_P HELX_P4 4 GLN A 135 ? LEU A 145 ? GLN A 131 LEU A 141 1 ? 11 
# 
_struct_conf_type.id          HELX_P 
_struct_conf_type.criteria    ? 
_struct_conf_type.reference   ? 
# 
loop_
_struct_sheet.id 
_struct_sheet.type 
_struct_sheet.number_strands 
_struct_sheet.details 
A ? 3 ? 
B ? 4 ? 
# 
loop_
_struct_sheet_order.sheet_id 
_struct_sheet_order.range_id_1 
_struct_sheet_order.range_id_2 
_struct_sheet_order.offset 
_struct_sheet_order.sense 
A 1 2 ? anti-parallel 
A 2 3 ? anti-parallel 
B 1 2 ? anti-parallel 
B 2 3 ? anti-parallel 
B 3 4 ? anti-parallel 
# 
loop_
_struct_sheet_range.sheet_id 
_struct_sheet_range.id 
_struct_sheet_range.beg_label_comp_id 
_struct_sheet_range.beg_label_asym_id 
_struct_sheet_range.beg_label_seq_id 
_struct_sheet_range.pdbx_beg_PDB_ins_code 
_struct_sheet_range.end_label_comp_id 
_struct_sheet_range.end_label_asym_id 
_struct_sheet_range.end_label_seq_id 
_struct_sheet_range.pdbx_end_PDB_ins_code 
_struct_sheet_range.beg_auth_comp_id 
_struct_sheet_range.beg_auth_asym_id 
_struct_sheet_range.beg_auth_seq_id 
_struct_sheet_range.end_auth_comp_id 
_struct_sheet_range.end_auth_asym_id 
_struct_sheet_range.end_auth_seq_id 
A 1 TRP A 15  ? MET A 19  ? TRP A 11  MET A 15  
A 2 VAL A 26  ? ASN A 30  ? VAL A 22  ASN A 26  
A 3 SER A 36  ? GLN A 37  ? SER A 32  GLN A 33  
B 1 ASP A 125 ? SER A 130 ? ASP A 121 SER A 126 
B 2 ARG A 58  ? VAL A 66  ? ARG A 54  VAL A 62  
B 3 GLY A 159 ? GLU A 167 ? GLY A 155 GLU A 163 
B 4 VAL A 154 ? THR A 156 ? VAL A 150 THR A 152 
# 
loop_
_pdbx_struct_sheet_hbond.sheet_id 
_pdbx_struct_sheet_hbond.range_id_1 
_pdbx_struct_sheet_hbond.range_id_2 
_pdbx_struct_sheet_hbond.range_1_label_atom_id 
_pdbx_struct_sheet_hbond.range_1_label_comp_id 
_pdbx_struct_sheet_hbond.range_1_label_asym_id 
_pdbx_struct_sheet_hbond.range_1_label_seq_id 
_pdbx_struct_sheet_hbond.range_1_PDB_ins_code 
_pdbx_struct_sheet_hbond.range_1_auth_atom_id 
_pdbx_struct_sheet_hbond.range_1_auth_comp_id 
_pdbx_struct_sheet_hbond.range_1_auth_asym_id 
_pdbx_struct_sheet_hbond.range_1_auth_seq_id 
_pdbx_struct_sheet_hbond.range_2_label_atom_id 
_pdbx_struct_sheet_hbond.range_2_label_comp_id 
_pdbx_struct_sheet_hbond.range_2_label_asym_id 
_pdbx_struct_sheet_hbond.range_2_label_seq_id 
_pdbx_struct_sheet_hbond.range_2_PDB_ins_code 
_pdbx_struct_sheet_hbond.range_2_auth_atom_id 
_pdbx_struct_sheet_hbond.range_2_auth_comp_id 
_pdbx_struct_sheet_hbond.range_2_auth_asym_id 
_pdbx_struct_sheet_hbond.range_2_auth_seq_id 
A 1 2 N GLU A 16  ? N GLU A 12  O PHE A 29  ? O PHE A 25  
A 2 3 N TYR A 28  ? N TYR A 24  O GLN A 37  ? O GLN A 33  
B 1 2 O LEU A 126 ? O LEU A 122 N CYS A 61  ? N CYS A 57  
B 2 3 N SER A 62  ? N SER A 58  O LEU A 164 ? O LEU A 160 
B 3 4 O HIS A 161 ? O HIS A 157 N VAL A 154 ? N VAL A 150 
# 
loop_
_struct_site.id 
_struct_site.pdbx_evidence_code 
_struct_site.pdbx_auth_asym_id 
_struct_site.pdbx_auth_comp_id 
_struct_site.pdbx_auth_seq_id 
_struct_site.pdbx_auth_ins_code 
_struct_site.pdbx_num_residues 
_struct_site.details 
AC1 Software A 4D7 164 ? 13 'BINDING SITE FOR RESIDUE 4D7 A 164' 
AC2 Software A 12P 165 ? 16 'BINDING SITE FOR RESIDUE 12P A 165' 
# 
loop_
_struct_site_gen.id 
_struct_site_gen.site_id 
_struct_site_gen.pdbx_num_res 
_struct_site_gen.label_comp_id 
_struct_site_gen.label_asym_id 
_struct_site_gen.label_seq_id 
_struct_site_gen.pdbx_auth_ins_code 
_struct_site_gen.auth_comp_id 
_struct_site_gen.auth_asym_id 
_struct_site_gen.auth_seq_id 
_struct_site_gen.label_atom_id 
_struct_site_gen.label_alt_id 
_struct_site_gen.symmetry 
_struct_site_gen.details 
1  AC1 13 HIS A 63  ? HIS A 59  . ? 1_555 ? 
2  AC1 13 LEU A 65  ? LEU A 61  . ? 1_555 ? 
3  AC1 13 LYS A 67  ? LYS A 63  . ? 1_555 ? 
4  AC1 13 ARG A 73  ? ARG A 69  . ? 1_555 ? 
5  AC1 13 CYS A 117 ? CYS A 113 . ? 1_555 ? 
6  AC1 13 SER A 118 ? SER A 114 . ? 1_555 ? 
7  AC1 13 GLN A 135 ? GLN A 131 . ? 1_555 ? 
8  AC1 13 SER A 158 ? SER A 154 . ? 1_555 ? 
9  AC1 13 HIS A 161 ? HIS A 157 . ? 1_555 ? 
10 AC1 13 HOH D .   ? HOH A 176 . ? 1_555 ? 
11 AC1 13 HOH D .   ? HOH A 195 . ? 1_555 ? 
12 AC1 13 HOH D .   ? HOH A 196 . ? 1_555 ? 
13 AC1 13 HOH D .   ? HOH A 198 . ? 1_555 ? 
14 AC2 16 TYR A 27  ? TYR A 23  . ? 1_555 ? 
15 AC2 16 ALA A 35  ? ALA A 31  . ? 1_555 ? 
16 AC2 16 SER A 36  ? SER A 32  . ? 1_555 ? 
17 AC2 16 GLN A 37  ? GLN A 33  . ? 1_555 ? 
18 AC2 16 TRP A 38  ? TRP A 34  . ? 1_555 ? 
19 AC2 16 ILE A 97  ? ILE A 93  . ? 1_555 ? 
20 AC2 16 LYS A 101 ? LYS A 97  . ? 1_555 ? 
21 AC2 16 LYS A 101 ? LYS A 97  . ? 5_555 ? 
22 AC2 16 SER A 102 ? SER A 98  . ? 5_555 ? 
23 AC2 16 MET A 150 ? MET A 146 . ? 1_555 ? 
24 AC2 16 SER A 151 ? SER A 147 . ? 1_555 ? 
25 AC2 16 GLY A 152 ? GLY A 148 . ? 1_555 ? 
26 AC2 16 HOH D .   ? HOH A 179 . ? 1_555 ? 
27 AC2 16 HOH D .   ? HOH A 182 . ? 1_555 ? 
28 AC2 16 HOH D .   ? HOH A 219 . ? 1_555 ? 
29 AC2 16 HOH D .   ? HOH A 249 . ? 1_555 ? 
# 
_atom_sites.entry_id                    3KAG 
_atom_sites.fract_transf_matrix[1][1]   -0.00918821 
_atom_sites.fract_transf_matrix[1][2]   -0.01167051 
_atom_sites.fract_transf_matrix[1][3]   0.00796924 
_atom_sites.fract_transf_matrix[2][1]   0.00442361 
_atom_sites.fract_transf_matrix[2][2]   -0.00511144 
_atom_sites.fract_transf_matrix[2][3]   0.01544116 
_atom_sites.fract_transf_matrix[3][1]   -0.00712426 
_atom_sites.fract_transf_matrix[3][2]   0.00904781 
_atom_sites.fract_transf_matrix[3][3]   0.00503604 
_atom_sites.fract_transf_vector[1]      -0.369280 
_atom_sites.fract_transf_vector[2]      0.240137 
_atom_sites.fract_transf_vector[3]      0.350793 
# 
loop_
_atom_type.symbol 
C 
N 
O 
S 
# 
loop_
_atom_site.group_PDB 
_atom_site.id 
_atom_site.type_symbol 
_atom_site.label_atom_id 
_atom_site.label_alt_id 
_atom_site.label_comp_id 
_atom_site.label_asym_id 
_atom_site.label_entity_id 
_atom_site.label_seq_id 
_atom_site.pdbx_PDB_ins_code 
_atom_site.Cartn_x 
_atom_site.Cartn_y 
_atom_site.Cartn_z 
_atom_site.occupancy 
_atom_site.B_iso_or_equiv 
_atom_site.pdbx_formal_charge 
_atom_site.auth_seq_id 
_atom_site.auth_comp_id 
_atom_site.auth_asym_id 
_atom_site.auth_atom_id 
_atom_site.pdbx_PDB_model_num 
ATOM   1    N N   . LEU A 1 11  ? -21.308 -2.240  -5.976  1.00 40.80 ? 7   LEU A N   1 
ATOM   2    C CA  . LEU A 1 11  ? -19.798 -2.250  -6.151  1.00 40.65 ? 7   LEU A CA  1 
ATOM   3    C C   . LEU A 1 11  ? -19.280 -3.149  -5.045  1.00 40.08 ? 7   LEU A C   1 
ATOM   4    O O   . LEU A 1 11  ? -19.972 -3.273  -4.044  1.00 40.98 ? 7   LEU A O   1 
ATOM   5    C CB  . LEU A 1 11  ? -19.228 -0.841  -5.940  1.00 39.52 ? 7   LEU A CB  1 
ATOM   6    C CG  . LEU A 1 11  ? -19.797 0.335   -6.711  1.00 41.67 ? 7   LEU A CG  1 
ATOM   7    C CD1 . LEU A 1 11  ? -19.541 1.669   -6.004  1.00 42.26 ? 7   LEU A CD1 1 
ATOM   8    C CD2 . LEU A 1 11  ? -19.194 0.366   -8.143  1.00 44.37 ? 7   LEU A CD2 1 
ATOM   9    N N   . PRO A 1 12  ? -18.077 -3.773  -5.186  1.00 39.54 ? 8   PRO A N   1 
ATOM   10   C CA  . PRO A 1 12  ? -17.515 -4.584  -4.044  1.00 38.58 ? 8   PRO A CA  1 
ATOM   11   C C   . PRO A 1 12  ? -17.189 -3.807  -2.735  1.00 37.80 ? 8   PRO A C   1 
ATOM   12   O O   . PRO A 1 12  ? -17.187 -2.535  -2.711  1.00 37.75 ? 8   PRO A O   1 
ATOM   13   C CB  . PRO A 1 12  ? -16.226 -5.170  -4.619  1.00 39.17 ? 8   PRO A CB  1 
ATOM   14   C CG  . PRO A 1 12  ? -16.357 -5.029  -6.054  1.00 38.76 ? 8   PRO A CG  1 
ATOM   15   C CD  . PRO A 1 12  ? -17.160 -3.784  -6.327  1.00 39.16 ? 8   PRO A CD  1 
ATOM   16   N N   . PRO A 1 13  ? -16.903 -4.558  -1.643  1.00 36.18 ? 9   PRO A N   1 
ATOM   17   C CA  . PRO A 1 13  ? -16.574 -3.992  -0.306  1.00 34.52 ? 9   PRO A CA  1 
ATOM   18   C C   . PRO A 1 13  ? -15.578 -2.811  -0.335  1.00 33.88 ? 9   PRO A C   1 
ATOM   19   O O   . PRO A 1 13  ? -14.453 -2.955  -0.837  1.00 33.15 ? 9   PRO A O   1 
ATOM   20   C CB  . PRO A 1 13  ? -15.994 -5.213  0.458   1.00 33.16 ? 9   PRO A CB  1 
ATOM   21   C CG  . PRO A 1 13  ? -16.808 -6.372  -0.114  1.00 35.34 ? 9   PRO A CG  1 
ATOM   22   C CD  . PRO A 1 13  ? -16.873 -6.039  -1.624  1.00 36.20 ? 9   PRO A CD  1 
ATOM   23   N N   . GLY A 1 14  ? -15.976 -1.657  0.224   1.00 32.53 ? 10  GLY A N   1 
ATOM   24   C CA  . GLY A 1 14  ? -15.045 -0.533  0.332   1.00 31.03 ? 10  GLY A CA  1 
ATOM   25   C C   . GLY A 1 14  ? -15.210 0.526   -0.758  1.00 30.38 ? 10  GLY A C   1 
ATOM   26   O O   . GLY A 1 14  ? -14.867 1.705   -0.528  1.00 26.35 ? 10  GLY A O   1 
ATOM   27   N N   . TRP A 1 15  ? -15.783 0.112   -1.897  1.00 30.83 ? 11  TRP A N   1 
ATOM   28   C CA  . TRP A 1 15  ? -15.823 0.961   -3.128  1.00 32.74 ? 11  TRP A CA  1 
ATOM   29   C C   . TRP A 1 15  ? -16.932 2.007   -3.129  1.00 33.84 ? 11  TRP A C   1 
ATOM   30   O O   . TRP A 1 15  ? -18.107 1.691   -2.921  1.00 34.26 ? 11  TRP A O   1 
ATOM   31   C CB  . TRP A 1 15  ? -15.887 0.092   -4.409  1.00 31.10 ? 11  TRP A CB  1 
ATOM   32   C CG  . TRP A 1 15  ? -14.606 -0.582  -4.752  1.00 29.19 ? 11  TRP A CG  1 
ATOM   33   C CD1 . TRP A 1 15  ? -14.273 -1.886  -4.542  1.00 27.50 ? 11  TRP A CD1 1 
ATOM   34   C CD2 . TRP A 1 15  ? -13.462 0.032   -5.364  1.00 30.25 ? 11  TRP A CD2 1 
ATOM   35   N NE1 . TRP A 1 15  ? -12.963 -2.122  -4.963  1.00 26.01 ? 11  TRP A NE1 1 
ATOM   36   C CE2 . TRP A 1 15  ? -12.474 -0.960  -5.505  1.00 26.07 ? 11  TRP A CE2 1 
ATOM   37   C CE3 . TRP A 1 15  ? -13.186 1.351   -5.820  1.00 24.19 ? 11  TRP A CE3 1 
ATOM   38   C CZ2 . TRP A 1 15  ? -11.244 -0.701  -6.107  1.00 27.34 ? 11  TRP A CZ2 1 
ATOM   39   C CZ3 . TRP A 1 15  ? -11.964 1.617   -6.380  1.00 25.72 ? 11  TRP A CZ3 1 
ATOM   40   C CH2 . TRP A 1 15  ? -10.983 0.592   -6.514  1.00 28.07 ? 11  TRP A CH2 1 
ATOM   41   N N   . GLU A 1 16  ? -16.568 3.264   -3.378  1.00 36.59 ? 12  GLU A N   1 
ATOM   42   C CA  . GLU A 1 16  ? -17.583 4.316   -3.573  1.00 39.28 ? 12  GLU A CA  1 
ATOM   43   C C   . GLU A 1 16  ? -17.395 5.085   -4.917  1.00 39.43 ? 12  GLU A C   1 
ATOM   44   O O   . GLU A 1 16  ? -16.278 5.233   -5.410  1.00 38.97 ? 12  GLU A O   1 
ATOM   45   C CB  . GLU A 1 16  ? -17.582 5.302   -2.392  1.00 39.74 ? 12  GLU A CB  1 
ATOM   46   C CG  . GLU A 1 16  ? -18.212 4.729   -1.084  1.00 49.00 ? 12  GLU A CG  1 
ATOM   47   C CD  . GLU A 1 16  ? -19.752 4.386   -1.229  1.00 59.43 ? 12  GLU A CD  1 
ATOM   48   O OE1 . GLU A 1 16  ? -20.564 5.224   -1.755  1.00 61.18 ? 12  GLU A OE1 1 
ATOM   49   O OE2 . GLU A 1 16  ? -20.146 3.271   -0.783  1.00 64.58 ? 12  GLU A OE2 1 
ATOM   50   N N   . LYS A 1 17  ? -18.508 5.559   -5.487  1.00 40.79 ? 13  LYS A N   1 
ATOM   51   C CA  . LYS A 1 17  ? -18.516 6.457   -6.668  1.00 41.74 ? 13  LYS A CA  1 
ATOM   52   C C   . LYS A 1 17  ? -18.251 7.869   -6.210  1.00 41.22 ? 13  LYS A C   1 
ATOM   53   O O   . LYS A 1 17  ? -18.726 8.269   -5.161  1.00 41.95 ? 13  LYS A O   1 
ATOM   54   C CB  . LYS A 1 17  ? -19.878 6.363   -7.381  1.00 43.55 ? 13  LYS A CB  1 
ATOM   55   C CG  . LYS A 1 17  ? -19.839 6.824   -8.821  1.00 47.39 ? 13  LYS A CG  1 
ATOM   56   C CD  . LYS A 1 17  ? -21.001 6.223   -9.659  1.00 53.24 ? 13  LYS A CD  1 
ATOM   57   C CE  . LYS A 1 17  ? -20.780 6.533   -11.148 1.00 58.68 ? 13  LYS A CE  1 
ATOM   58   N NZ  . LYS A 1 17  ? -21.647 5.782   -12.106 1.00 60.57 ? 13  LYS A NZ  1 
ATOM   59   N N   . ALA A 1 18  ? -17.453 8.632   -6.941  1.00 40.22 ? 14  ALA A N   1 
ATOM   60   C CA  . ALA A 1 18  ? -17.156 10.000  -6.544  1.00 40.71 ? 14  ALA A CA  1 
ATOM   61   C C   . ALA A 1 18  ? -17.056 10.832  -7.806  1.00 41.09 ? 14  ALA A C   1 
ATOM   62   O O   . ALA A 1 18  ? -16.960 10.290  -8.926  1.00 39.96 ? 14  ALA A O   1 
ATOM   63   C CB  . ALA A 1 18  ? -15.846 10.062  -5.770  1.00 39.89 ? 14  ALA A CB  1 
ATOM   64   N N   . MET A 1 19  ? -17.083 12.137  -7.623  1.00 42.99 ? 15  MET A N   1 
ATOM   65   C CA  . MET A 1 19  ? -16.806 13.061  -8.718  1.00 45.12 ? 15  MET A CA  1 
ATOM   66   C C   . MET A 1 19  ? -15.428 13.677  -8.614  1.00 44.64 ? 15  MET A C   1 
ATOM   67   O O   . MET A 1 19  ? -15.035 14.207  -7.565  1.00 45.00 ? 15  MET A O   1 
ATOM   68   C CB  . MET A 1 19  ? -17.855 14.172  -8.813  1.00 46.59 ? 15  MET A CB  1 
ATOM   69   C CG  . MET A 1 19  ? -17.799 14.951  -10.169 1.00 51.96 ? 15  MET A CG  1 
ATOM   70   S SD  . MET A 1 19  ? -19.513 15.126  -10.710 1.00 66.93 ? 15  MET A SD  1 
ATOM   71   C CE  . MET A 1 19  ? -20.060 16.504  -9.646  1.00 64.80 ? 15  MET A CE  1 
ATOM   72   N N   . SER A 1 20  ? -14.706 13.610  -9.721  1.00 44.53 ? 16  SER A N   1 
ATOM   73   C CA  . SER A 1 20  ? -13.377 14.182  -9.802  1.00 45.98 ? 16  SER A CA  1 
ATOM   74   C C   . SER A 1 20  ? -13.441 15.734  -9.807  1.00 46.82 ? 16  SER A C   1 
ATOM   75   O O   . SER A 1 20  ? -14.273 16.324  -10.501 1.00 45.52 ? 16  SER A O   1 
ATOM   76   C CB  . SER A 1 20  ? -12.730 13.711  -11.075 1.00 45.01 ? 16  SER A CB  1 
ATOM   77   O OG  . SER A 1 20  ? -11.568 14.474  -11.312 1.00 49.62 ? 16  SER A OG  1 
ATOM   78   N N   . ARG A 1 21  ? -12.572 16.399  -9.063  1.00 47.66 ? 17  ARG A N   1 
ATOM   79   C CA  . ARG A 1 21  ? -12.723 17.846  -9.029  1.00 50.05 ? 17  ARG A CA  1 
ATOM   80   C C   . ARG A 1 21  ? -11.888 18.672  -10.028 1.00 50.92 ? 17  ARG A C   1 
ATOM   81   O O   . ARG A 1 21  ? -12.057 19.903  -10.125 1.00 51.62 ? 17  ARG A O   1 
ATOM   82   C CB  . ARG A 1 21  ? -12.704 18.396  -7.593  1.00 49.84 ? 17  ARG A CB  1 
ATOM   83   C CG  . ARG A 1 21  ? -11.378 18.542  -6.969  1.00 50.22 ? 17  ARG A CG  1 
ATOM   84   C CD  . ARG A 1 21  ? -11.609 19.177  -5.603  1.00 51.28 ? 17  ARG A CD  1 
ATOM   85   N NE  . ARG A 1 21  ? -12.528 18.344  -4.830  1.00 51.15 ? 17  ARG A NE  1 
ATOM   86   C CZ  . ARG A 1 21  ? -12.699 18.434  -3.509  1.00 46.81 ? 17  ARG A CZ  1 
ATOM   87   N NH1 . ARG A 1 21  ? -12.030 19.357  -2.805  1.00 42.99 ? 17  ARG A NH1 1 
ATOM   88   N NH2 . ARG A 1 21  ? -13.542 17.595  -2.900  1.00 44.96 ? 17  ARG A NH2 1 
ATOM   89   N N   . SER A 1 22  ? -11.028 18.000  -10.798 1.00 51.32 ? 18  SER A N   1 
ATOM   90   C CA  . SER A 1 22  ? -10.397 18.622  -11.972 1.00 50.21 ? 18  SER A CA  1 
ATOM   91   C C   . SER A 1 22  ? -11.294 18.524  -13.204 1.00 49.43 ? 18  SER A C   1 
ATOM   92   O O   . SER A 1 22  ? -11.532 19.551  -13.895 1.00 49.66 ? 18  SER A O   1 
ATOM   93   C CB  . SER A 1 22  ? -9.063  17.947  -12.289 1.00 50.85 ? 18  SER A CB  1 
ATOM   94   O OG  . SER A 1 22  ? -8.069  18.311  -11.358 1.00 51.94 ? 18  SER A OG  1 
ATOM   95   N N   . SER A 1 23  ? -11.795 17.312  -13.477 1.00 46.61 ? 19  SER A N   1 
ATOM   96   C CA  . SER A 1 23  ? -12.375 17.004  -14.780 1.00 44.28 ? 19  SER A CA  1 
ATOM   97   C C   . SER A 1 23  ? -13.896 16.982  -14.744 1.00 43.20 ? 19  SER A C   1 
ATOM   98   O O   . SER A 1 23  ? -14.592 17.256  -15.753 1.00 42.05 ? 19  SER A O   1 
ATOM   99   C CB  . SER A 1 23  ? -11.785 15.680  -15.283 1.00 45.02 ? 19  SER A CB  1 
ATOM   100  O OG  . SER A 1 23  ? -12.136 14.591  -14.457 1.00 45.19 ? 19  SER A OG  1 
ATOM   101  N N   . GLY A 1 24  ? -14.433 16.723  -13.545 1.00 41.86 ? 20  GLY A N   1 
ATOM   102  C CA  . GLY A 1 24  ? -15.856 16.528  -13.390 1.00 39.79 ? 20  GLY A CA  1 
ATOM   103  C C   . GLY A 1 24  ? -16.218 15.114  -13.827 1.00 38.41 ? 20  GLY A C   1 
ATOM   104  O O   . GLY A 1 24  ? -17.377 14.758  -13.868 1.00 37.76 ? 20  GLY A O   1 
ATOM   105  N N   . ARG A 1 25  ? -15.234 14.290  -14.165 1.00 37.11 ? 21  ARG A N   1 
ATOM   106  C CA  . ARG A 1 25  ? -15.543 12.886  -14.454 1.00 36.90 ? 21  ARG A CA  1 
ATOM   107  C C   . ARG A 1 25  ? -15.784 12.033  -13.187 1.00 35.79 ? 21  ARG A C   1 
ATOM   108  O O   . ARG A 1 25  ? -15.138 12.241  -12.183 1.00 35.73 ? 21  ARG A O   1 
ATOM   109  C CB  . ARG A 1 25  ? -14.448 12.249  -15.339 1.00 35.86 ? 21  ARG A CB  1 
ATOM   110  C CG  . ARG A 1 25  ? -14.887 12.110  -16.830 1.00 39.00 ? 21  ARG A CG  1 
ATOM   111  C CD  . ARG A 1 25  ? -13.764 11.537  -17.701 1.00 36.73 ? 21  ARG A CD  1 
ATOM   112  N NE  . ARG A 1 25  ? -12.499 12.245  -17.440 1.00 35.94 ? 21  ARG A NE  1 
ATOM   113  C CZ  . ARG A 1 25  ? -11.368 11.665  -17.054 1.00 35.28 ? 21  ARG A CZ  1 
ATOM   114  N NH1 . ARG A 1 25  ? -11.317 10.327  -16.856 1.00 34.76 ? 21  ARG A NH1 1 
ATOM   115  N NH2 . ARG A 1 25  ? -10.298 12.436  -16.846 1.00 35.82 ? 21  ARG A NH2 1 
ATOM   116  N N   . VAL A 1 26  ? -16.736 11.105  -13.256 1.00 35.39 ? 22  VAL A N   1 
ATOM   117  C CA  . VAL A 1 26  ? -16.957 10.089  -12.223 1.00 34.97 ? 22  VAL A CA  1 
ATOM   118  C C   . VAL A 1 26  ? -15.627 9.271   -12.059 1.00 34.10 ? 22  VAL A C   1 
ATOM   119  O O   . VAL A 1 26  ? -14.944 8.969   -13.057 1.00 31.42 ? 22  VAL A O   1 
ATOM   120  C CB  . VAL A 1 26  ? -18.084 9.139   -12.663 1.00 35.15 ? 22  VAL A CB  1 
ATOM   121  C CG1 . VAL A 1 26  ? -18.138 7.930   -11.778 1.00 39.10 ? 22  VAL A CG1 1 
ATOM   122  C CG2 . VAL A 1 26  ? -19.473 9.875   -12.716 1.00 38.01 ? 22  VAL A CG2 1 
ATOM   123  N N   . TYR A 1 27  ? -15.259 8.938   -10.813 1.00 32.82 ? 23  TYR A N   1 
ATOM   124  C CA  . TYR A 1 27  ? -14.216 7.930   -10.584 1.00 30.76 ? 23  TYR A CA  1 
ATOM   125  C C   . TYR A 1 27  ? -14.624 7.095   -9.377  1.00 31.11 ? 23  TYR A C   1 
ATOM   126  O O   . TYR A 1 27  ? -15.688 7.325   -8.771  1.00 30.32 ? 23  TYR A O   1 
ATOM   127  C CB  . TYR A 1 27  ? -12.837 8.535   -10.405 1.00 29.61 ? 23  TYR A CB  1 
ATOM   128  C CG  . TYR A 1 27  ? -12.679 9.255   -9.115  1.00 30.21 ? 23  TYR A CG  1 
ATOM   129  C CD1 . TYR A 1 27  ? -12.004 8.668   -8.056  1.00 30.34 ? 23  TYR A CD1 1 
ATOM   130  C CD2 . TYR A 1 27  ? -13.246 10.522  -8.932  1.00 32.36 ? 23  TYR A CD2 1 
ATOM   131  C CE1 . TYR A 1 27  ? -11.867 9.291   -6.834  1.00 31.76 ? 23  TYR A CE1 1 
ATOM   132  C CE2 . TYR A 1 27  ? -13.105 11.185  -7.731  1.00 35.11 ? 23  TYR A CE2 1 
ATOM   133  C CZ  . TYR A 1 27  ? -12.408 10.571  -6.680  1.00 37.09 ? 23  TYR A CZ  1 
ATOM   134  O OH  . TYR A 1 27  ? -12.305 11.233  -5.478  1.00 34.69 ? 23  TYR A OH  1 
ATOM   135  N N   . TYR A 1 28  ? -13.806 6.100   -9.054  1.00 29.38 ? 24  TYR A N   1 
ATOM   136  C CA  . TYR A 1 28  ? -14.156 5.206   -7.972  1.00 28.25 ? 24  TYR A CA  1 
ATOM   137  C C   . TYR A 1 28  ? -13.045 5.194   -6.957  1.00 28.64 ? 24  TYR A C   1 
ATOM   138  O O   . TYR A 1 28  ? -11.869 5.240   -7.312  1.00 27.98 ? 24  TYR A O   1 
ATOM   139  C CB  . TYR A 1 28  ? -14.430 3.806   -8.502  1.00 29.18 ? 24  TYR A CB  1 
ATOM   140  C CG  . TYR A 1 28  ? -15.625 3.785   -9.403  1.00 34.10 ? 24  TYR A CG  1 
ATOM   141  C CD1 . TYR A 1 28  ? -15.471 4.013   -10.792 1.00 37.76 ? 24  TYR A CD1 1 
ATOM   142  C CD2 . TYR A 1 28  ? -16.897 3.580   -8.886  1.00 38.22 ? 24  TYR A CD2 1 
ATOM   143  C CE1 . TYR A 1 28  ? -16.564 4.011   -11.648 1.00 40.98 ? 24  TYR A CE1 1 
ATOM   144  C CE2 . TYR A 1 28  ? -18.024 3.566   -9.721  1.00 42.72 ? 24  TYR A CE2 1 
ATOM   145  C CZ  . TYR A 1 28  ? -17.844 3.756   -11.098 1.00 44.37 ? 24  TYR A CZ  1 
ATOM   146  O OH  . TYR A 1 28  ? -18.948 3.771   -11.914 1.00 48.79 ? 24  TYR A OH  1 
ATOM   147  N N   . PHE A 1 29  ? -13.417 5.153   -5.676  1.00 28.89 ? 25  PHE A N   1 
ATOM   148  C CA  . PHE A 1 29  ? -12.415 5.065   -4.658  1.00 29.40 ? 25  PHE A CA  1 
ATOM   149  C C   . PHE A 1 29  ? -12.856 4.053   -3.599  1.00 27.78 ? 25  PHE A C   1 
ATOM   150  O O   . PHE A 1 29  ? -14.066 3.724   -3.434  1.00 27.29 ? 25  PHE A O   1 
ATOM   151  C CB  . PHE A 1 29  ? -12.077 6.421   -4.055  1.00 30.49 ? 25  PHE A CB  1 
ATOM   152  C CG  . PHE A 1 29  ? -13.000 6.823   -3.008  1.00 33.81 ? 25  PHE A CG  1 
ATOM   153  C CD1 . PHE A 1 29  ? -14.243 7.433   -3.364  1.00 41.36 ? 25  PHE A CD1 1 
ATOM   154  C CD2 . PHE A 1 29  ? -12.668 6.617   -1.645  1.00 36.08 ? 25  PHE A CD2 1 
ATOM   155  C CE1 . PHE A 1 29  ? -15.173 7.851   -2.347  1.00 43.57 ? 25  PHE A CE1 1 
ATOM   156  C CE2 . PHE A 1 29  ? -13.577 7.005   -0.605  1.00 40.16 ? 25  PHE A CE2 1 
ATOM   157  C CZ  . PHE A 1 29  ? -14.846 7.599   -0.958  1.00 42.58 ? 25  PHE A CZ  1 
ATOM   158  N N   . ASN A 1 30  ? -11.848 3.556   -2.921  1.00 27.02 ? 26  ASN A N   1 
ATOM   159  C CA  . ASN A 1 30  ? -12.070 2.495   -1.957  1.00 25.35 ? 26  ASN A CA  1 
ATOM   160  C C   . ASN A 1 30  ? -11.622 2.951   -0.567  1.00 23.53 ? 26  ASN A C   1 
ATOM   161  O O   . ASN A 1 30  ? -10.460 3.282   -0.346  1.00 24.64 ? 26  ASN A O   1 
ATOM   162  C CB  . ASN A 1 30  ? -11.435 1.154   -2.405  1.00 24.85 ? 26  ASN A CB  1 
ATOM   163  C CG  . ASN A 1 30  ? -11.819 0.003   -1.446  1.00 23.51 ? 26  ASN A CG  1 
ATOM   164  O OD1 . ASN A 1 30  ? -11.574 0.092   -0.270  1.00 23.39 ? 26  ASN A OD1 1 
ATOM   165  N ND2 . ASN A 1 30  ? -12.366 -1.054  -1.974  1.00 22.33 ? 26  ASN A ND2 1 
ATOM   166  N N   . HIS A 1 31  ? -12.554 3.032   0.367   1.00 23.52 ? 27  HIS A N   1 
ATOM   167  C CA  . HIS A 1 31  ? -12.223 3.670   1.629   1.00 22.75 ? 27  HIS A CA  1 
ATOM   168  C C   . HIS A 1 31  ? -11.499 2.693   2.579   1.00 22.72 ? 27  HIS A C   1 
ATOM   169  O O   . HIS A 1 31  ? -11.010 3.103   3.629   1.00 22.77 ? 27  HIS A O   1 
ATOM   170  C CB  . HIS A 1 31  ? -13.482 4.340   2.310   1.00 23.59 ? 27  HIS A CB  1 
ATOM   171  C CG  . HIS A 1 31  ? -14.607 3.384   2.588   1.00 27.41 ? 27  HIS A CG  1 
ATOM   172  N ND1 . HIS A 1 31  ? -14.571 2.472   3.635   1.00 32.06 ? 27  HIS A ND1 1 
ATOM   173  C CD2 . HIS A 1 31  ? -15.803 3.201   1.967   1.00 29.66 ? 27  HIS A CD2 1 
ATOM   174  C CE1 . HIS A 1 31  ? -15.686 1.758   3.631   1.00 32.68 ? 27  HIS A CE1 1 
ATOM   175  N NE2 . HIS A 1 31  ? -16.429 2.149   2.602   1.00 37.93 ? 27  HIS A NE2 1 
ATOM   176  N N   . ILE A 1 32  ? -11.401 1.420   2.221   1.00 22.57 ? 28  ILE A N   1 
ATOM   177  C CA  . ILE A 1 32  ? -10.656 0.503   3.034   1.00 22.62 ? 28  ILE A CA  1 
ATOM   178  C C   . ILE A 1 32  ? -9.212  0.414   2.480   1.00 23.02 ? 28  ILE A C   1 
ATOM   179  O O   . ILE A 1 32  ? -8.318  0.327   3.258   1.00 25.71 ? 28  ILE A O   1 
ATOM   180  C CB  . ILE A 1 32  ? -11.313 -0.893  3.032   1.00 21.97 ? 28  ILE A CB  1 
ATOM   181  C CG1 . ILE A 1 32  ? -12.778 -0.865  3.525   1.00 22.55 ? 28  ILE A CG1 1 
ATOM   182  C CG2 . ILE A 1 32  ? -10.441 -1.870  3.883   1.00 22.59 ? 28  ILE A CG2 1 
ATOM   183  C CD1 . ILE A 1 32  ? -13.556 -2.083  3.030   1.00 24.88 ? 28  ILE A CD1 1 
ATOM   184  N N   . THR A 1 33  ? -9.003  0.460   1.138   1.00 23.20 ? 29  THR A N   1 
ATOM   185  C CA  . THR A 1 33  ? -7.645  0.252   0.581   1.00 20.78 ? 29  THR A CA  1 
ATOM   186  C C   . THR A 1 33  ? -7.023  1.558   0.169   1.00 21.42 ? 29  THR A C   1 
ATOM   187  O O   . THR A 1 33  ? -5.859  1.604   -0.088  1.00 19.79 ? 29  THR A O   1 
ATOM   188  C CB  . THR A 1 33  ? -7.668  -0.647  -0.644  1.00 20.71 ? 29  THR A CB  1 
ATOM   189  O OG1 . THR A 1 33  ? -8.441  0.003   -1.666  1.00 21.36 ? 29  THR A OG1 1 
ATOM   190  C CG2 . THR A 1 33  ? -8.274  -2.020  -0.308  1.00 18.40 ? 29  THR A CG2 1 
ATOM   191  N N   . ASN A 1 34  ? -7.816  2.638   0.150   1.00 21.76 ? 30  ASN A N   1 
ATOM   192  C CA  . ASN A 1 34  ? -7.378  3.921   -0.434  1.00 21.02 ? 30  ASN A CA  1 
ATOM   193  C C   . ASN A 1 34  ? -7.002  3.853   -1.915  1.00 21.45 ? 30  ASN A C   1 
ATOM   194  O O   . ASN A 1 34  ? -6.359  4.783   -2.423  1.00 21.96 ? 30  ASN A O   1 
ATOM   195  C CB  . ASN A 1 34  ? -6.325  4.584   0.430   1.00 20.50 ? 30  ASN A CB  1 
ATOM   196  C CG  . ASN A 1 34  ? -6.888  5.074   1.774   1.00 24.00 ? 30  ASN A CG  1 
ATOM   197  O OD1 . ASN A 1 34  ? -6.200  5.092   2.800   1.00 24.47 ? 30  ASN A OD1 1 
ATOM   198  N ND2 . ASN A 1 34  ? -8.128  5.475   1.755   1.00 21.70 ? 30  ASN A ND2 1 
ATOM   199  N N   . ALA A 1 35  ? -7.395  2.774   -2.604  1.00 20.07 ? 31  ALA A N   1 
ATOM   200  C CA  . ALA A 1 35  ? -7.254  2.700   -4.070  1.00 21.27 ? 31  ALA A CA  1 
ATOM   201  C C   . ALA A 1 35  ? -8.205  3.733   -4.716  1.00 24.11 ? 31  ALA A C   1 
ATOM   202  O O   . ALA A 1 35  ? -9.364  3.964   -4.217  1.00 24.11 ? 31  ALA A O   1 
ATOM   203  C CB  . ALA A 1 35  ? -7.643  1.313   -4.543  1.00 22.15 ? 31  ALA A CB  1 
ATOM   204  N N   . SER A 1 36  ? -7.765  4.300   -5.848  1.00 24.68 ? 32  SER A N   1 
ATOM   205  C CA  . SER A 1 36  ? -8.645  5.104   -6.698  1.00 27.56 ? 32  SER A CA  1 
ATOM   206  C C   . SER A 1 36  ? -8.304  4.871   -8.170  1.00 29.07 ? 32  SER A C   1 
ATOM   207  O O   . SER A 1 36  ? -7.151  4.662   -8.512  1.00 29.17 ? 32  SER A O   1 
ATOM   208  C CB  . SER A 1 36  ? -8.584  6.591   -6.355  1.00 27.79 ? 32  SER A CB  1 
ATOM   209  O OG  . SER A 1 36  ? -7.220  7.006   -6.346  1.00 33.01 ? 32  SER A OG  1 
ATOM   210  N N   . GLN A 1 37  ? -9.343  4.860   -9.000  1.00 29.90 ? 33  GLN A N   1 
ATOM   211  C CA  . GLN A 1 37  ? -9.232  4.527   -10.411 1.00 32.21 ? 33  GLN A CA  1 
ATOM   212  C C   . GLN A 1 37  ? -10.459 5.108   -11.166 1.00 33.21 ? 33  GLN A C   1 
ATOM   213  O O   . GLN A 1 37  ? -11.576 5.190   -10.616 1.00 31.89 ? 33  GLN A O   1 
ATOM   214  C CB  . GLN A 1 37  ? -9.198  3.007   -10.610 1.00 30.42 ? 33  GLN A CB  1 
ATOM   215  C CG  . GLN A 1 37  ? -10.434 2.324   -10.169 1.00 32.37 ? 33  GLN A CG  1 
ATOM   216  C CD  . GLN A 1 37  ? -10.291 0.816   -10.248 1.00 35.83 ? 33  GLN A CD  1 
ATOM   217  O OE1 . GLN A 1 37  ? -9.347  0.259   -9.686  1.00 40.65 ? 33  GLN A OE1 1 
ATOM   218  N NE2 . GLN A 1 37  ? -11.206 0.157   -10.950 1.00 33.52 ? 33  GLN A NE2 1 
ATOM   219  N N   . TRP A 1 38  ? -10.248 5.450   -12.447 1.00 33.76 ? 34  TRP A N   1 
ATOM   220  C CA  . TRP A 1 38  ? -11.361 5.891   -13.318 1.00 32.95 ? 34  TRP A CA  1 
ATOM   221  C C   . TRP A 1 38  ? -12.373 4.791   -13.599 1.00 34.63 ? 34  TRP A C   1 
ATOM   222  O O   . TRP A 1 38  ? -13.617 5.011   -13.624 1.00 32.09 ? 34  TRP A O   1 
ATOM   223  C CB  . TRP A 1 38  ? -10.796 6.482   -14.643 1.00 33.22 ? 34  TRP A CB  1 
ATOM   224  C CG  . TRP A 1 38  ? -9.965  7.671   -14.418 1.00 29.95 ? 34  TRP A CG  1 
ATOM   225  C CD1 . TRP A 1 38  ? -8.617  7.754   -14.582 1.00 26.91 ? 34  TRP A CD1 1 
ATOM   226  C CD2 . TRP A 1 38  ? -10.397 8.963   -13.901 1.00 30.49 ? 34  TRP A CD2 1 
ATOM   227  N NE1 . TRP A 1 38  ? -8.179  9.017   -14.253 1.00 30.38 ? 34  TRP A NE1 1 
ATOM   228  C CE2 . TRP A 1 38  ? -9.239  9.783   -13.839 1.00 28.34 ? 34  TRP A CE2 1 
ATOM   229  C CE3 . TRP A 1 38  ? -11.650 9.508   -13.545 1.00 28.98 ? 34  TRP A CE3 1 
ATOM   230  C CZ2 . TRP A 1 38  ? -9.268  11.123  -13.409 1.00 30.94 ? 34  TRP A CZ2 1 
ATOM   231  C CZ3 . TRP A 1 38  ? -11.693 10.859  -13.110 1.00 30.62 ? 34  TRP A CZ3 1 
ATOM   232  C CH2 . TRP A 1 38  ? -10.503 11.646  -13.040 1.00 29.22 ? 34  TRP A CH2 1 
ATOM   233  N N   . GLU A 1 39  ? -11.860 3.588   -13.819 1.00 36.09 ? 35  GLU A N   1 
ATOM   234  C CA  . GLU A 1 39  ? -12.705 2.484   -14.268 1.00 38.98 ? 35  GLU A CA  1 
ATOM   235  C C   . GLU A 1 39  ? -13.564 1.947   -13.118 1.00 40.76 ? 35  GLU A C   1 
ATOM   236  O O   . GLU A 1 39  ? -13.097 1.897   -11.960 1.00 40.59 ? 35  GLU A O   1 
ATOM   237  C CB  . GLU A 1 39  ? -11.829 1.308   -14.801 1.00 39.28 ? 35  GLU A CB  1 
ATOM   238  C CG  . GLU A 1 39  ? -10.701 1.605   -15.829 1.00 40.65 ? 35  GLU A CG  1 
ATOM   239  C CD  . GLU A 1 39  ? -9.581  2.546   -15.381 1.00 45.79 ? 35  GLU A CD  1 
ATOM   240  O OE1 . GLU A 1 39  ? -9.313  2.734   -14.150 1.00 45.75 ? 35  GLU A OE1 1 
ATOM   241  O OE2 . GLU A 1 39  ? -8.923  3.108   -16.316 1.00 47.08 ? 35  GLU A OE2 1 
ATOM   242  N N   . ARG A 1 40  ? -14.776 1.490   -13.438 1.00 42.26 ? 36  ARG A N   1 
ATOM   243  C CA  . ARG A 1 40  ? -15.611 0.810   -12.490 1.00 45.65 ? 36  ARG A CA  1 
ATOM   244  C C   . ARG A 1 40  ? -15.008 -0.559  -12.068 1.00 47.54 ? 36  ARG A C   1 
ATOM   245  O O   . ARG A 1 40  ? -14.645 -1.391  -12.931 1.00 47.53 ? 36  ARG A O   1 
ATOM   246  C CB  . ARG A 1 40  ? -17.029 0.658   -13.039 1.00 45.72 ? 36  ARG A CB  1 
ATOM   247  C CG  . ARG A 1 40  ? -18.014 -0.031  -12.039 1.00 48.62 ? 36  ARG A CG  1 
ATOM   248  C CD  . ARG A 1 40  ? -19.502 0.057   -12.490 1.00 55.03 ? 36  ARG A CD  1 
ATOM   249  N NE  . ARG A 1 40  ? -20.268 1.121   -11.805 1.00 56.78 ? 36  ARG A NE  1 
ATOM   250  C CZ  . ARG A 1 40  ? -21.241 0.909   -10.906 1.00 58.15 ? 36  ARG A CZ  1 
ATOM   251  N NH1 . ARG A 1 40  ? -21.578 -0.334  -10.567 1.00 56.24 ? 36  ARG A NH1 1 
ATOM   252  N NH2 . ARG A 1 40  ? -21.870 1.944   -10.330 1.00 57.06 ? 36  ARG A NH2 1 
ATOM   253  N N   . PRO A 1 41  ? -14.899 -0.811  -10.741 1.00 48.68 ? 37  PRO A N   1 
ATOM   254  C CA  . PRO A 1 41  ? -14.244 -2.093  -10.309 1.00 50.02 ? 37  PRO A CA  1 
ATOM   255  C C   . PRO A 1 41  ? -15.137 -3.339  -10.507 1.00 51.86 ? 37  PRO A C   1 
ATOM   256  O O   . PRO A 1 41  ? -16.342 -3.263  -10.236 1.00 51.86 ? 37  PRO A O   1 
ATOM   257  C CB  . PRO A 1 41  ? -13.978 -1.856  -8.832  1.00 49.64 ? 37  PRO A CB  1 
ATOM   258  C CG  . PRO A 1 41  ? -15.069 -0.851  -8.411  1.00 48.01 ? 37  PRO A CG  1 
ATOM   259  C CD  . PRO A 1 41  ? -15.371 0.004   -9.601  1.00 48.13 ? 37  PRO A CD  1 
ATOM   260  N N   . SER A 1 42  ? -14.546 -4.456  -10.960 1.00 54.81 ? 38  SER A N   1 
ATOM   261  C CA  . SER A 1 42  ? -15.271 -5.770  -11.162 1.00 57.25 ? 38  SER A CA  1 
ATOM   262  C C   . SER A 1 42  ? -15.821 -6.337  -9.861  1.00 57.99 ? 38  SER A C   1 
ATOM   263  O O   . SER A 1 42  ? -15.097 -6.348  -8.856  1.00 58.53 ? 38  SER A O   1 
ATOM   264  C CB  . SER A 1 42  ? -14.364 -6.838  -11.819 1.00 57.74 ? 38  SER A CB  1 
ATOM   265  O OG  . SER A 1 42  ? -12.999 -6.408  -11.922 1.00 58.05 ? 38  SER A OG  1 
ATOM   266  N N   . GLU A 1 55  ? -15.161 -12.812 -0.272  1.00 60.76 ? 51  GLU A N   1 
ATOM   267  C CA  . GLU A 1 55  ? -14.012 -12.831 0.658   1.00 60.25 ? 51  GLU A CA  1 
ATOM   268  C C   . GLU A 1 55  ? -13.291 -14.201 0.820   1.00 59.19 ? 51  GLU A C   1 
ATOM   269  O O   . GLU A 1 55  ? -13.909 -15.159 1.312   1.00 59.89 ? 51  GLU A O   1 
ATOM   270  C CB  . GLU A 1 55  ? -14.380 -12.269 2.051   1.00 60.36 ? 51  GLU A CB  1 
ATOM   271  C CG  . GLU A 1 55  ? -13.342 -12.669 3.107   1.00 59.24 ? 51  GLU A CG  1 
ATOM   272  C CD  . GLU A 1 55  ? -12.898 -11.549 4.051   1.00 58.87 ? 51  GLU A CD  1 
ATOM   273  O OE1 . GLU A 1 55  ? -12.385 -11.886 5.155   1.00 57.23 ? 51  GLU A OE1 1 
ATOM   274  O OE2 . GLU A 1 55  ? -13.027 -10.354 3.697   1.00 55.46 ? 51  GLU A OE2 1 
ATOM   275  N N   . PRO A 1 56  ? -11.971 -14.274 0.443   1.00 57.81 ? 52  PRO A N   1 
ATOM   276  C CA  . PRO A 1 56  ? -11.128 -15.527 0.561   1.00 55.60 ? 52  PRO A CA  1 
ATOM   277  C C   . PRO A 1 56  ? -10.671 -15.804 2.019   1.00 53.14 ? 52  PRO A C   1 
ATOM   278  O O   . PRO A 1 56  ? -10.712 -14.867 2.848   1.00 53.69 ? 52  PRO A O   1 
ATOM   279  C CB  . PRO A 1 56  ? -9.933  -15.244 -0.363  1.00 55.80 ? 52  PRO A CB  1 
ATOM   280  C CG  . PRO A 1 56  ? -9.920  -13.707 -0.574  1.00 56.57 ? 52  PRO A CG  1 
ATOM   281  C CD  . PRO A 1 56  ? -11.178 -13.100 -0.013  1.00 57.17 ? 52  PRO A CD  1 
ATOM   282  N N   . ALA A 1 57  ? -10.281 -17.047 2.335   1.00 49.77 ? 53  ALA A N   1 
ATOM   283  C CA  . ALA A 1 57  ? -9.771  -17.419 3.686   1.00 46.46 ? 53  ALA A CA  1 
ATOM   284  C C   . ALA A 1 57  ? -8.326  -16.971 3.925   1.00 44.48 ? 53  ALA A C   1 
ATOM   285  O O   . ALA A 1 57  ? -7.927  -16.611 5.058   1.00 43.98 ? 53  ALA A O   1 
ATOM   286  C CB  . ALA A 1 57  ? -9.874  -18.930 3.910   1.00 46.50 ? 53  ALA A CB  1 
ATOM   287  N N   . ARG A 1 58  ? -7.531  -17.046 2.851   1.00 41.53 ? 54  ARG A N   1 
ATOM   288  C CA  . ARG A 1 58  ? -6.137  -16.617 2.842   1.00 38.45 ? 54  ARG A CA  1 
ATOM   289  C C   . ARG A 1 58  ? -5.895  -15.706 1.629   1.00 35.12 ? 54  ARG A C   1 
ATOM   290  O O   . ARG A 1 58  ? -6.467  -15.922 0.541   1.00 33.25 ? 54  ARG A O   1 
ATOM   291  C CB  . ARG A 1 58  ? -5.177  -17.828 2.777   1.00 39.80 ? 54  ARG A CB  1 
ATOM   292  C CG  . ARG A 1 58  ? -5.160  -18.809 3.989   1.00 43.52 ? 54  ARG A CG  1 
ATOM   293  C CD  . ARG A 1 58  ? -3.917  -19.709 3.957   1.00 51.91 ? 54  ARG A CD  1 
ATOM   294  N NE  . ARG A 1 58  ? -2.845  -19.169 4.817   1.00 57.52 ? 54  ARG A NE  1 
ATOM   295  C CZ  . ARG A 1 58  ? -2.880  -19.126 6.170   1.00 61.25 ? 54  ARG A CZ  1 
ATOM   296  N NH1 . ARG A 1 58  ? -3.932  -19.594 6.846   1.00 63.65 ? 54  ARG A NH1 1 
ATOM   297  N NH2 . ARG A 1 58  ? -1.854  -18.628 6.879   1.00 61.90 ? 54  ARG A NH2 1 
ATOM   298  N N   . VAL A 1 59  ? -5.054  -14.681 1.826   1.00 31.07 ? 55  VAL A N   1 
ATOM   299  C CA  . VAL A 1 59  ? -4.493  -13.906 0.684   1.00 27.48 ? 55  VAL A CA  1 
ATOM   300  C C   . VAL A 1 59  ? -2.963  -13.890 0.796   1.00 27.16 ? 55  VAL A C   1 
ATOM   301  O O   . VAL A 1 59  ? -2.383  -14.111 1.901   1.00 28.66 ? 55  VAL A O   1 
ATOM   302  C CB  . VAL A 1 59  ? -5.066  -12.458 0.630   1.00 27.02 ? 55  VAL A CB  1 
ATOM   303  C CG1 . VAL A 1 59  ? -6.590  -12.498 0.633   1.00 24.32 ? 55  VAL A CG1 1 
ATOM   304  C CG2 . VAL A 1 59  ? -4.555  -11.619 1.857   1.00 23.04 ? 55  VAL A CG2 1 
ATOM   305  N N   . ARG A 1 60  ? -2.311  -13.628 -0.326  1.00 24.08 ? 56  ARG A N   1 
ATOM   306  C CA  . ARG A 1 60  ? -0.883  -13.439 -0.332  1.00 23.71 ? 56  ARG A CA  1 
ATOM   307  C C   . ARG A 1 60  ? -0.609  -11.998 -0.798  1.00 22.27 ? 56  ARG A C   1 
ATOM   308  O O   . ARG A 1 60  ? -1.162  -11.588 -1.831  1.00 22.66 ? 56  ARG A O   1 
ATOM   309  C CB  . ARG A 1 60  ? -0.252  -14.437 -1.289  1.00 22.56 ? 56  ARG A CB  1 
ATOM   310  C CG  . ARG A 1 60  ? 1.271   -14.244 -1.351  1.00 24.86 ? 56  ARG A CG  1 
ATOM   311  C CD  . ARG A 1 60  ? 1.918   -15.274 -2.294  1.00 29.30 ? 56  ARG A CD  1 
ATOM   312  N NE  . ARG A 1 60  ? 3.392   -15.215 -2.137  1.00 33.43 ? 56  ARG A NE  1 
ATOM   313  C CZ  . ARG A 1 60  ? 4.249   -16.008 -2.778  1.00 39.17 ? 56  ARG A CZ  1 
ATOM   314  N NH1 . ARG A 1 60  ? 3.780   -16.936 -3.610  1.00 38.81 ? 56  ARG A NH1 1 
ATOM   315  N NH2 . ARG A 1 60  ? 5.553   -15.869 -2.592  1.00 36.15 ? 56  ARG A NH2 1 
ATOM   316  N N   . CYS A 1 61  ? 0.182   -11.239 -0.025  1.00 21.41 ? 57  CYS A N   1 
ATOM   317  C CA  . CYS A 1 61  ? 0.487   -9.828  -0.394  1.00 20.81 ? 57  CYS A CA  1 
ATOM   318  C C   . CYS A 1 61  ? 1.976   -9.535  -0.318  1.00 21.55 ? 57  CYS A C   1 
ATOM   319  O O   . CYS A 1 61  ? 2.723   -10.232 0.399   1.00 21.51 ? 57  CYS A O   1 
ATOM   320  C CB  . CYS A 1 61  ? -0.230  -8.821  0.525   1.00 18.54 ? 57  CYS A CB  1 
ATOM   321  S SG  . CYS A 1 61  ? -2.033  -8.913  0.336   1.00 23.76 ? 57  CYS A SG  1 
ATOM   322  N N   . SER A 1 62  ? 2.403   -8.518  -1.083  1.00 19.48 ? 58  SER A N   1 
ATOM   323  C CA  . SER A 1 62  ? 3.682   -7.904  -0.885  1.00 19.83 ? 58  SER A CA  1 
ATOM   324  C C   . SER A 1 62  ? 3.378   -6.458  -0.536  1.00 20.67 ? 58  SER A C   1 
ATOM   325  O O   . SER A 1 62  ? 2.230   -5.974  -0.783  1.00 21.45 ? 58  SER A O   1 
ATOM   326  C CB  . SER A 1 62  ? 4.466   -7.880  -2.166  1.00 18.84 ? 58  SER A CB  1 
ATOM   327  O OG  . SER A 1 62  ? 4.661   -9.146  -2.722  1.00 22.26 ? 58  SER A OG  1 
ATOM   328  N N   . HIS A 1 63  ? 4.370   -5.754  -0.010  1.00 19.50 ? 59  HIS A N   1 
ATOM   329  C CA  . HIS A 1 63  ? 4.129   -4.372  0.325   1.00 19.25 ? 59  HIS A CA  1 
ATOM   330  C C   . HIS A 1 63  ? 5.420   -3.617  0.310   1.00 19.26 ? 59  HIS A C   1 
ATOM   331  O O   . HIS A 1 63  ? 6.572   -4.211  0.291   1.00 20.18 ? 59  HIS A O   1 
ATOM   332  C CB  . HIS A 1 63  ? 3.423   -4.262  1.714   1.00 18.25 ? 59  HIS A CB  1 
ATOM   333  C CG  . HIS A 1 63  ? 4.327   -4.436  2.883   1.00 21.16 ? 59  HIS A CG  1 
ATOM   334  N ND1 . HIS A 1 63  ? 4.325   -3.559  3.941   1.00 18.59 ? 59  HIS A ND1 1 
ATOM   335  C CD2 . HIS A 1 63  ? 5.319   -5.338  3.134   1.00 21.46 ? 59  HIS A CD2 1 
ATOM   336  C CE1 . HIS A 1 63  ? 5.251   -3.918  4.804   1.00 21.54 ? 59  HIS A CE1 1 
ATOM   337  N NE2 . HIS A 1 63  ? 5.860   -5.006  4.347   1.00 20.63 ? 59  HIS A NE2 1 
ATOM   338  N N   . LEU A 1 64  ? 5.274   -2.303  0.305   1.00 18.53 ? 60  LEU A N   1 
ATOM   339  C CA  . LEU A 1 64  ? 6.399   -1.387  0.408   1.00 18.76 ? 60  LEU A CA  1 
ATOM   340  C C   . LEU A 1 64  ? 6.064   -0.479  1.614   1.00 19.00 ? 60  LEU A C   1 
ATOM   341  O O   . LEU A 1 64  ? 5.038   0.151   1.601   1.00 19.45 ? 60  LEU A O   1 
ATOM   342  C CB  . LEU A 1 64  ? 6.461   -0.516  -0.855  1.00 17.45 ? 60  LEU A CB  1 
ATOM   343  C CG  . LEU A 1 64  ? 7.710   0.387   -1.054  1.00 18.62 ? 60  LEU A CG  1 
ATOM   344  C CD1 . LEU A 1 64  ? 7.934   0.841   -2.580  1.00 21.35 ? 60  LEU A CD1 1 
ATOM   345  C CD2 . LEU A 1 64  ? 7.767   1.636   -0.185  1.00 19.81 ? 60  LEU A CD2 1 
ATOM   346  N N   . LEU A 1 65  ? 6.950   -0.367  2.598   1.00 18.43 ? 61  LEU A N   1 
ATOM   347  C CA  . LEU A 1 65  ? 6.654   0.348   3.842   1.00 19.01 ? 61  LEU A CA  1 
ATOM   348  C C   . LEU A 1 65  ? 7.536   1.546   3.831   1.00 20.16 ? 61  LEU A C   1 
ATOM   349  O O   . LEU A 1 65  ? 8.726   1.425   3.531   1.00 19.38 ? 61  LEU A O   1 
ATOM   350  C CB  . LEU A 1 65  ? 6.948   -0.530  5.095   1.00 19.98 ? 61  LEU A CB  1 
ATOM   351  C CG  . LEU A 1 65  ? 7.017   0.172   6.496   1.00 20.49 ? 61  LEU A CG  1 
ATOM   352  C CD1 . LEU A 1 65  ? 5.707   0.833   6.885   1.00 19.25 ? 61  LEU A CD1 1 
ATOM   353  C CD2 . LEU A 1 65  ? 7.413   -0.888  7.520   1.00 22.47 ? 61  LEU A CD2 1 
ATOM   354  N N   . VAL A 1 66  ? 6.970   2.718   4.137   1.00 20.22 ? 62  VAL A N   1 
ATOM   355  C CA  . VAL A 1 66  ? 7.848   3.856   4.358   1.00 19.36 ? 62  VAL A CA  1 
ATOM   356  C C   . VAL A 1 66  ? 7.567   4.249   5.806   1.00 20.23 ? 62  VAL A C   1 
ATOM   357  O O   . VAL A 1 66  ? 6.439   4.591   6.154   1.00 19.74 ? 62  VAL A O   1 
ATOM   358  C CB  . VAL A 1 66  ? 7.554   5.035   3.452   1.00 19.40 ? 62  VAL A CB  1 
ATOM   359  C CG1 . VAL A 1 66  ? 8.476   6.301   3.772   1.00 16.82 ? 62  VAL A CG1 1 
ATOM   360  C CG2 . VAL A 1 66  ? 7.811   4.620   1.978   1.00 19.65 ? 62  VAL A CG2 1 
ATOM   361  N N   . LYS A 1 67  ? 8.590   4.198   6.637   1.00 21.91 ? 63  LYS A N   1 
ATOM   362  C CA  . LYS A 1 67  ? 8.449   4.499   8.087   1.00 23.16 ? 63  LYS A CA  1 
ATOM   363  C C   . LYS A 1 67  ? 8.633   5.988   8.295   1.00 24.12 ? 63  LYS A C   1 
ATOM   364  O O   . LYS A 1 67  ? 9.115   6.660   7.414   1.00 23.25 ? 63  LYS A O   1 
ATOM   365  C CB  . LYS A 1 67  ? 9.572   3.714   8.799   1.00 22.97 ? 63  LYS A CB  1 
ATOM   366  C CG  . LYS A 1 67  ? 9.172   2.211   8.981   1.00 26.04 ? 63  LYS A CG  1 
ATOM   367  C CD  . LYS A 1 67  ? 10.017  1.559   10.123  1.00 30.00 ? 63  LYS A CD  1 
ATOM   368  C CE  . LYS A 1 67  ? 9.763   0.064   10.210  1.00 24.42 ? 63  LYS A CE  1 
ATOM   369  N NZ  . LYS A 1 67  ? 10.714  -0.505  11.164  1.00 28.02 ? 63  LYS A NZ  1 
ATOM   370  N N   . HIS A 1 68  ? 8.281   6.504   9.465   1.00 23.87 ? 64  HIS A N   1 
ATOM   371  C CA  . HIS A 1 68  ? 8.470   7.895   9.755   1.00 25.98 ? 64  HIS A CA  1 
ATOM   372  C C   . HIS A 1 68  ? 8.780   8.015   11.257  1.00 28.31 ? 64  HIS A C   1 
ATOM   373  O O   . HIS A 1 68  ? 8.748   7.017   11.988  1.00 29.65 ? 64  HIS A O   1 
ATOM   374  C CB  . HIS A 1 68  ? 7.219   8.712   9.383   1.00 23.12 ? 64  HIS A CB  1 
ATOM   375  C CG  . HIS A 1 68  ? 5.956   8.125   9.919   1.00 26.57 ? 64  HIS A CG  1 
ATOM   376  N ND1 . HIS A 1 68  ? 5.618   8.166   11.249  1.00 29.99 ? 64  HIS A ND1 1 
ATOM   377  C CD2 . HIS A 1 68  ? 4.952   7.458   9.304   1.00 28.85 ? 64  HIS A CD2 1 
ATOM   378  C CE1 . HIS A 1 68  ? 4.464   7.558   11.436  1.00 32.71 ? 64  HIS A CE1 1 
ATOM   379  N NE2 . HIS A 1 68  ? 4.039   7.114   10.266  1.00 32.51 ? 64  HIS A NE2 1 
ATOM   380  N N   . SER A 1 69  ? 9.076   9.241   11.705  1.00 31.47 ? 65  SER A N   1 
ATOM   381  C CA  . SER A 1 69  ? 9.484   9.435   13.112  1.00 32.91 ? 65  SER A CA  1 
ATOM   382  C C   . SER A 1 69  ? 8.497   8.909   14.173  1.00 34.03 ? 65  SER A C   1 
ATOM   383  O O   . SER A 1 69  ? 8.922   8.532   15.285  1.00 34.95 ? 65  SER A O   1 
ATOM   384  C CB  . SER A 1 69  ? 9.930   10.882  13.367  1.00 32.24 ? 65  SER A CB  1 
ATOM   385  O OG  . SER A 1 69  ? 8.807   11.703  13.263  1.00 36.29 ? 65  SER A OG  1 
ATOM   386  N N   . GLN A 1 70  ? 7.211   8.823   13.848  1.00 32.69 ? 66  GLN A N   1 
ATOM   387  C CA  . GLN A 1 70  ? 6.224   8.229   14.779  1.00 33.50 ? 66  GLN A CA  1 
ATOM   388  C C   . GLN A 1 70  ? 5.875   6.758   14.593  1.00 32.79 ? 66  GLN A C   1 
ATOM   389  O O   . GLN A 1 70  ? 4.923   6.243   15.252  1.00 33.76 ? 66  GLN A O   1 
ATOM   390  C CB  . GLN A 1 70  ? 4.906   8.998   14.755  1.00 33.46 ? 66  GLN A CB  1 
ATOM   391  C CG  . GLN A 1 70  ? 4.946   10.336  15.430  1.00 36.88 ? 66  GLN A CG  1 
ATOM   392  C CD  . GLN A 1 70  ? 3.502   10.952  15.518  1.00 43.57 ? 66  GLN A CD  1 
ATOM   393  O OE1 . GLN A 1 70  ? 2.605   10.456  16.291  1.00 35.95 ? 66  GLN A OE1 1 
ATOM   394  N NE2 . GLN A 1 70  ? 3.261   11.986  14.658  1.00 41.21 ? 66  GLN A NE2 1 
ATOM   395  N N   . SER A 1 71  ? 6.543   6.079   13.664  1.00 31.20 ? 67  SER A N   1 
ATOM   396  C CA  . SER A 1 71  ? 6.420   4.626   13.587  1.00 32.72 ? 67  SER A CA  1 
ATOM   397  C C   . SER A 1 71  ? 6.801   3.990   14.969  1.00 34.32 ? 67  SER A C   1 
ATOM   398  O O   . SER A 1 71  ? 7.706   4.464   15.648  1.00 34.61 ? 67  SER A O   1 
ATOM   399  C CB  . SER A 1 71  ? 7.303   4.048   12.453  1.00 32.11 ? 67  SER A CB  1 
ATOM   400  O OG  . SER A 1 71  ? 7.044   4.658   11.169  1.00 32.05 ? 67  SER A OG  1 
ATOM   401  N N   . ARG A 1 72  ? 6.130   2.887   15.302  1.00 36.12 ? 68  ARG A N   1 
ATOM   402  C CA  . ARG A 1 72  ? 6.392   2.049   16.483  1.00 38.18 ? 68  ARG A CA  1 
ATOM   403  C C   . ARG A 1 72  ? 7.850   1.714   16.608  1.00 37.95 ? 68  ARG A C   1 
ATOM   404  O O   . ARG A 1 72  ? 8.365   1.668   17.738  1.00 37.73 ? 68  ARG A O   1 
ATOM   405  C CB  . ARG A 1 72  ? 5.605   0.759   16.424  1.00 40.09 ? 68  ARG A CB  1 
ATOM   406  C CG  . ARG A 1 72  ? 5.215   0.223   17.816  1.00 48.80 ? 68  ARG A CG  1 
ATOM   407  C CD  . ARG A 1 72  ? 5.167   -1.322  17.816  1.00 60.51 ? 68  ARG A CD  1 
ATOM   408  N NE  . ARG A 1 72  ? 3.806   -1.896  17.789  1.00 66.97 ? 68  ARG A NE  1 
ATOM   409  C CZ  . ARG A 1 72  ? 3.119   -2.243  16.682  1.00 69.54 ? 68  ARG A CZ  1 
ATOM   410  N NH1 . ARG A 1 72  ? 3.647   -2.068  15.460  1.00 70.12 ? 68  ARG A NH1 1 
ATOM   411  N NH2 . ARG A 1 72  ? 1.887   -2.761  16.798  1.00 67.87 ? 68  ARG A NH2 1 
ATOM   412  N N   . ARG A 1 73  ? 8.535   1.489   15.477  1.00 36.13 ? 69  ARG A N   1 
ATOM   413  C CA  . ARG A 1 73  ? 9.978   1.223   15.493  1.00 36.23 ? 69  ARG A CA  1 
ATOM   414  C C   . ARG A 1 73  ? 10.677  2.075   14.416  1.00 34.79 ? 69  ARG A C   1 
ATOM   415  O O   . ARG A 1 73  ? 10.748  1.662   13.256  1.00 35.54 ? 69  ARG A O   1 
ATOM   416  C CB  . ARG A 1 73  ? 10.182  -0.280  15.280  1.00 37.31 ? 69  ARG A CB  1 
ATOM   417  C CG  . ARG A 1 73  ? 11.447  -0.825  15.858  1.00 43.31 ? 69  ARG A CG  1 
ATOM   418  C CD  . ARG A 1 73  ? 11.535  -2.361  15.653  1.00 49.16 ? 69  ARG A CD  1 
ATOM   419  N NE  . ARG A 1 73  ? 11.962  -2.749  14.308  1.00 54.47 ? 69  ARG A NE  1 
ATOM   420  C CZ  . ARG A 1 73  ? 13.152  -2.457  13.757  1.00 56.73 ? 69  ARG A CZ  1 
ATOM   421  N NH1 . ARG A 1 73  ? 14.057  -1.750  14.433  1.00 59.31 ? 69  ARG A NH1 1 
ATOM   422  N NH2 . ARG A 1 73  ? 13.444  -2.856  12.518  1.00 54.79 ? 69  ARG A NH2 1 
ATOM   423  N N   . PRO A 1 74  ? 11.157  3.288   14.772  1.00 33.62 ? 70  PRO A N   1 
ATOM   424  C CA  . PRO A 1 74  ? 11.689  4.247   13.804  1.00 32.93 ? 70  PRO A CA  1 
ATOM   425  C C   . PRO A 1 74  ? 13.121  3.932   13.358  1.00 32.09 ? 70  PRO A C   1 
ATOM   426  O O   . PRO A 1 74  ? 14.020  4.775   13.435  1.00 29.51 ? 70  PRO A O   1 
ATOM   427  C CB  . PRO A 1 74  ? 11.594  5.612   14.539  1.00 32.55 ? 70  PRO A CB  1 
ATOM   428  C CG  . PRO A 1 74  ? 11.646  5.297   15.956  1.00 34.15 ? 70  PRO A CG  1 
ATOM   429  C CD  . PRO A 1 74  ? 11.108  3.862   16.140  1.00 33.97 ? 70  PRO A CD  1 
ATOM   430  N N   . SER A 1 75  ? 13.263  2.759   12.750  1.00 32.57 ? 71  SER A N   1 
ATOM   431  C CA  . SER A 1 75  ? 14.563  2.174   12.457  1.00 32.01 ? 71  SER A CA  1 
ATOM   432  C C   . SER A 1 75  ? 14.321  1.142   11.373  1.00 31.00 ? 71  SER A C   1 
ATOM   433  O O   . SER A 1 75  ? 13.268  0.487   11.397  1.00 30.93 ? 71  SER A O   1 
ATOM   434  C CB  . SER A 1 75  ? 14.975  1.421   13.711  1.00 32.66 ? 71  SER A CB  1 
ATOM   435  O OG  . SER A 1 75  ? 16.285  0.907   13.577  1.00 36.53 ? 71  SER A OG  1 
ATOM   436  N N   . SER A 1 76  ? 15.253  0.969   10.434  1.00 29.74 ? 72  SER A N   1 
ATOM   437  C CA  . SER A 1 76  ? 15.130  -0.144  9.487   1.00 30.13 ? 72  SER A CA  1 
ATOM   438  C C   . SER A 1 76  ? 16.469  -0.518  8.902   1.00 30.23 ? 72  SER A C   1 
ATOM   439  O O   . SER A 1 76  ? 17.449  0.157   9.192   1.00 31.29 ? 72  SER A O   1 
ATOM   440  C CB  . SER A 1 76  ? 14.225  0.262   8.346   1.00 29.24 ? 72  SER A CB  1 
ATOM   441  O OG  . SER A 1 76  ? 14.929  1.154   7.486   1.00 27.31 ? 72  SER A OG  1 
ATOM   442  N N   . TRP A 1 77  ? 16.518  -1.575  8.066   1.00 29.56 ? 73  TRP A N   1 
ATOM   443  C CA  . TRP A 1 77  ? 17.760  -2.017  7.460   1.00 28.72 ? 73  TRP A CA  1 
ATOM   444  C C   . TRP A 1 77  ? 18.332  -0.881  6.602   1.00 29.20 ? 73  TRP A C   1 
ATOM   445  O O   . TRP A 1 77  ? 19.502  -0.850  6.358   1.00 28.98 ? 73  TRP A O   1 
ATOM   446  C CB  . TRP A 1 77  ? 17.576  -3.295  6.603   1.00 28.56 ? 73  TRP A CB  1 
ATOM   447  C CG  . TRP A 1 77  ? 16.641  -3.061  5.382   1.00 28.07 ? 73  TRP A CG  1 
ATOM   448  C CD1 . TRP A 1 77  ? 15.270  -3.250  5.322   1.00 25.97 ? 73  TRP A CD1 1 
ATOM   449  C CD2 . TRP A 1 77  ? 17.049  -2.625  4.053   1.00 27.09 ? 73  TRP A CD2 1 
ATOM   450  N NE1 . TRP A 1 77  ? 14.810  -2.876  4.050   1.00 25.28 ? 73  TRP A NE1 1 
ATOM   451  C CE2 . TRP A 1 77  ? 15.867  -2.518  3.257   1.00 25.15 ? 73  TRP A CE2 1 
ATOM   452  C CE3 . TRP A 1 77  ? 18.301  -2.289  3.472   1.00 29.61 ? 73  TRP A CE3 1 
ATOM   453  C CZ2 . TRP A 1 77  ? 15.895  -2.077  1.898   1.00 26.63 ? 73  TRP A CZ2 1 
ATOM   454  C CZ3 . TRP A 1 77  ? 18.327  -1.844  2.109   1.00 33.47 ? 73  TRP A CZ3 1 
ATOM   455  C CH2 . TRP A 1 77  ? 17.112  -1.760  1.336   1.00 31.02 ? 73  TRP A CH2 1 
ATOM   456  N N   . ARG A 1 78  ? 17.515  0.069   6.159   1.00 29.69 ? 74  ARG A N   1 
ATOM   457  C CA  . ARG A 1 78  ? 18.010  1.128   5.245   1.00 31.44 ? 74  ARG A CA  1 
ATOM   458  C C   . ARG A 1 78  ? 18.590  2.263   6.034   1.00 32.11 ? 74  ARG A C   1 
ATOM   459  O O   . ARG A 1 78  ? 19.396  3.007   5.479   1.00 31.74 ? 74  ARG A O   1 
ATOM   460  C CB  . ARG A 1 78  ? 16.893  1.805   4.374   1.00 31.24 ? 74  ARG A CB  1 
ATOM   461  C CG  . ARG A 1 78  ? 15.932  0.896   3.657   1.00 32.11 ? 74  ARG A CG  1 
ATOM   462  C CD  . ARG A 1 78  ? 15.028  1.634   2.674   1.00 30.04 ? 74  ARG A CD  1 
ATOM   463  N NE  . ARG A 1 78  ? 15.847  2.356   1.700   1.00 26.92 ? 74  ARG A NE  1 
ATOM   464  C CZ  . ARG A 1 78  ? 15.771  3.658   1.430   1.00 31.75 ? 74  ARG A CZ  1 
ATOM   465  N NH1 . ARG A 1 78  ? 14.855  4.436   1.999   1.00 35.09 ? 74  ARG A NH1 1 
ATOM   466  N NH2 . ARG A 1 78  ? 16.628  4.193   0.573   1.00 30.60 ? 74  ARG A NH2 1 
ATOM   467  N N   . GLN A 1 79  ? 18.130  2.463   7.278   1.00 31.37 ? 75  GLN A N   1 
ATOM   468  C CA  . GLN A 1 79  ? 18.443  3.721   7.957   1.00 33.07 ? 75  GLN A CA  1 
ATOM   469  C C   . GLN A 1 79  ? 18.256  3.450   9.414   1.00 32.73 ? 75  GLN A C   1 
ATOM   470  O O   . GLN A 1 79  ? 17.159  3.070   9.830   1.00 32.67 ? 75  GLN A O   1 
ATOM   471  C CB  . GLN A 1 79  ? 17.485  4.802   7.509   1.00 33.11 ? 75  GLN A CB  1 
ATOM   472  C CG  . GLN A 1 79  ? 17.777  6.230   7.982   1.00 37.32 ? 75  GLN A CG  1 
ATOM   473  C CD  . GLN A 1 79  ? 16.849  7.213   7.257   1.00 44.51 ? 75  GLN A CD  1 
ATOM   474  O OE1 . GLN A 1 79  ? 15.643  6.964   7.098   1.00 43.55 ? 75  GLN A OE1 1 
ATOM   475  N NE2 . GLN A 1 79  ? 17.405  8.329   6.808   1.00 45.19 ? 75  GLN A NE2 1 
ATOM   476  N N   . GLU A 1 80  ? 19.343  3.573   10.170  1.00 33.19 ? 76  GLU A N   1 
ATOM   477  C CA  . GLU A 1 80  ? 19.330  3.303   11.612  1.00 33.40 ? 76  GLU A CA  1 
ATOM   478  C C   . GLU A 1 80  ? 18.336  4.119   12.453  1.00 33.04 ? 76  GLU A C   1 
ATOM   479  O O   . GLU A 1 80  ? 17.704  3.593   13.388  1.00 31.36 ? 76  GLU A O   1 
ATOM   480  C CB  . GLU A 1 80  ? 20.726  3.430   12.235  1.00 35.00 ? 76  GLU A CB  1 
ATOM   481  C CG  . GLU A 1 80  ? 20.808  2.733   13.655  1.00 35.23 ? 76  GLU A CG  1 
ATOM   482  C CD  . GLU A 1 80  ? 22.266  2.520   14.108  1.00 35.62 ? 76  GLU A CD  1 
ATOM   483  O OE1 . GLU A 1 80  ? 22.523  1.758   15.105  1.00 34.39 ? 76  GLU A OE1 1 
ATOM   484  O OE2 . GLU A 1 80  ? 23.124  3.130   13.445  1.00 34.75 ? 76  GLU A OE2 1 
ATOM   485  N N   . LYS A 1 81  ? 18.260  5.408   12.149  1.00 33.44 ? 77  LYS A N   1 
ATOM   486  C CA  . LYS A 1 81  ? 17.377  6.298   12.905  1.00 34.52 ? 77  LYS A CA  1 
ATOM   487  C C   . LYS A 1 81  ? 16.561  6.877   11.786  1.00 33.42 ? 77  LYS A C   1 
ATOM   488  O O   . LYS A 1 81  ? 17.068  7.630   10.953  1.00 33.49 ? 77  LYS A O   1 
ATOM   489  C CB  . LYS A 1 81  ? 18.194  7.420   13.570  1.00 35.62 ? 77  LYS A CB  1 
ATOM   490  C CG  . LYS A 1 81  ? 17.356  8.415   14.428  1.00 39.15 ? 77  LYS A CG  1 
ATOM   491  C CD  . LYS A 1 81  ? 18.190  9.727   14.775  1.00 43.37 ? 77  LYS A CD  1 
ATOM   492  C CE  . LYS A 1 81  ? 17.390  10.618  15.786  1.00 46.62 ? 77  LYS A CE  1 
ATOM   493  N NZ  . LYS A 1 81  ? 16.445  9.801   16.668  1.00 48.29 ? 77  LYS A NZ  1 
ATOM   494  N N   . ILE A 1 82  ? 15.296  6.535   11.766  1.00 32.97 ? 78  ILE A N   1 
ATOM   495  C CA  . ILE A 1 82  ? 14.427  7.161   10.765  1.00 32.90 ? 78  ILE A CA  1 
ATOM   496  C C   . ILE A 1 82  ? 13.857  8.458   11.352  1.00 33.80 ? 78  ILE A C   1 
ATOM   497  O O   . ILE A 1 82  ? 13.156  8.420   12.367  1.00 34.42 ? 78  ILE A O   1 
ATOM   498  C CB  . ILE A 1 82  ? 13.307  6.202   10.314  1.00 32.79 ? 78  ILE A CB  1 
ATOM   499  C CG1 . ILE A 1 82  ? 14.002  5.087   9.495   1.00 32.88 ? 78  ILE A CG1 1 
ATOM   500  C CG2 . ILE A 1 82  ? 12.178  7.000   9.524   1.00 29.20 ? 78  ILE A CG2 1 
ATOM   501  C CD1 . ILE A 1 82  ? 13.230  3.943   9.243   1.00 31.08 ? 78  ILE A CD1 1 
ATOM   502  N N   . THR A 1 83  ? 14.110  9.576   10.685  1.00 33.44 ? 79  THR A N   1 
ATOM   503  C CA  . THR A 1 83  ? 13.644  10.867  11.164  1.00 36.07 ? 79  THR A CA  1 
ATOM   504  C C   . THR A 1 83  ? 12.568  11.601  10.328  1.00 35.97 ? 79  THR A C   1 
ATOM   505  O O   . THR A 1 83  ? 12.121  12.728  10.731  1.00 35.63 ? 79  THR A O   1 
ATOM   506  C CB  . THR A 1 83  ? 14.848  11.843  11.237  1.00 36.70 ? 79  THR A CB  1 
ATOM   507  O OG1 . THR A 1 83  ? 15.431  11.901  9.937   1.00 39.46 ? 79  THR A OG1 1 
ATOM   508  C CG2 . THR A 1 83  ? 15.897  11.344  12.215  1.00 36.16 ? 79  THR A CG2 1 
ATOM   509  N N   . ARG A 1 84  ? 12.227  11.067  9.141   1.00 33.89 ? 80  ARG A N   1 
ATOM   510  C CA  . ARG A 1 84  ? 11.302  11.794  8.235   1.00 30.78 ? 80  ARG A CA  1 
ATOM   511  C C   . ARG A 1 84  ? 9.970   11.970  8.947   1.00 29.88 ? 80  ARG A C   1 
ATOM   512  O O   . ARG A 1 84  ? 9.602   11.185  9.825   1.00 30.73 ? 80  ARG A O   1 
ATOM   513  C CB  . ARG A 1 84  ? 11.153  11.091  6.888   1.00 29.87 ? 80  ARG A CB  1 
ATOM   514  C CG  . ARG A 1 84  ? 10.541  9.654   6.991   1.00 25.97 ? 80  ARG A CG  1 
ATOM   515  C CD  . ARG A 1 84  ? 10.301  9.112   5.560   1.00 23.19 ? 80  ARG A CD  1 
ATOM   516  N NE  . ARG A 1 84  ? 11.545  8.685   4.896   1.00 21.20 ? 80  ARG A NE  1 
ATOM   517  C CZ  . ARG A 1 84  ? 12.044  7.433   4.997   1.00 21.96 ? 80  ARG A CZ  1 
ATOM   518  N NH1 . ARG A 1 84  ? 11.376  6.486   5.705   1.00 25.18 ? 80  ARG A NH1 1 
ATOM   519  N NH2 . ARG A 1 84  ? 13.162  7.109   4.367   1.00 21.14 ? 80  ARG A NH2 1 
ATOM   520  N N   . THR A 1 85  ? 9.273   13.053  8.626   1.00 30.54 ? 81  THR A N   1 
ATOM   521  C CA  . THR A 1 85  ? 7.937   13.227  9.165   1.00 30.11 ? 81  THR A CA  1 
ATOM   522  C C   . THR A 1 85  ? 6.923   12.256  8.501   1.00 29.38 ? 81  THR A C   1 
ATOM   523  O O   . THR A 1 85  ? 7.153   11.731  7.431   1.00 27.35 ? 81  THR A O   1 
ATOM   524  C CB  . THR A 1 85  ? 7.486   14.689  9.044   1.00 31.01 ? 81  THR A CB  1 
ATOM   525  O OG1 . THR A 1 85  ? 7.248   15.018  7.657   1.00 29.88 ? 81  THR A OG1 1 
ATOM   526  C CG2 . THR A 1 85  ? 8.618   15.628  9.606   1.00 31.82 ? 81  THR A CG2 1 
ATOM   527  N N   . LYS A 1 86  ? 5.831   12.011  9.171   1.00 29.37 ? 82  LYS A N   1 
ATOM   528  C CA  . LYS A 1 86  ? 4.654   11.394  8.544   1.00 30.29 ? 82  LYS A CA  1 
ATOM   529  C C   . LYS A 1 86  ? 4.278   12.029  7.169   1.00 30.18 ? 82  LYS A C   1 
ATOM   530  O O   . LYS A 1 86  ? 4.039   11.327  6.160   1.00 29.45 ? 82  LYS A O   1 
ATOM   531  C CB  . LYS A 1 86  ? 3.496   11.412  9.532   1.00 30.52 ? 82  LYS A CB  1 
ATOM   532  C CG  . LYS A 1 86  ? 2.311   10.539  9.089   1.00 34.21 ? 82  LYS A CG  1 
ATOM   533  C CD  . LYS A 1 86  ? 1.070   10.699  10.034  1.00 39.84 ? 82  LYS A CD  1 
ATOM   534  C CE  . LYS A 1 86  ? 1.186   9.855   11.282  1.00 43.01 ? 82  LYS A CE  1 
ATOM   535  N NZ  . LYS A 1 86  ? 0.093   10.214  12.199  1.00 46.12 ? 82  LYS A NZ  1 
ATOM   536  N N   . GLU A 1 87  ? 4.249   13.361  7.116   1.00 29.44 ? 83  GLU A N   1 
ATOM   537  C CA  . GLU A 1 87  ? 3.940   14.040  5.878   1.00 29.99 ? 83  GLU A CA  1 
ATOM   538  C C   . GLU A 1 87  ? 4.945   13.660  4.771   1.00 28.28 ? 83  GLU A C   1 
ATOM   539  O O   . GLU A 1 87  ? 4.557   13.431  3.637   1.00 25.56 ? 83  GLU A O   1 
ATOM   540  C CB  . GLU A 1 87  ? 3.993   15.564  6.107   1.00 31.04 ? 83  GLU A CB  1 
ATOM   541  C CG  . GLU A 1 87  ? 3.815   16.397  4.849   1.00 39.50 ? 83  GLU A CG  1 
ATOM   542  C CD  . GLU A 1 87  ? 3.740   17.917  5.139   1.00 48.56 ? 83  GLU A CD  1 
ATOM   543  O OE1 . GLU A 1 87  ? 3.998   18.360  6.292   1.00 46.84 ? 83  GLU A OE1 1 
ATOM   544  O OE2 . GLU A 1 87  ? 3.414   18.668  4.192   1.00 52.56 ? 83  GLU A OE2 1 
ATOM   545  N N   . GLU A 1 88  ? 6.244   13.684  5.100   1.00 27.87 ? 84  GLU A N   1 
ATOM   546  C CA  . GLU A 1 88  ? 7.326   13.377  4.140   1.00 26.22 ? 84  GLU A CA  1 
ATOM   547  C C   . GLU A 1 88  ? 7.282   11.906  3.691   1.00 25.43 ? 84  GLU A C   1 
ATOM   548  O O   . GLU A 1 88  ? 7.603   11.592  2.537   1.00 26.81 ? 84  GLU A O   1 
ATOM   549  C CB  . GLU A 1 88  ? 8.688   13.620  4.772   1.00 25.69 ? 84  GLU A CB  1 
ATOM   550  C CG  . GLU A 1 88  ? 9.221   15.031  4.717   1.00 30.86 ? 84  GLU A CG  1 
ATOM   551  C CD  . GLU A 1 88  ? 10.290  15.325  5.812   1.00 34.99 ? 84  GLU A CD  1 
ATOM   552  O OE1 . GLU A 1 88  ? 10.712  16.470  5.816   1.00 36.93 ? 84  GLU A OE1 1 
ATOM   553  O OE2 . GLU A 1 88  ? 10.649  14.485  6.693   1.00 34.57 ? 84  GLU A OE2 1 
ATOM   554  N N   . ALA A 1 89  ? 6.968   11.019  4.608   1.00 21.54 ? 85  ALA A N   1 
ATOM   555  C CA  . ALA A 1 89  ? 6.741   9.588   4.274   1.00 23.05 ? 85  ALA A CA  1 
ATOM   556  C C   . ALA A 1 89  ? 5.557   9.482   3.269   1.00 23.03 ? 85  ALA A C   1 
ATOM   557  O O   . ALA A 1 89  ? 5.624   8.699   2.281   1.00 22.03 ? 85  ALA A O   1 
ATOM   558  C CB  . ALA A 1 89  ? 6.390   8.783   5.567   1.00 20.18 ? 85  ALA A CB  1 
ATOM   559  N N   . LEU A 1 90  ? 4.470   10.232  3.537   1.00 21.25 ? 86  LEU A N   1 
ATOM   560  C CA  . LEU A 1 90  ? 3.320   10.169  2.611   1.00 21.82 ? 86  LEU A CA  1 
ATOM   561  C C   . LEU A 1 90  ? 3.723   10.658  1.236   1.00 21.94 ? 86  LEU A C   1 
ATOM   562  O O   . LEU A 1 90  ? 3.311   10.088  0.189   1.00 21.35 ? 86  LEU A O   1 
ATOM   563  C CB  . LEU A 1 90  ? 2.094   10.913  3.100   1.00 19.54 ? 86  LEU A CB  1 
ATOM   564  C CG  . LEU A 1 90  ? 0.845   10.867  2.187   1.00 24.03 ? 86  LEU A CG  1 
ATOM   565  C CD1 . LEU A 1 90  ? 0.340   9.396   2.044   1.00 21.67 ? 86  LEU A CD1 1 
ATOM   566  C CD2 . LEU A 1 90  ? -0.284  11.712  2.747   1.00 25.90 ? 86  LEU A CD2 1 
ATOM   567  N N   . GLU A 1 91  ? 4.533   11.695  1.199   1.00 22.17 ? 87  GLU A N   1 
ATOM   568  C CA  A GLU A 1 91  ? 4.987   12.183  -0.094  0.50 23.09 ? 87  GLU A CA  1 
ATOM   569  C CA  B GLU A 1 91  ? 5.031   12.203  -0.066  0.50 23.14 ? 87  GLU A CA  1 
ATOM   570  C C   . GLU A 1 91  ? 5.880   11.177  -0.845  1.00 24.21 ? 87  GLU A C   1 
ATOM   571  O O   . GLU A 1 91  ? 5.767   11.051  -2.113  1.00 22.77 ? 87  GLU A O   1 
ATOM   572  C CB  A GLU A 1 91  ? 5.573   13.619  -0.049  0.50 23.77 ? 87  GLU A CB  1 
ATOM   573  C CB  B GLU A 1 91  ? 5.663   13.590  0.184   0.50 24.08 ? 87  GLU A CB  1 
ATOM   574  C CG  A GLU A 1 91  ? 4.786   14.677  0.845   0.50 26.96 ? 87  GLU A CG  1 
ATOM   575  C CG  B GLU A 1 91  ? 6.770   14.152  -0.623  0.50 27.01 ? 87  GLU A CG  1 
ATOM   576  C CD  A GLU A 1 91  ? 3.237   14.492  1.016   0.50 30.96 ? 87  GLU A CD  1 
ATOM   577  C CD  B GLU A 1 91  ? 7.385   15.334  0.187   0.50 33.86 ? 87  GLU A CD  1 
ATOM   578  O OE1 A GLU A 1 91  ? 2.696   14.842  2.109   0.50 30.57 ? 87  GLU A OE1 1 
ATOM   579  O OE1 B GLU A 1 91  ? 8.607   15.364  0.417   0.50 34.82 ? 87  GLU A OE1 1 
ATOM   580  O OE2 A GLU A 1 91  ? 2.536   14.039  0.080   0.50 38.03 ? 87  GLU A OE2 1 
ATOM   581  O OE2 B GLU A 1 91  ? 6.619   16.200  0.688   0.50 35.36 ? 87  GLU A OE2 1 
ATOM   582  N N   . LEU A 1 92  ? 6.694   10.413  -0.126  1.00 22.28 ? 88  LEU A N   1 
ATOM   583  C CA  . LEU A 1 92  ? 7.463   9.372   -0.771  1.00 22.50 ? 88  LEU A CA  1 
ATOM   584  C C   . LEU A 1 92  ? 6.583   8.294   -1.303  1.00 20.14 ? 88  LEU A C   1 
ATOM   585  O O   . LEU A 1 92  ? 6.776   7.816   -2.471  1.00 19.88 ? 88  LEU A O   1 
ATOM   586  C CB  . LEU A 1 92  ? 8.437   8.726   0.218   1.00 21.58 ? 88  LEU A CB  1 
ATOM   587  C CG  . LEU A 1 92  ? 9.692   9.648   0.457   1.00 26.48 ? 88  LEU A CG  1 
ATOM   588  C CD1 . LEU A 1 92  ? 10.463  9.236   1.756   1.00 22.54 ? 88  LEU A CD1 1 
ATOM   589  C CD2 . LEU A 1 92  ? 10.636  9.613   -0.762  1.00 25.66 ? 88  LEU A CD2 1 
ATOM   590  N N   . ILE A 1 93  ? 5.654   7.850   -0.485  1.00 20.82 ? 89  ILE A N   1 
ATOM   591  C CA  . ILE A 1 93  ? 4.657   6.873   -0.864  1.00 20.23 ? 89  ILE A CA  1 
ATOM   592  C C   . ILE A 1 93  ? 3.898   7.302   -2.130  1.00 21.79 ? 89  ILE A C   1 
ATOM   593  O O   . ILE A 1 93  ? 3.763   6.537   -3.038  1.00 20.85 ? 89  ILE A O   1 
ATOM   594  C CB  . ILE A 1 93  ? 3.665   6.583   0.299   1.00 19.60 ? 89  ILE A CB  1 
ATOM   595  C CG1 . ILE A 1 93  ? 4.292   5.682   1.342   1.00 19.84 ? 89  ILE A CG1 1 
ATOM   596  C CG2 . ILE A 1 93  ? 2.392   5.969   -0.202  1.00 19.64 ? 89  ILE A CG2 1 
ATOM   597  C CD1 . ILE A 1 93  ? 4.432   4.257   0.932   1.00 17.79 ? 89  ILE A CD1 1 
ATOM   598  N N   . ASN A 1 94  ? 3.420   8.533   -2.161  1.00 21.60 ? 90  ASN A N   1 
ATOM   599  C CA  . ASN A 1 94  ? 2.717   9.056   -3.343  1.00 22.64 ? 90  ASN A CA  1 
ATOM   600  C C   . ASN A 1 94  ? 3.601   9.037   -4.610  1.00 22.19 ? 90  ASN A C   1 
ATOM   601  O O   . ASN A 1 94  ? 3.111   8.657   -5.638  1.00 24.10 ? 90  ASN A O   1 
ATOM   602  C CB  . ASN A 1 94  ? 2.211   10.456  -3.060  1.00 23.30 ? 90  ASN A CB  1 
ATOM   603  C CG  . ASN A 1 94  ? 1.033   10.480  -2.055  1.00 24.93 ? 90  ASN A CG  1 
ATOM   604  O OD1 . ASN A 1 94  ? 0.278   9.485   -1.856  1.00 28.19 ? 90  ASN A OD1 1 
ATOM   605  N ND2 . ASN A 1 94  ? 0.820   11.648  -1.508  1.00 27.91 ? 90  ASN A ND2 1 
ATOM   606  N N   . GLY A 1 95  ? 4.887   9.391   -4.505  1.00 22.00 ? 91  GLY A N   1 
ATOM   607  C CA  . GLY A 1 95  ? 5.827   9.352   -5.644  1.00 21.60 ? 91  GLY A CA  1 
ATOM   608  C C   . GLY A 1 95  ? 5.960   7.890   -6.126  1.00 21.13 ? 91  GLY A C   1 
ATOM   609  O O   . GLY A 1 95  ? 5.977   7.629   -7.366  1.00 19.66 ? 91  GLY A O   1 
ATOM   610  N N   . TYR A 1 96  ? 6.022   6.913   -5.182  1.00 19.55 ? 92  TYR A N   1 
ATOM   611  C CA  . TYR A 1 96  ? 6.184   5.511   -5.606  1.00 18.65 ? 92  TYR A CA  1 
ATOM   612  C C   . TYR A 1 96  ? 4.956   5.010   -6.338  1.00 18.17 ? 92  TYR A C   1 
ATOM   613  O O   . TYR A 1 96  ? 5.059   4.299   -7.348  1.00 18.05 ? 92  TYR A O   1 
ATOM   614  C CB  . TYR A 1 96  ? 6.492   4.563   -4.421  1.00 18.60 ? 92  TYR A CB  1 
ATOM   615  C CG  . TYR A 1 96  ? 7.812   4.890   -3.719  1.00 22.02 ? 92  TYR A CG  1 
ATOM   616  C CD1 . TYR A 1 96  ? 7.946   4.681   -2.342  1.00 23.13 ? 92  TYR A CD1 1 
ATOM   617  C CD2 . TYR A 1 96  ? 8.907   5.402   -4.429  1.00 20.69 ? 92  TYR A CD2 1 
ATOM   618  C CE1 . TYR A 1 96  ? 9.106   4.956   -1.688  1.00 22.03 ? 92  TYR A CE1 1 
ATOM   619  C CE2 . TYR A 1 96  ? 10.084  5.719   -3.784  1.00 23.63 ? 92  TYR A CE2 1 
ATOM   620  C CZ  . TYR A 1 96  ? 10.164  5.482   -2.394  1.00 25.11 ? 92  TYR A CZ  1 
ATOM   621  O OH  . TYR A 1 96  ? 11.286  5.759   -1.705  1.00 23.58 ? 92  TYR A OH  1 
ATOM   622  N N   . ILE A 1 97  ? 3.773   5.327   -5.777  1.00 18.74 ? 93  ILE A N   1 
ATOM   623  C CA  . ILE A 1 97  ? 2.482   4.946   -6.419  1.00 18.72 ? 93  ILE A CA  1 
ATOM   624  C C   . ILE A 1 97  ? 2.442   5.514   -7.844  1.00 18.70 ? 93  ILE A C   1 
ATOM   625  O O   . ILE A 1 97  ? 2.043   4.801   -8.799  1.00 20.42 ? 93  ILE A O   1 
ATOM   626  C CB  . ILE A 1 97  ? 1.288   5.454   -5.552  1.00 17.64 ? 93  ILE A CB  1 
ATOM   627  C CG1 . ILE A 1 97  ? 1.123   4.538   -4.312  1.00 20.80 ? 93  ILE A CG1 1 
ATOM   628  C CG2 . ILE A 1 97  ? -0.044  5.379   -6.292  1.00 20.02 ? 93  ILE A CG2 1 
ATOM   629  C CD1 . ILE A 1 97  ? 0.193   5.182   -3.245  1.00 21.11 ? 93  ILE A CD1 1 
ATOM   630  N N   . GLN A 1 98  ? 2.867   6.788   -7.998  1.00 18.28 ? 94  GLN A N   1 
ATOM   631  C CA  . GLN A 1 98  ? 2.878   7.394   -9.331  1.00 21.55 ? 94  GLN A CA  1 
ATOM   632  C C   . GLN A 1 98  ? 3.756   6.648   -10.330 1.00 22.33 ? 94  GLN A C   1 
ATOM   633  O O   . GLN A 1 98  ? 3.322   6.410   -11.491 1.00 23.81 ? 94  GLN A O   1 
ATOM   634  C CB  . GLN A 1 98  ? 3.265   8.840   -9.296  1.00 21.00 ? 94  GLN A CB  1 
ATOM   635  C CG  . GLN A 1 98  ? 2.215   9.735   -8.654  1.00 25.72 ? 94  GLN A CG  1 
ATOM   636  C CD  . GLN A 1 98  ? 2.659   11.208  -8.681  1.00 38.01 ? 94  GLN A CD  1 
ATOM   637  O OE1 . GLN A 1 98  ? 3.707   11.561  -8.137  1.00 39.03 ? 94  GLN A OE1 1 
ATOM   638  N NE2 . GLN A 1 98  ? 1.896   12.046  -9.376  1.00 38.43 ? 94  GLN A NE2 1 
ATOM   639  N N   . LYS A 1 99  ? 4.965   6.288   -9.908  1.00 21.28 ? 95  LYS A N   1 
ATOM   640  C CA  . LYS A 1 99  ? 5.840   5.545   -10.768 1.00 21.99 ? 95  LYS A CA  1 
ATOM   641  C C   . LYS A 1 99  ? 5.367   4.154   -11.080 1.00 22.62 ? 95  LYS A C   1 
ATOM   642  O O   . LYS A 1 99  ? 5.602   3.622   -12.186 1.00 23.33 ? 95  LYS A O   1 
ATOM   643  C CB  . LYS A 1 99  ? 7.236   5.438   -10.170 1.00 23.68 ? 95  LYS A CB  1 
ATOM   644  C CG  . LYS A 1 99  ? 7.853   6.810   -10.038 1.00 29.14 ? 95  LYS A CG  1 
ATOM   645  C CD  . LYS A 1 99  ? 9.333   6.700   -9.747  1.00 34.99 ? 95  LYS A CD  1 
ATOM   646  C CE  . LYS A 1 99  ? 10.052  7.997   -10.183 1.00 38.31 ? 95  LYS A CE  1 
ATOM   647  N NZ  . LYS A 1 99  ? 9.932   9.046   -9.083  1.00 46.58 ? 95  LYS A NZ  1 
ATOM   648  N N   . ILE A 1 100 ? 4.748   3.522   -10.109 1.00 21.58 ? 96  ILE A N   1 
ATOM   649  C CA  . ILE A 1 100 ? 4.260   2.180   -10.347 1.00 20.40 ? 96  ILE A CA  1 
ATOM   650  C C   . ILE A 1 100 ? 3.087   2.284   -11.343 1.00 21.76 ? 96  ILE A C   1 
ATOM   651  O O   . ILE A 1 100 ? 3.004   1.514   -12.331 1.00 21.00 ? 96  ILE A O   1 
ATOM   652  C CB  . ILE A 1 100 ? 3.790   1.535   -9.056  1.00 20.81 ? 96  ILE A CB  1 
ATOM   653  C CG1 . ILE A 1 100 ? 4.991   1.199   -8.150  1.00 18.96 ? 96  ILE A CG1 1 
ATOM   654  C CG2 . ILE A 1 100 ? 2.922   0.259   -9.379  1.00 17.87 ? 96  ILE A CG2 1 
ATOM   655  C CD1 . ILE A 1 100 ? 4.655   0.996   -6.636  1.00 17.43 ? 96  ILE A CD1 1 
ATOM   656  N N   . LYS A 1 101 ? 2.177   3.217   -11.090 1.00 21.42 ? 97  LYS A N   1 
ATOM   657  C CA  . LYS A 1 101 ? 1.018   3.355   -11.997 1.00 23.03 ? 97  LYS A CA  1 
ATOM   658  C C   . LYS A 1 101 ? 1.351   3.861   -13.412 1.00 22.25 ? 97  LYS A C   1 
ATOM   659  O O   . LYS A 1 101 ? 0.628   3.502   -14.369 1.00 25.45 ? 97  LYS A O   1 
ATOM   660  C CB  . LYS A 1 101 ? -0.074  4.269   -11.394 1.00 20.13 ? 97  LYS A CB  1 
ATOM   661  C CG  . LYS A 1 101 ? -0.858  3.624   -10.224 1.00 24.92 ? 97  LYS A CG  1 
ATOM   662  C CD  . LYS A 1 101 ? -1.972  4.577   -9.863  1.00 26.87 ? 97  LYS A CD  1 
ATOM   663  C CE  . LYS A 1 101 ? -3.028  3.808   -9.217  1.00 26.34 ? 97  LYS A CE  1 
ATOM   664  N NZ  . LYS A 1 101 ? -4.296  4.593   -9.099  1.00 25.80 ? 97  LYS A NZ  1 
ATOM   665  N N   . SER A 1 102 ? 2.329   4.750   -13.554 1.00 23.99 ? 98  SER A N   1 
ATOM   666  C CA  . SER A 1 102 ? 2.774   5.176   -14.897 1.00 23.17 ? 98  SER A CA  1 
ATOM   667  C C   . SER A 1 102 ? 3.535   4.018   -15.637 1.00 24.90 ? 98  SER A C   1 
ATOM   668  O O   . SER A 1 102 ? 3.756   4.093   -16.878 1.00 24.39 ? 98  SER A O   1 
ATOM   669  C CB  . SER A 1 102 ? 3.636   6.418   -14.789 1.00 22.95 ? 98  SER A CB  1 
ATOM   670  O OG  . SER A 1 102 ? 4.864   6.110   -14.144 1.00 24.26 ? 98  SER A OG  1 
ATOM   671  N N   . GLY A 1 103 ? 3.947   2.965   -14.909 1.00 25.10 ? 99  GLY A N   1 
ATOM   672  C CA  . GLY A 1 103 ? 4.772   1.882   -15.529 1.00 25.22 ? 99  GLY A CA  1 
ATOM   673  C C   . GLY A 1 103 ? 6.236   2.259   -15.574 1.00 26.48 ? 99  GLY A C   1 
ATOM   674  O O   . GLY A 1 103 ? 7.083   1.527   -16.116 1.00 26.23 ? 99  GLY A O   1 
ATOM   675  N N   . GLU A 1 104 ? 6.573   3.358   -14.938 1.00 26.28 ? 100 GLU A N   1 
ATOM   676  C CA  . GLU A 1 104 ? 7.930   3.812   -14.959 1.00 29.25 ? 100 GLU A CA  1 
ATOM   677  C C   . GLU A 1 104 ? 8.880   2.927   -14.147 1.00 30.37 ? 100 GLU A C   1 
ATOM   678  O O   . GLU A 1 104 ? 10.092  2.817   -14.477 1.00 30.71 ? 100 GLU A O   1 
ATOM   679  C CB  . GLU A 1 104 ? 8.045   5.274   -14.556 1.00 29.41 ? 100 GLU A CB  1 
ATOM   680  C CG  . GLU A 1 104 ? 9.469   5.682   -14.644 1.00 38.96 ? 100 GLU A CG  1 
ATOM   681  C CD  . GLU A 1 104 ? 9.729   7.099   -14.126 1.00 50.77 ? 100 GLU A CD  1 
ATOM   682  O OE1 . GLU A 1 104 ? 8.737   7.901   -14.093 1.00 51.05 ? 100 GLU A OE1 1 
ATOM   683  O OE2 . GLU A 1 104 ? 10.919  7.381   -13.741 1.00 51.94 ? 100 GLU A OE2 1 
ATOM   684  N N   . GLU A 1 105 ? 8.362   2.348   -13.048 1.00 31.34 ? 101 GLU A N   1 
ATOM   685  C CA  . GLU A 1 105 ? 9.097   1.409   -12.222 1.00 31.73 ? 101 GLU A CA  1 
ATOM   686  C C   . GLU A 1 105 ? 8.145   0.325   -11.862 1.00 31.11 ? 101 GLU A C   1 
ATOM   687  O O   . GLU A 1 105 ? 6.937   0.585   -11.782 1.00 31.37 ? 101 GLU A O   1 
ATOM   688  C CB  . GLU A 1 105 ? 9.507   2.047   -10.892 1.00 33.50 ? 101 GLU A CB  1 
ATOM   689  C CG  . GLU A 1 105 ? 10.521  3.134   -11.000 1.00 37.25 ? 101 GLU A CG  1 
ATOM   690  C CD  . GLU A 1 105 ? 11.824  2.672   -11.640 1.00 44.08 ? 101 GLU A CD  1 
ATOM   691  O OE1 . GLU A 1 105 ? 12.442  3.515   -12.327 1.00 51.45 ? 101 GLU A OE1 1 
ATOM   692  O OE2 . GLU A 1 105 ? 12.216  1.494   -11.479 1.00 45.81 ? 101 GLU A OE2 1 
ATOM   693  N N   . ASP A 1 106 ? 8.630   -0.877  -11.601 1.00 28.54 ? 102 ASP A N   1 
ATOM   694  C CA  . ASP A 1 106 ? 7.668   -1.796  -11.072 1.00 27.93 ? 102 ASP A CA  1 
ATOM   695  C C   . ASP A 1 106 ? 7.658   -1.922  -9.540  1.00 25.26 ? 102 ASP A C   1 
ATOM   696  O O   . ASP A 1 106 ? 8.635   -1.558  -8.899  1.00 22.97 ? 102 ASP A O   1 
ATOM   697  C CB  . ASP A 1 106 ? 7.583   -3.128  -11.785 1.00 32.76 ? 102 ASP A CB  1 
ATOM   698  C CG  . ASP A 1 106 ? 8.793   -3.929  -11.685 1.00 38.63 ? 102 ASP A CG  1 
ATOM   699  O OD1 . ASP A 1 106 ? 9.151   -4.517  -12.765 1.00 48.36 ? 102 ASP A OD1 1 
ATOM   700  O OD2 . ASP A 1 106 ? 9.339   -4.057  -10.565 1.00 46.42 ? 102 ASP A OD2 1 
ATOM   701  N N   . PHE A 1 107 ? 6.532   -2.384  -9.007  1.00 22.01 ? 103 PHE A N   1 
ATOM   702  C CA  . PHE A 1 107 ? 6.379   -2.464  -7.552  1.00 24.44 ? 103 PHE A CA  1 
ATOM   703  C C   . PHE A 1 107 ? 7.626   -3.147  -6.899  1.00 23.21 ? 103 PHE A C   1 
ATOM   704  O O   . PHE A 1 107 ? 8.165   -2.697  -5.890  1.00 23.13 ? 103 PHE A O   1 
ATOM   705  C CB  . PHE A 1 107 ? 5.082   -3.213  -7.218  1.00 24.39 ? 103 PHE A CB  1 
ATOM   706  C CG  . PHE A 1 107 ? 4.876   -3.417  -5.750  1.00 27.05 ? 103 PHE A CG  1 
ATOM   707  C CD1 . PHE A 1 107 ? 4.112   -2.503  -5.004  1.00 29.41 ? 103 PHE A CD1 1 
ATOM   708  C CD2 . PHE A 1 107 ? 5.471   -4.530  -5.098  1.00 29.61 ? 103 PHE A CD2 1 
ATOM   709  C CE1 . PHE A 1 107 ? 3.987   -2.677  -3.632  1.00 28.11 ? 103 PHE A CE1 1 
ATOM   710  C CE2 . PHE A 1 107 ? 5.334   -4.702  -3.729  1.00 25.46 ? 103 PHE A CE2 1 
ATOM   711  C CZ  . PHE A 1 107 ? 4.619   -3.768  -3.017  1.00 22.90 ? 103 PHE A CZ  1 
ATOM   712  N N   . GLU A 1 108 ? 8.055   -4.253  -7.481  1.00 23.81 ? 104 GLU A N   1 
ATOM   713  C CA  . GLU A 1 108 ? 9.040   -5.149  -6.826  1.00 24.24 ? 104 GLU A CA  1 
ATOM   714  C C   . GLU A 1 108 ? 10.355  -4.477  -6.756  1.00 24.60 ? 104 GLU A C   1 
ATOM   715  O O   . GLU A 1 108 ? 11.113  -4.672  -5.808  1.00 25.46 ? 104 GLU A O   1 
ATOM   716  C CB  . GLU A 1 108 ? 9.220   -6.442  -7.615  1.00 25.82 ? 104 GLU A CB  1 
ATOM   717  C CG  . GLU A 1 108 ? 8.012   -7.358  -7.441  1.00 26.33 ? 104 GLU A CG  1 
ATOM   718  C CD  . GLU A 1 108 ? 6.955   -7.158  -8.562  1.00 28.76 ? 104 GLU A CD  1 
ATOM   719  O OE1 . GLU A 1 108 ? 6.909   -6.064  -9.229  1.00 26.83 ? 104 GLU A OE1 1 
ATOM   720  O OE2 . GLU A 1 108 ? 6.127   -8.091  -8.746  1.00 35.57 ? 104 GLU A OE2 1 
ATOM   721  N N   . SER A 1 109 ? 10.604  -3.650  -7.751  1.00 21.94 ? 105 SER A N   1 
ATOM   722  C CA  . SER A 1 109 ? 11.877  -3.023  -7.820  1.00 24.85 ? 105 SER A CA  1 
ATOM   723  C C   . SER A 1 109 ? 11.927  -1.843  -6.802  1.00 22.86 ? 105 SER A C   1 
ATOM   724  O O   . SER A 1 109 ? 12.938  -1.613  -6.138  1.00 20.31 ? 105 SER A O   1 
ATOM   725  C CB  . SER A 1 109 ? 12.194  -2.674  -9.241  1.00 23.97 ? 105 SER A CB  1 
ATOM   726  O OG  . SER A 1 109 ? 13.104  -1.596  -9.263  1.00 33.07 ? 105 SER A OG  1 
ATOM   727  N N   . LEU A 1 110 ? 10.817  -1.125  -6.625  1.00 21.51 ? 106 LEU A N   1 
ATOM   728  C CA  . LEU A 1 110 ? 10.754  -0.111  -5.562  1.00 19.54 ? 106 LEU A CA  1 
ATOM   729  C C   . LEU A 1 110 ? 10.693  -0.706  -4.216  1.00 18.23 ? 106 LEU A C   1 
ATOM   730  O O   . LEU A 1 110 ? 11.291  -0.174  -3.282  1.00 19.74 ? 106 LEU A O   1 
ATOM   731  C CB  . LEU A 1 110 ? 9.540   0.817   -5.780  1.00 19.74 ? 106 LEU A CB  1 
ATOM   732  C CG  . LEU A 1 110 ? 9.589   1.603   -7.126  1.00 20.04 ? 106 LEU A CG  1 
ATOM   733  C CD1 . LEU A 1 110 ? 8.293   2.476   -7.181  1.00 22.53 ? 106 LEU A CD1 1 
ATOM   734  C CD2 . LEU A 1 110 ? 10.843  2.503   -7.222  1.00 19.58 ? 106 LEU A CD2 1 
ATOM   735  N N   . ALA A 1 111 ? 10.016  -1.822  -4.058  1.00 18.84 ? 107 ALA A N   1 
ATOM   736  C CA  . ALA A 1 111 ? 10.015  -2.459  -2.729  1.00 17.89 ? 107 ALA A CA  1 
ATOM   737  C C   . ALA A 1 111 ? 11.431  -2.921  -2.287  1.00 19.80 ? 107 ALA A C   1 
ATOM   738  O O   . ALA A 1 111 ? 11.881  -2.679  -1.113  1.00 19.19 ? 107 ALA A O   1 
ATOM   739  C CB  . ALA A 1 111 ? 8.959   -3.610  -2.625  1.00 16.19 ? 107 ALA A CB  1 
ATOM   740  N N   . SER A 1 112 ? 12.170  -3.527  -3.220  1.00 20.54 ? 108 SER A N   1 
ATOM   741  C CA  . SER A 1 112 ? 13.496  -3.997  -2.918  1.00 21.72 ? 108 SER A CA  1 
ATOM   742  C C   . SER A 1 112 ? 14.404  -2.875  -2.514  1.00 22.16 ? 108 SER A C   1 
ATOM   743  O O   . SER A 1 112 ? 15.221  -3.021  -1.551  1.00 23.96 ? 108 SER A O   1 
ATOM   744  C CB  . SER A 1 112 ? 14.109  -4.642  -4.151  1.00 23.13 ? 108 SER A CB  1 
ATOM   745  O OG  . SER A 1 112 ? 13.274  -5.709  -4.503  1.00 25.96 ? 108 SER A OG  1 
ATOM   746  N N   . GLN A 1 113 ? 14.331  -1.769  -3.246  1.00 22.28 ? 109 GLN A N   1 
ATOM   747  C CA  . GLN A 1 113 ? 15.176  -0.638  -2.937  1.00 23.62 ? 109 GLN A CA  1 
ATOM   748  C C   . GLN A 1 113 ? 14.769  0.212   -1.785  1.00 24.96 ? 109 GLN A C   1 
ATOM   749  O O   . GLN A 1 113 ? 15.646  0.767   -1.151  1.00 25.86 ? 109 GLN A O   1 
ATOM   750  C CB  . GLN A 1 113 ? 15.326  0.287   -4.108  1.00 24.74 ? 109 GLN A CB  1 
ATOM   751  C CG  . GLN A 1 113 ? 15.935  -0.401  -5.352  1.00 27.05 ? 109 GLN A CG  1 
ATOM   752  C CD  . GLN A 1 113 ? 15.778  0.475   -6.589  1.00 32.71 ? 109 GLN A CD  1 
ATOM   753  O OE1 . GLN A 1 113 ? 14.945  0.204   -7.481  1.00 36.11 ? 109 GLN A OE1 1 
ATOM   754  N NE2 . GLN A 1 113 ? 16.587  1.516   -6.662  1.00 31.37 ? 109 GLN A NE2 1 
ATOM   755  N N   . PHE A 1 114 ? 13.460  0.378   -1.533  1.00 22.41 ? 110 PHE A N   1 
ATOM   756  C CA  . PHE A 1 114 ? 13.038  1.462   -0.679  1.00 22.75 ? 110 PHE A CA  1 
ATOM   757  C C   . PHE A 1 114 ? 12.129  1.074   0.452   1.00 22.50 ? 110 PHE A C   1 
ATOM   758  O O   . PHE A 1 114 ? 11.893  1.899   1.292   1.00 24.14 ? 110 PHE A O   1 
ATOM   759  C CB  . PHE A 1 114 ? 12.410  2.625   -1.464  1.00 23.17 ? 110 PHE A CB  1 
ATOM   760  C CG  . PHE A 1 114 ? 13.277  3.160   -2.559  1.00 22.99 ? 110 PHE A CG  1 
ATOM   761  C CD1 . PHE A 1 114 ? 12.875  3.025   -3.897  1.00 27.38 ? 110 PHE A CD1 1 
ATOM   762  C CD2 . PHE A 1 114 ? 14.456  3.777   -2.290  1.00 23.97 ? 110 PHE A CD2 1 
ATOM   763  C CE1 . PHE A 1 114 ? 13.636  3.551   -4.967  1.00 27.55 ? 110 PHE A CE1 1 
ATOM   764  C CE2 . PHE A 1 114 ? 15.281  4.275   -3.330  1.00 27.36 ? 110 PHE A CE2 1 
ATOM   765  C CZ  . PHE A 1 114 ? 14.872  4.159   -4.680  1.00 26.74 ? 110 PHE A CZ  1 
ATOM   766  N N   . SER A 1 115 ? 11.655  -0.163  0.525   1.00 21.04 ? 111 SER A N   1 
ATOM   767  C CA  . SER A 1 115 ? 10.810  -0.537  1.664   1.00 21.10 ? 111 SER A CA  1 
ATOM   768  C C   . SER A 1 115 ? 11.626  -0.552  2.974   1.00 22.53 ? 111 SER A C   1 
ATOM   769  O O   . SER A 1 115 ? 12.758  -1.006  2.964   1.00 20.51 ? 111 SER A O   1 
ATOM   770  C CB  . SER A 1 115 ? 10.146  -1.877  1.452   1.00 19.97 ? 111 SER A CB  1 
ATOM   771  O OG  . SER A 1 115 ? 9.311   -2.156  2.589   1.00 18.68 ? 111 SER A OG  1 
ATOM   772  N N   . ASP A 1 116 ? 11.050  -0.001  4.050   1.00 23.39 ? 112 ASP A N   1 
ATOM   773  C CA  . ASP A 1 116 ? 11.654  -0.003  5.388   1.00 24.38 ? 112 ASP A CA  1 
ATOM   774  C C   . ASP A 1 116 ? 11.301  -1.233  6.112   1.00 25.19 ? 112 ASP A C   1 
ATOM   775  O O   . ASP A 1 116 ? 11.620  -1.348  7.271   1.00 28.05 ? 112 ASP A O   1 
ATOM   776  C CB  . ASP A 1 116 ? 11.229  1.191   6.245   1.00 23.17 ? 112 ASP A CB  1 
ATOM   777  C CG  . ASP A 1 116 ? 11.982  2.445   5.876   1.00 22.81 ? 112 ASP A CG  1 
ATOM   778  O OD1 . ASP A 1 116 ? 13.219  2.400   5.705   1.00 26.85 ? 112 ASP A OD1 1 
ATOM   779  O OD2 . ASP A 1 116 ? 11.348  3.490   5.684   1.00 24.93 ? 112 ASP A OD2 1 
ATOM   780  N N   . CYS A 1 117 ? 10.631  -2.162  5.463   1.00 25.08 ? 113 CYS A N   1 
ATOM   781  C CA  . CYS A 1 117 ? 10.462  -3.487  6.023   1.00 24.76 ? 113 CYS A CA  1 
ATOM   782  C C   . CYS A 1 117 ? 11.537  -4.449  5.518   1.00 25.99 ? 113 CYS A C   1 
ATOM   783  O O   . CYS A 1 117 ? 11.923  -4.402  4.347   1.00 23.16 ? 113 CYS A O   1 
ATOM   784  C CB  . CYS A 1 117 ? 9.071   -4.030  5.653   1.00 24.30 ? 113 CYS A CB  1 
ATOM   785  S SG  . CYS A 1 117 ? 8.642   -5.636  6.325   1.00 25.03 ? 113 CYS A SG  1 
ATOM   786  N N   . SER A 1 118 ? 11.957  -5.386  6.363   1.00 26.31 ? 114 SER A N   1 
ATOM   787  C CA  . SER A 1 118 ? 12.991  -6.355  5.934   1.00 29.17 ? 114 SER A CA  1 
ATOM   788  C C   . SER A 1 118 ? 12.526  -7.284  4.800   1.00 26.89 ? 114 SER A C   1 
ATOM   789  O O   . SER A 1 118 ? 13.373  -7.885  4.092   1.00 27.49 ? 114 SER A O   1 
ATOM   790  C CB  . SER A 1 118 ? 13.502  -7.172  7.133   1.00 31.32 ? 114 SER A CB  1 
ATOM   791  O OG  . SER A 1 118 ? 12.409  -7.728  7.868   1.00 38.61 ? 114 SER A OG  1 
ATOM   792  N N   . SER A 1 119 ? 11.210  -7.389  4.616   1.00 25.31 ? 115 SER A N   1 
ATOM   793  C CA  . SER A 1 119 ? 10.621  -8.076  3.422   1.00 23.21 ? 115 SER A CA  1 
ATOM   794  C C   . SER A 1 119 ? 11.044  -7.427  2.095   1.00 23.26 ? 115 SER A C   1 
ATOM   795  O O   . SER A 1 119 ? 10.854  -8.064  1.036   1.00 24.63 ? 115 SER A O   1 
ATOM   796  C CB  . SER A 1 119 ? 9.094   -8.121  3.534   1.00 23.69 ? 115 SER A CB  1 
ATOM   797  O OG  . SER A 1 119 ? 8.579   -6.814  3.430   1.00 21.95 ? 115 SER A OG  1 
ATOM   798  N N   . ALA A 1 120 ? 11.643  -6.233  2.104   1.00 21.32 ? 116 ALA A N   1 
ATOM   799  C CA  . ALA A 1 120 ? 12.309  -5.689  0.898   1.00 21.24 ? 116 ALA A CA  1 
ATOM   800  C C   . ALA A 1 120 ? 13.184  -6.752  0.226   1.00 22.54 ? 116 ALA A C   1 
ATOM   801  O O   . ALA A 1 120 ? 13.336  -6.760  -0.975  1.00 22.64 ? 116 ALA A O   1 
ATOM   802  C CB  . ALA A 1 120 ? 13.213  -4.526  1.266   1.00 19.94 ? 116 ALA A CB  1 
ATOM   803  N N   . LYS A 1 121 ? 13.842  -7.580  1.034   1.00 22.40 ? 117 LYS A N   1 
ATOM   804  C CA  . LYS A 1 121 ? 14.786  -8.541  0.488   1.00 23.45 ? 117 LYS A CA  1 
ATOM   805  C C   . LYS A 1 121 ? 14.115  -9.648  -0.324  1.00 24.06 ? 117 LYS A C   1 
ATOM   806  O O   . LYS A 1 121 ? 14.798  -10.338 -1.126  1.00 22.76 ? 117 LYS A O   1 
ATOM   807  C CB  . LYS A 1 121 ? 15.661  -9.166  1.627   1.00 25.97 ? 117 LYS A CB  1 
ATOM   808  C CG  . LYS A 1 121 ? 16.508  -8.197  2.363   1.00 28.07 ? 117 LYS A CG  1 
ATOM   809  C CD  . LYS A 1 121 ? 17.167  -7.177  1.481   1.00 34.82 ? 117 LYS A CD  1 
ATOM   810  C CE  . LYS A 1 121 ? 17.655  -5.982  2.379   1.00 36.87 ? 117 LYS A CE  1 
ATOM   811  N NZ  . LYS A 1 121 ? 18.411  -5.025  1.546   1.00 35.69 ? 117 LYS A NZ  1 
ATOM   812  N N   . ALA A 1 122 ? 12.794  -9.822  -0.119  1.00 21.13 ? 118 ALA A N   1 
ATOM   813  C CA  . ALA A 1 122 ? 12.025  -10.717 -0.907  1.00 22.43 ? 118 ALA A CA  1 
ATOM   814  C C   . ALA A 1 122 ? 11.042  -9.962  -1.837  1.00 22.19 ? 118 ALA A C   1 
ATOM   815  O O   . ALA A 1 122 ? 9.956   -10.416 -2.087  1.00 20.80 ? 118 ALA A O   1 
ATOM   816  C CB  . ALA A 1 122 ? 11.254  -11.700 0.048   1.00 23.69 ? 118 ALA A CB  1 
ATOM   817  N N   . ARG A 1 123 ? 11.487  -8.815  -2.347  1.00 21.59 ? 119 ARG A N   1 
ATOM   818  C CA  A ARG A 1 123 ? 10.714  -7.921  -3.229  0.50 21.73 ? 119 ARG A CA  1 
ATOM   819  C CA  B ARG A 1 123 ? 10.688  -7.953  -3.257  0.50 21.68 ? 119 ARG A CA  1 
ATOM   820  C C   . ARG A 1 123 ? 9.381   -7.513  -2.595  1.00 22.46 ? 119 ARG A C   1 
ATOM   821  O O   . ARG A 1 123 ? 8.382   -7.287  -3.282  1.00 22.62 ? 119 ARG A O   1 
ATOM   822  C CB  A ARG A 1 123 ? 10.571  -8.452  -4.683  0.50 21.65 ? 119 ARG A CB  1 
ATOM   823  C CB  B ARG A 1 123 ? 10.418  -8.545  -4.685  0.50 21.59 ? 119 ARG A CB  1 
ATOM   824  C CG  A ARG A 1 123 ? 11.897  -8.803  -5.374  0.50 20.11 ? 119 ARG A CG  1 
ATOM   825  C CG  B ARG A 1 123 ? 11.550  -9.342  -5.344  0.50 20.21 ? 119 ARG A CG  1 
ATOM   826  C CD  A ARG A 1 123 ? 11.716  -9.933  -6.459  0.50 21.84 ? 119 ARG A CD  1 
ATOM   827  C CD  B ARG A 1 123 ? 11.348  -9.628  -6.886  0.50 16.53 ? 119 ARG A CD  1 
ATOM   828  N NE  A ARG A 1 123 ? 10.743  -10.952 -6.039  0.50 20.43 ? 119 ARG A NE  1 
ATOM   829  N NE  B ARG A 1 123 ? 12.665  -9.549  -7.516  0.50 22.04 ? 119 ARG A NE  1 
ATOM   830  C CZ  A ARG A 1 123 ? 10.994  -12.005 -5.229  0.50 20.78 ? 119 ARG A CZ  1 
ATOM   831  C CZ  B ARG A 1 123 ? 12.905  -9.500  -8.833  0.50 19.74 ? 119 ARG A CZ  1 
ATOM   832  N NH1 A ARG A 1 123 ? 12.194  -12.254 -4.685  0.50 9.06  ? 119 ARG A NH1 1 
ATOM   833  N NH1 B ARG A 1 123 ? 11.890  -9.538  -9.704  0.50 19.78 ? 119 ARG A NH1 1 
ATOM   834  N NH2 A ARG A 1 123 ? 9.996   -12.810 -4.909  0.50 19.02 ? 119 ARG A NH2 1 
ATOM   835  N NH2 B ARG A 1 123 ? 14.150  -9.351  -9.253  0.50 19.12 ? 119 ARG A NH2 1 
ATOM   836  N N   . GLY A 1 124 ? 9.406   -7.428  -1.262  1.00 22.71 ? 120 GLY A N   1 
ATOM   837  C CA  . GLY A 1 124 ? 8.224   -7.069  -0.478  1.00 22.19 ? 120 GLY A CA  1 
ATOM   838  C C   . GLY A 1 124 ? 7.261   -8.127  -0.102  1.00 22.88 ? 120 GLY A C   1 
ATOM   839  O O   . GLY A 1 124 ? 6.322   -7.865  0.626   1.00 23.14 ? 120 GLY A O   1 
ATOM   840  N N   . ASP A 1 125 ? 7.487   -9.350  -0.577  1.00 23.29 ? 121 ASP A N   1 
ATOM   841  C CA  . ASP A 1 125 ? 6.557   -10.470 -0.362  1.00 23.30 ? 121 ASP A CA  1 
ATOM   842  C C   . ASP A 1 125 ? 6.482   -10.847 1.109   1.00 23.48 ? 121 ASP A C   1 
ATOM   843  O O   . ASP A 1 125 ? 7.495   -11.028 1.740   1.00 24.76 ? 121 ASP A O   1 
ATOM   844  C CB  . ASP A 1 125 ? 7.048   -11.688 -1.171  1.00 25.72 ? 121 ASP A CB  1 
ATOM   845  C CG  . ASP A 1 125 ? 6.166   -12.915 -0.972  1.00 26.69 ? 121 ASP A CG  1 
ATOM   846  O OD1 . ASP A 1 125 ? 4.888   -12.839 -0.864  1.00 29.68 ? 121 ASP A OD1 1 
ATOM   847  O OD2 . ASP A 1 125 ? 6.771   -13.999 -0.860  1.00 33.33 ? 121 ASP A OD2 1 
ATOM   848  N N   . LEU A 1 126 ? 5.265   -10.945 1.605   1.00 23.53 ? 122 LEU A N   1 
ATOM   849  C CA  . LEU A 1 126 ? 4.983   -11.371 2.977   1.00 25.15 ? 122 LEU A CA  1 
ATOM   850  C C   . LEU A 1 126 ? 4.514   -12.834 3.070   1.00 25.77 ? 122 LEU A C   1 
ATOM   851  O O   . LEU A 1 126 ? 4.317   -13.327 4.168   1.00 27.03 ? 122 LEU A O   1 
ATOM   852  C CB  . LEU A 1 126 ? 3.972   -10.428 3.645   1.00 22.81 ? 122 LEU A CB  1 
ATOM   853  C CG  . LEU A 1 126 ? 4.396   -8.953  3.812   1.00 22.46 ? 122 LEU A CG  1 
ATOM   854  C CD1 . LEU A 1 126 ? 3.162   -8.135  4.314   1.00 23.82 ? 122 LEU A CD1 1 
ATOM   855  C CD2 . LEU A 1 126 ? 5.515   -8.753  4.756   1.00 23.92 ? 122 LEU A CD2 1 
ATOM   856  N N   . GLY A 1 127 ? 4.300   -13.505 1.938   1.00 26.70 ? 123 GLY A N   1 
ATOM   857  C CA  . GLY A 1 127 ? 3.708   -14.830 1.980   1.00 27.26 ? 123 GLY A CA  1 
ATOM   858  C C   . GLY A 1 127 ? 2.208   -14.723 2.174   1.00 28.44 ? 123 GLY A C   1 
ATOM   859  O O   . GLY A 1 127 ? 1.607   -13.613 2.148   1.00 27.67 ? 123 GLY A O   1 
ATOM   860  N N   . ALA A 1 128 ? 1.584   -15.862 2.412   1.00 27.79 ? 124 ALA A N   1 
ATOM   861  C CA  . ALA A 1 128 ? 0.113   -15.919 2.535   1.00 29.90 ? 124 ALA A CA  1 
ATOM   862  C C   . ALA A 1 128 ? -0.269  -15.730 4.007   1.00 30.39 ? 124 ALA A C   1 
ATOM   863  O O   . ALA A 1 128 ? 0.549   -15.966 4.884   1.00 33.05 ? 124 ALA A O   1 
ATOM   864  C CB  . ALA A 1 128 ? -0.436  -17.214 1.992   1.00 30.23 ? 124 ALA A CB  1 
ATOM   865  N N   . PHE A 1 129 ? -1.452  -15.214 4.289   1.00 29.06 ? 125 PHE A N   1 
ATOM   866  C CA  . PHE A 1 129 ? -1.865  -15.051 5.680   1.00 29.99 ? 125 PHE A CA  1 
ATOM   867  C C   . PHE A 1 129 ? -3.364  -15.041 5.711   1.00 30.11 ? 125 PHE A C   1 
ATOM   868  O O   . PHE A 1 129 ? -4.042  -14.862 4.661   1.00 31.07 ? 125 PHE A O   1 
ATOM   869  C CB  . PHE A 1 129 ? -1.259  -13.795 6.327   1.00 28.86 ? 125 PHE A CB  1 
ATOM   870  C CG  . PHE A 1 129 ? -1.510  -12.493 5.533   1.00 31.04 ? 125 PHE A CG  1 
ATOM   871  C CD1 . PHE A 1 129 ? -2.688  -11.723 5.754   1.00 30.71 ? 125 PHE A CD1 1 
ATOM   872  C CD2 . PHE A 1 129 ? -0.580  -12.056 4.564   1.00 30.39 ? 125 PHE A CD2 1 
ATOM   873  C CE1 . PHE A 1 129 ? -2.891  -10.537 5.047   1.00 32.79 ? 125 PHE A CE1 1 
ATOM   874  C CE2 . PHE A 1 129 ? -0.766  -10.885 3.867   1.00 32.57 ? 125 PHE A CE2 1 
ATOM   875  C CZ  . PHE A 1 129 ? -1.934  -10.101 4.111   1.00 29.42 ? 125 PHE A CZ  1 
ATOM   876  N N   . SER A 1 130 ? -3.914  -15.257 6.891   1.00 32.43 ? 126 SER A N   1 
ATOM   877  C CA  . SER A 1 130 ? -5.379  -15.341 7.030   1.00 34.58 ? 126 SER A CA  1 
ATOM   878  C C   . SER A 1 130 ? -5.780  -14.154 7.920   1.00 34.12 ? 126 SER A C   1 
ATOM   879  O O   . SER A 1 130 ? -4.906  -13.453 8.435   1.00 32.96 ? 126 SER A O   1 
ATOM   880  C CB  . SER A 1 130 ? -5.755  -16.710 7.660   1.00 35.77 ? 126 SER A CB  1 
ATOM   881  O OG  . SER A 1 130 ? -5.252  -16.718 8.999   1.00 40.78 ? 126 SER A OG  1 
ATOM   882  N N   . ARG A 1 131 ? -7.077  -13.898 8.118   1.00 35.10 ? 127 ARG A N   1 
ATOM   883  C CA  . ARG A 1 131 ? -7.419  -12.854 9.123   1.00 35.05 ? 127 ARG A CA  1 
ATOM   884  C C   . ARG A 1 131 ? -6.986  -13.273 10.508  1.00 36.58 ? 127 ARG A C   1 
ATOM   885  O O   . ARG A 1 131 ? -6.918  -14.482 10.787  1.00 35.92 ? 127 ARG A O   1 
ATOM   886  C CB  . ARG A 1 131 ? -8.896  -12.550 9.124   1.00 36.08 ? 127 ARG A CB  1 
ATOM   887  C CG  . ARG A 1 131 ? -9.332  -11.806 7.868   1.00 33.89 ? 127 ARG A CG  1 
ATOM   888  C CD  . ARG A 1 131 ? -10.643 -11.242 8.097   1.00 32.94 ? 127 ARG A CD  1 
ATOM   889  N NE  . ARG A 1 131 ? -11.168 -10.503 6.943   1.00 34.64 ? 127 ARG A NE  1 
ATOM   890  C CZ  . ARG A 1 131 ? -11.064 -9.179  6.763   1.00 30.60 ? 127 ARG A CZ  1 
ATOM   891  N NH1 . ARG A 1 131 ? -10.407 -8.420  7.617   1.00 26.61 ? 127 ARG A NH1 1 
ATOM   892  N NH2 . ARG A 1 131 ? -11.611 -8.614  5.693   1.00 30.43 ? 127 ARG A NH2 1 
ATOM   893  N N   . GLY A 1 132 ? -6.656  -12.291 11.351  1.00 36.48 ? 128 GLY A N   1 
ATOM   894  C CA  . GLY A 1 132 ? -6.186  -12.536 12.678  1.00 37.48 ? 128 GLY A CA  1 
ATOM   895  C C   . GLY A 1 132 ? -4.655  -12.399 12.832  1.00 39.99 ? 128 GLY A C   1 
ATOM   896  O O   . GLY A 1 132 ? -4.147  -12.395 13.952  1.00 40.53 ? 128 GLY A O   1 
ATOM   897  N N   . GLN A 1 133 ? -3.892  -12.263 11.744  1.00 39.50 ? 129 GLN A N   1 
ATOM   898  C CA  . GLN A 1 133 ? -2.405  -12.230 11.848  1.00 39.49 ? 129 GLN A CA  1 
ATOM   899  C C   . GLN A 1 133 ? -1.754  -10.850 11.750  1.00 39.55 ? 129 GLN A C   1 
ATOM   900  O O   . GLN A 1 133 ? -0.759  -10.619 12.406  1.00 40.34 ? 129 GLN A O   1 
ATOM   901  C CB  . GLN A 1 133 ? -1.768  -13.175 10.826  1.00 39.74 ? 129 GLN A CB  1 
ATOM   902  C CG  . GLN A 1 133 ? -2.325  -14.643 10.870  1.00 42.46 ? 129 GLN A CG  1 
ATOM   903  C CD  . GLN A 1 133 ? -1.743  -15.527 9.743   1.00 46.34 ? 129 GLN A CD  1 
ATOM   904  O OE1 . GLN A 1 133 ? -2.427  -16.390 9.156   1.00 45.66 ? 129 GLN A OE1 1 
ATOM   905  N NE2 . GLN A 1 133 ? -0.464  -15.300 9.438   1.00 49.62 ? 129 GLN A NE2 1 
ATOM   906  N N   . MET A 1 134 ? -2.285  -9.928  10.927  1.00 38.57 ? 130 MET A N   1 
ATOM   907  C CA  . MET A 1 134 ? -1.596  -8.650  10.667  1.00 36.94 ? 130 MET A CA  1 
ATOM   908  C C   . MET A 1 134 ? -2.264  -7.518  11.466  1.00 36.04 ? 130 MET A C   1 
ATOM   909  O O   . MET A 1 134 ? -3.386  -7.676  11.920  1.00 36.27 ? 130 MET A O   1 
ATOM   910  C CB  . MET A 1 134 ? -1.654  -8.291  9.141   1.00 38.07 ? 130 MET A CB  1 
ATOM   911  C CG  . MET A 1 134 ? -0.933  -9.245  8.149   1.00 39.09 ? 130 MET A CG  1 
ATOM   912  S SD  . MET A 1 134 ? 0.852   -9.539  8.489   1.00 45.10 ? 130 MET A SD  1 
ATOM   913  C CE  . MET A 1 134 ? 1.280   -10.686 7.194   1.00 46.88 ? 130 MET A CE  1 
ATOM   914  N N   . GLN A 1 135 ? -1.614  -6.378  11.599  1.00 34.75 ? 131 GLN A N   1 
ATOM   915  C CA  . GLN A 1 135 ? -2.344  -5.147  12.009  1.00 34.68 ? 131 GLN A CA  1 
ATOM   916  C C   . GLN A 1 135 ? -3.651  -4.914  11.216  1.00 33.82 ? 131 GLN A C   1 
ATOM   917  O O   . GLN A 1 135 ? -3.746  -5.190  9.985   1.00 31.91 ? 131 GLN A O   1 
ATOM   918  C CB  . GLN A 1 135 ? -1.436  -3.937  11.908  1.00 35.86 ? 131 GLN A CB  1 
ATOM   919  C CG  . GLN A 1 135 ? -0.201  -4.114  12.740  1.00 40.74 ? 131 GLN A CG  1 
ATOM   920  C CD  . GLN A 1 135 ? 0.700   -2.916  12.709  1.00 48.32 ? 131 GLN A CD  1 
ATOM   921  O OE1 . GLN A 1 135 ? 0.321   -1.809  13.125  1.00 51.09 ? 131 GLN A OE1 1 
ATOM   922  N NE2 . GLN A 1 135 ? 1.896   -3.114  12.208  1.00 49.30 ? 131 GLN A NE2 1 
ATOM   923  N N   . LYS A 1 136 ? -4.699  -4.455  11.916  1.00 31.66 ? 132 LYS A N   1 
ATOM   924  C CA  . LYS A 1 136 ? -6.037  -4.520  11.295  1.00 30.25 ? 132 LYS A CA  1 
ATOM   925  C C   . LYS A 1 136 ? -6.186  -3.703  9.983   1.00 27.31 ? 132 LYS A C   1 
ATOM   926  O O   . LYS A 1 136 ? -6.845  -4.169  9.020   1.00 29.44 ? 132 LYS A O   1 
ATOM   927  C CB  . LYS A 1 136 ? -7.147  -4.194  12.353  1.00 30.15 ? 132 LYS A CB  1 
ATOM   928  C CG  . LYS A 1 136 ? -8.456  -4.911  12.079  1.00 33.06 ? 132 LYS A CG  1 
ATOM   929  C CD  . LYS A 1 136 ? -8.391  -6.338  12.602  1.00 40.83 ? 132 LYS A CD  1 
ATOM   930  C CE  . LYS A 1 136 ? -9.444  -7.214  11.894  1.00 46.84 ? 132 LYS A CE  1 
ATOM   931  N NZ  . LYS A 1 136 ? -9.403  -8.649  12.399  1.00 46.14 ? 132 LYS A NZ  1 
ATOM   932  N N   . PRO A 1 137 ? -5.619  -2.477  9.928   1.00 26.33 ? 133 PRO A N   1 
ATOM   933  C CA  . PRO A 1 137 ? -5.723  -1.675  8.721   1.00 25.40 ? 133 PRO A CA  1 
ATOM   934  C C   . PRO A 1 137 ? -4.954  -2.333  7.562   1.00 24.40 ? 133 PRO A C   1 
ATOM   935  O O   . PRO A 1 137 ? -5.457  -2.285  6.474   1.00 22.77 ? 133 PRO A O   1 
ATOM   936  C CB  . PRO A 1 137 ? -5.051  -0.346  9.085   1.00 26.10 ? 133 PRO A CB  1 
ATOM   937  C CG  . PRO A 1 137 ? -4.983  -0.332  10.535  1.00 26.88 ? 133 PRO A CG  1 
ATOM   938  C CD  . PRO A 1 137 ? -4.791  -1.771  10.922  1.00 27.34 ? 133 PRO A CD  1 
ATOM   939  N N   . PHE A 1 138 ? -3.848  -3.034  7.828   1.00 22.85 ? 134 PHE A N   1 
ATOM   940  C CA  . PHE A 1 138 ? -3.145  -3.773  6.785   1.00 22.23 ? 134 PHE A CA  1 
ATOM   941  C C   . PHE A 1 138 ? -4.002  -4.946  6.365   1.00 22.55 ? 134 PHE A C   1 
ATOM   942  O O   . PHE A 1 138 ? -4.185  -5.219  5.178   1.00 21.97 ? 134 PHE A O   1 
ATOM   943  C CB  . PHE A 1 138 ? -1.772  -4.247  7.287   1.00 21.69 ? 134 PHE A CB  1 
ATOM   944  C CG  . PHE A 1 138 ? -0.866  -4.786  6.158   1.00 21.82 ? 134 PHE A CG  1 
ATOM   945  C CD1 . PHE A 1 138 ? 0.015   -3.950  5.510   1.00 21.91 ? 134 PHE A CD1 1 
ATOM   946  C CD2 . PHE A 1 138 ? -0.923  -6.124  5.785   1.00 22.76 ? 134 PHE A CD2 1 
ATOM   947  C CE1 . PHE A 1 138 ? 0.882   -4.437  4.497   1.00 21.83 ? 134 PHE A CE1 1 
ATOM   948  C CE2 . PHE A 1 138 ? -0.084  -6.602  4.711   1.00 21.25 ? 134 PHE A CE2 1 
ATOM   949  C CZ  . PHE A 1 138 ? 0.784   -5.759  4.099   1.00 19.72 ? 134 PHE A CZ  1 
ATOM   950  N N   . GLU A 1 139 ? -4.535  -5.705  7.339   1.00 24.08 ? 135 GLU A N   1 
ATOM   951  C CA  . GLU A 1 139 ? -5.308  -6.867  6.984   1.00 24.10 ? 135 GLU A CA  1 
ATOM   952  C C   . GLU A 1 139 ? -6.563  -6.520  6.212   1.00 22.71 ? 135 GLU A C   1 
ATOM   953  O O   . GLU A 1 139 ? -6.901  -7.174  5.200   1.00 22.70 ? 135 GLU A O   1 
ATOM   954  C CB  . GLU A 1 139 ? -5.744  -7.599  8.259   1.00 23.38 ? 135 GLU A CB  1 
ATOM   955  C CG  . GLU A 1 139 ? -6.697  -8.720  8.058   1.00 27.84 ? 135 GLU A CG  1 
ATOM   956  C CD  . GLU A 1 139 ? -7.272  -9.159  9.437   1.00 30.80 ? 135 GLU A CD  1 
ATOM   957  O OE1 . GLU A 1 139 ? -6.438  -9.437  10.307  1.00 30.52 ? 135 GLU A OE1 1 
ATOM   958  O OE2 . GLU A 1 139 ? -8.510  -9.114  9.636   1.00 31.77 ? 135 GLU A OE2 1 
ATOM   959  N N   . ASP A 1 140 ? -7.294  -5.515  6.701   1.00 21.13 ? 136 ASP A N   1 
ATOM   960  C CA  . ASP A 1 140 ? -8.509  -5.104  6.032   1.00 21.60 ? 136 ASP A CA  1 
ATOM   961  C C   . ASP A 1 140 ? -8.224  -4.743  4.579   1.00 19.71 ? 136 ASP A C   1 
ATOM   962  O O   . ASP A 1 140 ? -8.906  -5.173  3.650   1.00 20.84 ? 136 ASP A O   1 
ATOM   963  C CB  . ASP A 1 140 ? -9.163  -3.931  6.755   1.00 22.20 ? 136 ASP A CB  1 
ATOM   964  C CG  . ASP A 1 140 ? -9.969  -4.375  7.979   1.00 26.32 ? 136 ASP A CG  1 
ATOM   965  O OD1 . ASP A 1 140 ? -10.260 -5.593  8.186   1.00 23.65 ? 136 ASP A OD1 1 
ATOM   966  O OD2 . ASP A 1 140 ? -10.273 -3.490  8.758   1.00 31.30 ? 136 ASP A OD2 1 
ATOM   967  N N   . ALA A 1 141 ? -7.216  -3.930  4.378   1.00 21.74 ? 137 ALA A N   1 
ATOM   968  C CA  . ALA A 1 141 ? -6.863  -3.503  3.008   1.00 21.29 ? 137 ALA A CA  1 
ATOM   969  C C   . ALA A 1 141 ? -6.515  -4.754  2.210   1.00 20.61 ? 137 ALA A C   1 
ATOM   970  O O   . ALA A 1 141 ? -6.976  -4.904  1.095   1.00 21.88 ? 137 ALA A O   1 
ATOM   971  C CB  . ALA A 1 141 ? -5.635  -2.498  3.027   1.00 22.34 ? 137 ALA A CB  1 
ATOM   972  N N   . SER A 1 142 ? -5.677  -5.625  2.758   1.00 21.17 ? 138 SER A N   1 
ATOM   973  C CA  . SER A 1 142 ? -5.294  -6.848  2.034   1.00 21.12 ? 138 SER A CA  1 
ATOM   974  C C   . SER A 1 142 ? -6.461  -7.645  1.539   1.00 21.98 ? 138 SER A C   1 
ATOM   975  O O   . SER A 1 142 ? -6.458  -8.112  0.376   1.00 22.23 ? 138 SER A O   1 
ATOM   976  C CB  . SER A 1 142 ? -4.433  -7.729  2.920   1.00 18.67 ? 138 SER A CB  1 
ATOM   977  O OG  . SER A 1 142 ? -3.200  -7.064  3.156   1.00 20.08 ? 138 SER A OG  1 
ATOM   978  N N   . PHE A 1 143 ? -7.445  -7.865  2.429   1.00 23.08 ? 139 PHE A N   1 
ATOM   979  C CA  . PHE A 1 143 ? -8.556  -8.694  2.115   1.00 24.72 ? 139 PHE A CA  1 
ATOM   980  C C   . PHE A 1 143 ? -9.610  -7.996  1.264   1.00 25.70 ? 139 PHE A C   1 
ATOM   981  O O   . PHE A 1 143 ? -10.510 -8.649  0.780   1.00 25.48 ? 139 PHE A O   1 
ATOM   982  C CB  . PHE A 1 143 ? -9.201  -9.259  3.414   1.00 27.01 ? 139 PHE A CB  1 
ATOM   983  C CG  . PHE A 1 143 ? -8.523  -10.533 3.867   1.00 28.03 ? 139 PHE A CG  1 
ATOM   984  C CD1 . PHE A 1 143 ? -7.397  -10.470 4.667   1.00 29.33 ? 139 PHE A CD1 1 
ATOM   985  C CD2 . PHE A 1 143 ? -8.987  -11.779 3.405   1.00 28.36 ? 139 PHE A CD2 1 
ATOM   986  C CE1 . PHE A 1 143 ? -6.725  -11.631 5.066   1.00 28.22 ? 139 PHE A CE1 1 
ATOM   987  C CE2 . PHE A 1 143 ? -8.343  -12.926 3.777   1.00 29.61 ? 139 PHE A CE2 1 
ATOM   988  C CZ  . PHE A 1 143 ? -7.187  -12.851 4.637   1.00 27.56 ? 139 PHE A CZ  1 
ATOM   989  N N   . ALA A 1 144 ? -9.503  -6.678  1.117   1.00 23.99 ? 140 ALA A N   1 
ATOM   990  C CA  . ALA A 1 144 ? -10.460 -5.950  0.284   1.00 23.81 ? 140 ALA A CA  1 
ATOM   991  C C   . ALA A 1 144 ? -9.917  -5.822  -1.144  1.00 24.30 ? 140 ALA A C   1 
ATOM   992  O O   . ALA A 1 144 ? -10.691 -5.579  -2.064  1.00 26.24 ? 140 ALA A O   1 
ATOM   993  C CB  . ALA A 1 144 ? -10.768 -4.517  0.863   1.00 19.94 ? 140 ALA A CB  1 
ATOM   994  N N   . LEU A 1 145 ? -8.604  -6.001  -1.326  1.00 23.23 ? 141 LEU A N   1 
ATOM   995  C CA  . LEU A 1 145 ? -8.013  -6.013  -2.677  1.00 24.99 ? 141 LEU A CA  1 
ATOM   996  C C   . LEU A 1 145 ? -8.437  -7.271  -3.403  1.00 25.94 ? 141 LEU A C   1 
ATOM   997  O O   . LEU A 1 145 ? -8.621  -8.316  -2.792  1.00 25.78 ? 141 LEU A O   1 
ATOM   998  C CB  . LEU A 1 145 ? -6.485  -5.975  -2.607  1.00 23.15 ? 141 LEU A CB  1 
ATOM   999  C CG  . LEU A 1 145 ? -5.861  -4.699  -2.025  1.00 22.95 ? 141 LEU A CG  1 
ATOM   1000 C CD1 . LEU A 1 145 ? -4.373  -4.975  -1.754  1.00 18.01 ? 141 LEU A CD1 1 
ATOM   1001 C CD2 . LEU A 1 145 ? -6.045  -3.541  -3.012  1.00 21.21 ? 141 LEU A CD2 1 
ATOM   1002 N N   . ARG A 1 146 ? -8.655  -7.136  -4.699  1.00 27.30 ? 142 ARG A N   1 
ATOM   1003 C CA  . ARG A 1 146 ? -8.698  -8.257  -5.599  1.00 29.13 ? 142 ARG A CA  1 
ATOM   1004 C C   . ARG A 1 146 ? -7.277  -8.736  -6.047  1.00 27.86 ? 142 ARG A C   1 
ATOM   1005 O O   . ARG A 1 146 ? -6.283  -7.986  -6.027  1.00 23.34 ? 142 ARG A O   1 
ATOM   1006 C CB  . ARG A 1 146 ? -9.545  -7.869  -6.826  1.00 31.79 ? 142 ARG A CB  1 
ATOM   1007 C CG  . ARG A 1 146 ? -11.118 -7.803  -6.558  1.00 38.89 ? 142 ARG A CG  1 
ATOM   1008 C CD  . ARG A 1 146 ? -11.781 -6.387  -6.526  1.00 46.43 ? 142 ARG A CD  1 
ATOM   1009 N NE  . ARG A 1 146 ? -11.789 -5.598  -7.794  1.00 51.97 ? 142 ARG A NE  1 
ATOM   1010 C CZ  . ARG A 1 146 ? -10.728 -4.912  -8.304  1.00 55.55 ? 142 ARG A CZ  1 
ATOM   1011 N NH1 . ARG A 1 146 ? -10.829 -4.196  -9.443  1.00 56.43 ? 142 ARG A NH1 1 
ATOM   1012 N NH2 . ARG A 1 146 ? -9.534  -4.950  -7.697  1.00 52.25 ? 142 ARG A NH2 1 
ATOM   1013 N N   . THR A 1 147 ? -7.175  -10.011 -6.434  1.00 28.38 ? 143 THR A N   1 
ATOM   1014 C CA  . THR A 1 147 ? -5.878  -10.556 -6.830  1.00 28.54 ? 143 THR A CA  1 
ATOM   1015 C C   . THR A 1 147 ? -5.339  -9.641  -7.908  1.00 27.35 ? 143 THR A C   1 
ATOM   1016 O O   . THR A 1 147 ? -6.101  -9.295  -8.796  1.00 28.50 ? 143 THR A O   1 
ATOM   1017 C CB  . THR A 1 147 ? -6.076  -11.966 -7.431  1.00 30.02 ? 143 THR A CB  1 
ATOM   1018 O OG1 . THR A 1 147 ? -6.264  -12.825 -6.323  1.00 32.56 ? 143 THR A OG1 1 
ATOM   1019 C CG2 . THR A 1 147 ? -4.782  -12.429 -8.161  1.00 28.41 ? 143 THR A CG2 1 
ATOM   1020 N N   . GLY A 1 148 ? -4.074  -9.241  -7.847  1.00 25.41 ? 144 GLY A N   1 
ATOM   1021 C CA  . GLY A 1 148 ? -3.476  -8.334  -8.813  1.00 26.04 ? 144 GLY A CA  1 
ATOM   1022 C C   . GLY A 1 148 ? -3.554  -6.845  -8.459  1.00 26.49 ? 144 GLY A C   1 
ATOM   1023 O O   . GLY A 1 148 ? -2.863  -6.035  -9.014  1.00 26.18 ? 144 GLY A O   1 
ATOM   1024 N N   . GLU A 1 149 ? -4.414  -6.485  -7.515  1.00 24.65 ? 145 GLU A N   1 
ATOM   1025 C CA  . GLU A 1 149 ? -4.695  -5.076  -7.264  1.00 26.10 ? 145 GLU A CA  1 
ATOM   1026 C C   . GLU A 1 149 ? -3.774  -4.518  -6.212  1.00 24.44 ? 145 GLU A C   1 
ATOM   1027 O O   . GLU A 1 149 ? -3.298  -5.236  -5.354  1.00 21.49 ? 145 GLU A O   1 
ATOM   1028 C CB  . GLU A 1 149 ? -6.084  -5.013  -6.748  1.00 26.04 ? 145 GLU A CB  1 
ATOM   1029 C CG  . GLU A 1 149 ? -6.889  -4.049  -7.410  1.00 34.54 ? 145 GLU A CG  1 
ATOM   1030 C CD  . GLU A 1 149 ? -7.999  -3.552  -6.464  1.00 43.28 ? 145 GLU A CD  1 
ATOM   1031 O OE1 . GLU A 1 149 ? -8.748  -4.514  -5.946  1.00 38.46 ? 145 GLU A OE1 1 
ATOM   1032 O OE2 . GLU A 1 149 ? -8.089  -2.248  -6.278  1.00 41.67 ? 145 GLU A OE2 1 
ATOM   1033 N N   . MET A 1 150 ? -3.538  -3.228  -6.313  1.00 22.02 ? 146 MET A N   1 
ATOM   1034 C CA  . MET A 1 150 ? -2.682  -2.512  -5.450  1.00 22.89 ? 146 MET A CA  1 
ATOM   1035 C C   . MET A 1 150 ? -3.510  -1.479  -4.618  1.00 20.50 ? 146 MET A C   1 
ATOM   1036 O O   . MET A 1 150 ? -4.462  -0.869  -5.099  1.00 20.09 ? 146 MET A O   1 
ATOM   1037 C CB  . MET A 1 150 ? -1.640  -1.795  -6.269  1.00 21.99 ? 146 MET A CB  1 
ATOM   1038 C CG  . MET A 1 150 ? -0.582  -1.152  -5.394  1.00 25.04 ? 146 MET A CG  1 
ATOM   1039 S SD  . MET A 1 150 ? 0.694   -0.386  -6.369  1.00 25.63 ? 146 MET A SD  1 
ATOM   1040 C CE  . MET A 1 150 ? -0.125  1.125   -6.914  1.00 25.85 ? 146 MET A CE  1 
ATOM   1041 N N   . SER A 1 151 ? -3.118  -1.289  -3.367  1.00 18.99 ? 147 SER A N   1 
ATOM   1042 C CA  . SER A 1 151 ? -3.810  -0.322  -2.523  1.00 17.70 ? 147 SER A CA  1 
ATOM   1043 C C   . SER A 1 151 ? -3.311  1.102   -2.844  1.00 17.90 ? 147 SER A C   1 
ATOM   1044 O O   . SER A 1 151 ? -2.298  1.297   -3.475  1.00 18.02 ? 147 SER A O   1 
ATOM   1045 C CB  . SER A 1 151 ? -3.574  -0.678  -1.047  1.00 15.27 ? 147 SER A CB  1 
ATOM   1046 O OG  . SER A 1 151 ? -2.216  -0.243  -0.677  1.00 16.62 ? 147 SER A OG  1 
ATOM   1047 N N   . GLY A 1 152 ? -3.980  2.123   -2.289  1.00 18.76 ? 148 GLY A N   1 
ATOM   1048 C CA  . GLY A 1 152 ? -3.257  3.363   -2.006  1.00 19.51 ? 148 GLY A CA  1 
ATOM   1049 C C   . GLY A 1 152 ? -2.483  3.313   -0.692  1.00 20.82 ? 148 GLY A C   1 
ATOM   1050 O O   . GLY A 1 152 ? -2.202  2.246   -0.170  1.00 23.18 ? 148 GLY A O   1 
ATOM   1051 N N   . PRO A 1 153 ? -2.156  4.478   -0.143  1.00 22.42 ? 149 PRO A N   1 
ATOM   1052 C CA  . PRO A 1 153 ? -1.441  4.623   1.140   1.00 22.89 ? 149 PRO A CA  1 
ATOM   1053 C C   . PRO A 1 153 ? -2.279  4.069   2.279   1.00 22.00 ? 149 PRO A C   1 
ATOM   1054 O O   . PRO A 1 153 ? -3.428  4.461   2.411   1.00 21.37 ? 149 PRO A O   1 
ATOM   1055 C CB  . PRO A 1 153 ? -1.255  6.168   1.285   1.00 23.40 ? 149 PRO A CB  1 
ATOM   1056 C CG  . PRO A 1 153 ? -1.346  6.682   -0.118  1.00 24.52 ? 149 PRO A CG  1 
ATOM   1057 C CD  . PRO A 1 153 ? -2.463  5.780   -0.762  1.00 21.12 ? 149 PRO A CD  1 
ATOM   1058 N N   . VAL A 1 154 ? -1.749  3.056   2.985   1.00 21.47 ? 150 VAL A N   1 
ATOM   1059 C CA  . VAL A 1 154 ? -2.436  2.428   4.106   1.00 19.90 ? 150 VAL A CA  1 
ATOM   1060 C C   . VAL A 1 154 ? -1.616  2.710   5.363   1.00 20.63 ? 150 VAL A C   1 
ATOM   1061 O O   . VAL A 1 154 ? -0.417  2.435   5.384   1.00 20.71 ? 150 VAL A O   1 
ATOM   1062 C CB  . VAL A 1 154 ? -2.677  0.931   3.854   1.00 18.09 ? 150 VAL A CB  1 
ATOM   1063 C CG1 . VAL A 1 154 ? -3.181  0.198   5.116   1.00 16.58 ? 150 VAL A CG1 1 
ATOM   1064 C CG2 . VAL A 1 154 ? -3.624  0.725   2.711   1.00 21.38 ? 150 VAL A CG2 1 
ATOM   1065 N N   . PHE A 1 155 ? -2.240  3.246   6.422   1.00 20.08 ? 151 PHE A N   1 
ATOM   1066 C CA  . PHE A 1 155 ? -1.480  3.762   7.541   1.00 20.93 ? 151 PHE A CA  1 
ATOM   1067 C C   . PHE A 1 155 ? -1.666  2.693   8.597   1.00 20.78 ? 151 PHE A C   1 
ATOM   1068 O O   . PHE A 1 155 ? -2.786  2.228   8.800   1.00 23.50 ? 151 PHE A O   1 
ATOM   1069 C CB  . PHE A 1 155 ? -2.083  5.105   8.050   1.00 20.51 ? 151 PHE A CB  1 
ATOM   1070 C CG  . PHE A 1 155 ? -1.877  6.245   7.116   1.00 20.94 ? 151 PHE A CG  1 
ATOM   1071 C CD1 . PHE A 1 155 ? -2.673  6.339   5.944   1.00 23.66 ? 151 PHE A CD1 1 
ATOM   1072 C CD2 . PHE A 1 155 ? -0.942  7.196   7.355   1.00 20.11 ? 151 PHE A CD2 1 
ATOM   1073 C CE1 . PHE A 1 155 ? -2.540  7.393   5.078   1.00 24.84 ? 151 PHE A CE1 1 
ATOM   1074 C CE2 . PHE A 1 155 ? -0.769  8.259   6.453   1.00 22.72 ? 151 PHE A CE2 1 
ATOM   1075 C CZ  . PHE A 1 155 ? -1.579  8.335   5.298   1.00 23.16 ? 151 PHE A CZ  1 
ATOM   1076 N N   . THR A 1 156 ? -0.583  2.295   9.235   1.00 21.53 ? 152 THR A N   1 
ATOM   1077 C CA  . THR A 1 156 ? -0.578  1.403   10.430  1.00 22.56 ? 152 THR A CA  1 
ATOM   1078 C C   . THR A 1 156 ? 0.412   2.021   11.411  1.00 23.19 ? 152 THR A C   1 
ATOM   1079 O O   . THR A 1 156 ? 1.114   3.006   11.099  1.00 22.98 ? 152 THR A O   1 
ATOM   1080 C CB  . THR A 1 156 ? -0.041  -0.039  10.087  1.00 22.12 ? 152 THR A CB  1 
ATOM   1081 O OG1 . THR A 1 156 ? 1.348   0.108   9.833   1.00 22.12 ? 152 THR A OG1 1 
ATOM   1082 C CG2 . THR A 1 156 ? -0.757  -0.721  8.869   1.00 18.77 ? 152 THR A CG2 1 
ATOM   1083 N N   . ASP A 1 157 ? 0.502   1.471   12.628  1.00 26.20 ? 153 ASP A N   1 
ATOM   1084 C CA  . ASP A 1 157 ? 1.569   1.908   13.543  1.00 28.03 ? 153 ASP A CA  1 
ATOM   1085 C C   . ASP A 1 157 ? 2.967   1.668   13.042  1.00 27.66 ? 153 ASP A C   1 
ATOM   1086 O O   . ASP A 1 157 ? 3.884   2.275   13.546  1.00 28.75 ? 153 ASP A O   1 
ATOM   1087 C CB  . ASP A 1 157 ? 1.403   1.215   14.888  1.00 28.41 ? 153 ASP A CB  1 
ATOM   1088 C CG  . ASP A 1 157 ? 0.121   1.639   15.580  1.00 34.47 ? 153 ASP A CG  1 
ATOM   1089 O OD1 . ASP A 1 157 ? -0.416  2.741   15.277  1.00 37.08 ? 153 ASP A OD1 1 
ATOM   1090 O OD2 . ASP A 1 157 ? -0.396  0.871   16.399  1.00 43.67 ? 153 ASP A OD2 1 
ATOM   1091 N N   . SER A 1 158 ? 3.178   0.773   12.056  1.00 28.75 ? 154 SER A N   1 
ATOM   1092 C CA  . SER A 1 158 ? 4.543   0.668   11.478  1.00 25.45 ? 154 SER A CA  1 
ATOM   1093 C C   . SER A 1 158 ? 4.889   1.805   10.600  1.00 24.77 ? 154 SER A C   1 
ATOM   1094 O O   . SER A 1 158 ? 6.081   2.081   10.401  1.00 24.89 ? 154 SER A O   1 
ATOM   1095 C CB  . SER A 1 158 ? 4.769   -0.569  10.633  1.00 25.40 ? 154 SER A CB  1 
ATOM   1096 O OG  . SER A 1 158 ? 4.356   -1.644  11.370  1.00 26.38 ? 154 SER A OG  1 
ATOM   1097 N N   . GLY A 1 159 ? 3.883   2.414   9.975   1.00 23.24 ? 155 GLY A N   1 
ATOM   1098 C CA  . GLY A 1 159 ? 4.200   3.470   8.997   1.00 21.94 ? 155 GLY A CA  1 
ATOM   1099 C C   . GLY A 1 159 ? 3.162   3.507   7.890   1.00 20.49 ? 155 GLY A C   1 
ATOM   1100 O O   . GLY A 1 159 ? 1.979   3.318   8.146   1.00 22.67 ? 155 GLY A O   1 
ATOM   1101 N N   . ILE A 1 160 ? 3.595   3.806   6.669   1.00 21.54 ? 156 ILE A N   1 
ATOM   1102 C CA  . ILE A 1 160 ? 2.646   3.984   5.542   1.00 19.76 ? 156 ILE A CA  1 
ATOM   1103 C C   . ILE A 1 160 ? 3.023   2.929   4.514   1.00 19.45 ? 156 ILE A C   1 
ATOM   1104 O O   . ILE A 1 160 ? 4.185   2.855   4.123   1.00 19.65 ? 156 ILE A O   1 
ATOM   1105 C CB  . ILE A 1 160 ? 2.739   5.389   4.895   1.00 18.89 ? 156 ILE A CB  1 
ATOM   1106 C CG1 . ILE A 1 160 ? 2.645   6.489   5.973   1.00 22.99 ? 156 ILE A CG1 1 
ATOM   1107 C CG2 . ILE A 1 160 ? 1.605   5.533   3.926   1.00 21.20 ? 156 ILE A CG2 1 
ATOM   1108 C CD1 . ILE A 1 160 ? 2.680   7.985   5.368   1.00 17.67 ? 156 ILE A CD1 1 
ATOM   1109 N N   . HIS A 1 161 ? 2.052   2.110   4.105   1.00 19.60 ? 157 HIS A N   1 
ATOM   1110 C CA  . HIS A 1 161 ? 2.313   1.030   3.124   1.00 19.49 ? 157 HIS A CA  1 
ATOM   1111 C C   . HIS A 1 161 ? 1.595   1.226   1.753   1.00 21.25 ? 157 HIS A C   1 
ATOM   1112 O O   . HIS A 1 161 ? 0.480   1.830   1.693   1.00 19.21 ? 157 HIS A O   1 
ATOM   1113 C CB  . HIS A 1 161 ? 1.740   -0.266  3.658   1.00 19.58 ? 157 HIS A CB  1 
ATOM   1114 C CG  . HIS A 1 161 ? 2.045   -0.554  5.096   1.00 20.72 ? 157 HIS A CG  1 
ATOM   1115 N ND1 . HIS A 1 161 ? 2.800   -1.656  5.493   1.00 23.84 ? 157 HIS A ND1 1 
ATOM   1116 C CD2 . HIS A 1 161 ? 1.625   0.042   6.243   1.00 20.95 ? 157 HIS A CD2 1 
ATOM   1117 C CE1 . HIS A 1 161 ? 2.811   -1.739  6.817   1.00 22.28 ? 157 HIS A CE1 1 
ATOM   1118 N NE2 . HIS A 1 161 ? 2.108   -0.719  7.303   1.00 21.66 ? 157 HIS A NE2 1 
ATOM   1119 N N   . ILE A 1 162 ? 2.173   0.602   0.732   1.00 17.98 ? 158 ILE A N   1 
ATOM   1120 C CA  . ILE A 1 162 ? 1.503   0.309   -0.546  1.00 18.76 ? 158 ILE A CA  1 
ATOM   1121 C C   . ILE A 1 162 ? 1.435   -1.207  -0.514  1.00 19.04 ? 158 ILE A C   1 
ATOM   1122 O O   . ILE A 1 162 ? 2.449   -1.896  -0.275  1.00 17.94 ? 158 ILE A O   1 
ATOM   1123 C CB  . ILE A 1 162 ? 2.388   0.697   -1.736  1.00 19.43 ? 158 ILE A CB  1 
ATOM   1124 C CG1 . ILE A 1 162 ? 2.593   2.190   -1.758  1.00 21.39 ? 158 ILE A CG1 1 
ATOM   1125 C CG2 . ILE A 1 162 ? 1.732   0.260   -3.104  1.00 19.99 ? 158 ILE A CG2 1 
ATOM   1126 C CD1 . ILE A 1 162 ? 3.881   2.665   -2.602  1.00 21.94 ? 158 ILE A CD1 1 
ATOM   1127 N N   . ILE A 1 163 ? 0.248   -1.727  -0.709  1.00 18.94 ? 159 ILE A N   1 
ATOM   1128 C CA  . ILE A 1 163 ? 0.037   -3.196  -0.618  1.00 19.21 ? 159 ILE A CA  1 
ATOM   1129 C C   . ILE A 1 163 ? -0.342  -3.745  -2.010  1.00 19.74 ? 159 ILE A C   1 
ATOM   1130 O O   . ILE A 1 163 ? -1.209  -3.189  -2.679  1.00 19.92 ? 159 ILE A O   1 
ATOM   1131 C CB  . ILE A 1 163 ? -1.066  -3.552  0.416   1.00 17.85 ? 159 ILE A CB  1 
ATOM   1132 C CG1 . ILE A 1 163 ? -0.795  -2.774  1.724   1.00 17.05 ? 159 ILE A CG1 1 
ATOM   1133 C CG2 . ILE A 1 163 ? -1.274  -5.105  0.601   1.00 12.84 ? 159 ILE A CG2 1 
ATOM   1134 C CD1 . ILE A 1 163 ? -1.946  -3.014  2.867   1.00 14.97 ? 159 ILE A CD1 1 
ATOM   1135 N N   . LEU A 1 164 ? 0.289   -4.860  -2.407  1.00 18.39 ? 160 LEU A N   1 
ATOM   1136 C CA  . LEU A 1 164 ? -0.119  -5.488  -3.669  1.00 19.02 ? 160 LEU A CA  1 
ATOM   1137 C C   . LEU A 1 164 ? -0.631  -6.907  -3.343  1.00 17.47 ? 160 LEU A C   1 
ATOM   1138 O O   . LEU A 1 164 ? 0.063   -7.700  -2.799  1.00 20.11 ? 160 LEU A O   1 
ATOM   1139 C CB  . LEU A 1 164 ? 1.079   -5.462  -4.651  1.00 17.78 ? 160 LEU A CB  1 
ATOM   1140 C CG  . LEU A 1 164 ? 0.910   -6.259  -5.953  1.00 20.82 ? 160 LEU A CG  1 
ATOM   1141 C CD1 . LEU A 1 164 ? 0.051   -5.482  -6.952  1.00 19.75 ? 160 LEU A CD1 1 
ATOM   1142 C CD2 . LEU A 1 164 ? 2.246   -6.589  -6.545  1.00 21.80 ? 160 LEU A CD2 1 
ATOM   1143 N N   . ARG A 1 165 ? -1.875  -7.228  -3.678  1.00 19.63 ? 161 ARG A N   1 
ATOM   1144 C CA  . ARG A 1 165 ? -2.348  -8.601  -3.466  1.00 19.66 ? 161 ARG A CA  1 
ATOM   1145 C C   . ARG A 1 165 ? -1.922  -9.453  -4.650  1.00 21.78 ? 161 ARG A C   1 
ATOM   1146 O O   . ARG A 1 165 ? -2.248  -9.152  -5.825  1.00 24.11 ? 161 ARG A O   1 
ATOM   1147 C CB  . ARG A 1 165 ? -3.843  -8.665  -3.303  1.00 19.03 ? 161 ARG A CB  1 
ATOM   1148 C CG  . ARG A 1 165 ? -4.248  -10.076 -3.025  1.00 24.27 ? 161 ARG A CG  1 
ATOM   1149 C CD  . ARG A 1 165 ? -5.739  -10.202 -2.714  1.00 27.51 ? 161 ARG A CD  1 
ATOM   1150 N NE  . ARG A 1 165 ? -6.099  -11.610 -2.784  1.00 28.55 ? 161 ARG A NE  1 
ATOM   1151 C CZ  . ARG A 1 165 ? -7.347  -12.046 -3.028  1.00 37.33 ? 161 ARG A CZ  1 
ATOM   1152 N NH1 . ARG A 1 165 ? -8.334  -11.152 -3.215  1.00 37.02 ? 161 ARG A NH1 1 
ATOM   1153 N NH2 . ARG A 1 165 ? -7.632  -13.375 -3.100  1.00 31.73 ? 161 ARG A NH2 1 
ATOM   1154 N N   . THR A 1 166 ? -1.151  -10.486 -4.367  1.00 23.87 ? 162 THR A N   1 
ATOM   1155 C CA  . THR A 1 166 ? -0.600  -11.259 -5.478  1.00 25.34 ? 162 THR A CA  1 
ATOM   1156 C C   . THR A 1 166 ? -1.287  -12.621 -5.592  1.00 27.19 ? 162 THR A C   1 
ATOM   1157 O O   . THR A 1 166 ? -1.056  -13.314 -6.586  1.00 27.64 ? 162 THR A O   1 
ATOM   1158 C CB  . THR A 1 166 ? 0.903   -11.528 -5.250  1.00 24.18 ? 162 THR A CB  1 
ATOM   1159 O OG1 . THR A 1 166 ? 1.033   -12.226 -4.027  1.00 25.90 ? 162 THR A OG1 1 
ATOM   1160 C CG2 . THR A 1 166 ? 1.751   -10.143 -5.307  1.00 24.34 ? 162 THR A CG2 1 
ATOM   1161 N N   . GLU A 1 167 ? -1.992  -13.063 -4.548  1.00 27.32 ? 163 GLU A N   1 
ATOM   1162 C CA  . GLU A 1 167 ? -2.876  -14.278 -4.593  1.00 29.37 ? 163 GLU A CA  1 
ATOM   1163 C C   . GLU A 1 167 ? -4.074  -14.135 -3.682  1.00 29.58 ? 163 GLU A C   1 
ATOM   1164 O O   . GLU A 1 167 ? -4.100  -13.339 -2.691  1.00 28.55 ? 163 GLU A O   1 
ATOM   1165 C CB  . GLU A 1 167 ? -2.152  -15.594 -4.167  1.00 29.87 ? 163 GLU A CB  1 
ATOM   1166 C CG  . GLU A 1 167 ? -0.959  -15.958 -5.040  1.00 32.99 ? 163 GLU A CG  1 
ATOM   1167 C CD  . GLU A 1 167 ? -0.174  -17.187 -4.480  1.00 40.39 ? 163 GLU A CD  1 
ATOM   1168 O OE1 . GLU A 1 167 ? -0.736  -17.913 -3.622  1.00 44.30 ? 163 GLU A OE1 1 
ATOM   1169 O OE2 . GLU A 1 167 ? 1.007   -17.392 -4.859  1.00 39.23 ? 163 GLU A OE2 1 
ATOM   1170 O OXT . GLU A 1 167 ? -5.026  -14.925 -3.883  1.00 28.57 ? 163 GLU A OXT 1 
HETATM 1171 C C1  . 4D7 B 2 .   ? 1.901   -5.068  8.695   1.00 33.10 ? 164 4D7 A C1  1 
HETATM 1172 C C2  . 4D7 B 2 .   ? 2.424   -5.879  7.693   1.00 31.68 ? 164 4D7 A C2  1 
HETATM 1173 C C3  . 4D7 B 2 .   ? 3.796   -5.916  7.473   1.00 30.70 ? 164 4D7 A C3  1 
HETATM 1174 C C4  . 4D7 B 2 .   ? 2.749   -4.294  9.477   1.00 28.88 ? 164 4D7 A C4  1 
HETATM 1175 N N5  . 4D7 B 2 .   ? 5.145   -3.717  9.836   1.00 32.04 ? 164 4D7 A N5  1 
HETATM 1176 C C6  . 4D7 B 2 .   ? 4.121   -4.333  9.256   1.00 34.61 ? 164 4D7 A C6  1 
HETATM 1177 C C7  . 4D7 B 2 .   ? 4.642   -5.141  8.258   1.00 29.96 ? 164 4D7 A C7  1 
HETATM 1178 N N8  . 4D7 B 2 .   ? 5.962   -4.982  8.274   1.00 30.56 ? 164 4D7 A N8  1 
HETATM 1179 C C9  . 4D7 B 2 .   ? 6.268   -4.113  9.236   1.00 34.99 ? 164 4D7 A C9  1 
HETATM 1180 C C10 . 4D7 B 2 .   ? 7.680   -3.644  9.596   1.00 40.92 ? 164 4D7 A C10 1 
HETATM 1181 C C11 . 4D7 B 2 .   ? 8.349   -4.617  10.569  1.00 52.48 ? 164 4D7 A C11 1 
HETATM 1182 C C12 . 4D7 B 2 .   ? 9.610   -3.973  11.148  1.00 52.24 ? 164 4D7 A C12 1 
HETATM 1183 O O13 . 4D7 B 2 .   ? 9.533   -3.200  12.100  1.00 50.42 ? 164 4D7 A O13 1 
HETATM 1184 O O14 . 4D7 B 2 .   ? 10.714  -4.223  10.666  1.00 54.56 ? 164 4D7 A O14 1 
HETATM 1185 N N15 . 4D7 B 2 .   ? 8.710   -5.851  9.857   1.00 60.53 ? 164 4D7 A N15 1 
HETATM 1186 C C16 . 4D7 B 2 .   ? 8.020   -6.978  10.006  1.00 69.11 ? 164 4D7 A C16 1 
HETATM 1187 C C17 . 4D7 B 2 .   ? 8.536   -8.165  9.190   1.00 72.57 ? 164 4D7 A C17 1 
HETATM 1188 O O18 . 4D7 B 2 .   ? 7.036   -7.091  10.736  1.00 69.56 ? 164 4D7 A O18 1 
HETATM 1189 C C19 . 4D7 B 2 .   ? 9.603   -8.973  9.530   1.00 75.01 ? 164 4D7 A C19 1 
HETATM 1190 O O20 . 4D7 B 2 .   ? 9.745   -9.908  8.555   1.00 77.35 ? 164 4D7 A O20 1 
HETATM 1191 C C21 . 4D7 B 2 .   ? 8.749   -9.646  7.634   1.00 74.15 ? 164 4D7 A C21 1 
HETATM 1192 C C22 . 4D7 B 2 .   ? 8.031   -8.591  8.035   1.00 72.80 ? 164 4D7 A C22 1 
HETATM 1193 C C23 . 4D7 B 2 .   ? 10.472  -8.838  10.782  1.00 74.71 ? 164 4D7 A C23 1 
HETATM 1194 O O37 . 12P C 3 .   ? -5.921  0.616   -8.067  1.00 42.64 ? 165 12P A O37 1 
HETATM 1195 C C36 . 12P C 3 .   ? -4.822  0.962   -7.218  1.00 35.84 ? 165 12P A C36 1 
HETATM 1196 C C35 . 12P C 3 .   ? -4.773  2.448   -7.419  1.00 37.77 ? 165 12P A C35 1 
HETATM 1197 O O34 . 12P C 3 .   ? -4.822  3.244   -6.271  1.00 30.00 ? 165 12P A O34 1 
HETATM 1198 C C33 . 12P C 3 .   ? -3.588  3.618   -5.652  1.00 29.22 ? 165 12P A C33 1 
HETATM 1199 C C32 . 12P C 3 .   ? -3.908  5.055   -5.262  1.00 23.34 ? 165 12P A C32 1 
HETATM 1200 O O31 . 12P C 3 .   ? -3.581  5.850   -6.398  1.00 28.29 ? 165 12P A O31 1 
HETATM 1201 C C30 . 12P C 3 .   ? -3.600  7.266   -6.150  1.00 29.92 ? 165 12P A C30 1 
HETATM 1202 C C29 . 12P C 3 .   ? -3.093  7.964   -7.421  1.00 33.99 ? 165 12P A C29 1 
HETATM 1203 O O28 . 12P C 3 .   ? -3.637  7.346   -8.580  1.00 35.22 ? 165 12P A O28 1 
HETATM 1204 C C27 . 12P C 3 .   ? -3.355  8.160   -9.709  1.00 34.55 ? 165 12P A C27 1 
HETATM 1205 C C26 . 12P C 3 .   ? -4.225  7.743   -10.870 1.00 37.35 ? 165 12P A C26 1 
HETATM 1206 O O25 . 12P C 3 .   ? -5.532  8.189   -10.547 1.00 38.57 ? 165 12P A O25 1 
HETATM 1207 C C24 . 12P C 3 .   ? -6.472  7.927   -11.581 1.00 37.15 ? 165 12P A C24 1 
HETATM 1208 C C23 . 12P C 3 .   ? -7.805  7.632   -10.910 1.00 39.53 ? 165 12P A C23 1 
HETATM 1209 O O22 . 12P C 3 .   ? -8.742  8.720   -10.914 1.00 41.47 ? 165 12P A O22 1 
HETATM 1210 C C21 . 12P C 3 .   ? -8.259  9.868   -10.299 1.00 39.51 ? 165 12P A C21 1 
HETATM 1211 C C20 . 12P C 3 .   ? -9.414  10.351  -9.478  1.00 39.69 ? 165 12P A C20 1 
HETATM 1212 O O19 . 12P C 3 .   ? -8.909  11.301  -8.550  1.00 43.25 ? 165 12P A O19 1 
HETATM 1213 C C18 . 12P C 3 .   ? -9.089  10.967  -7.167  1.00 47.94 ? 165 12P A C18 1 
HETATM 1214 C C17 . 12P C 3 .   ? -8.480  11.985  -6.190  1.00 50.18 ? 165 12P A C17 1 
HETATM 1215 O O16 . 12P C 3 .   ? -7.288  11.428  -5.630  1.00 51.08 ? 165 12P A O16 1 
HETATM 1216 O O   . HOH D 4 .   ? 7.715   0.631   12.708  1.00 34.80 ? 166 HOH A O   1 
HETATM 1217 O O   . HOH D 4 .   ? -1.806  -0.430  13.021  1.00 41.24 ? 167 HOH A O   1 
HETATM 1218 O O   . HOH D 4 .   ? -5.072  3.876   6.205   1.00 19.15 ? 168 HOH A O   1 
HETATM 1219 O O   . HOH D 4 .   ? 8.756   -4.553  1.751   1.00 22.38 ? 169 HOH A O   1 
HETATM 1220 O O   . HOH D 4 .   ? 3.349   -11.544 -2.771  1.00 25.68 ? 170 HOH A O   1 
HETATM 1221 O O   . HOH D 4 .   ? -8.417  0.067   -13.179 0.50 34.03 ? 171 HOH A O   1 
HETATM 1222 O O   . HOH D 4 .   ? -7.534  11.494  -16.603 1.00 24.26 ? 172 HOH A O   1 
HETATM 1223 O O   . HOH D 4 .   ? -2.566  10.717  -0.306  1.00 51.23 ? 173 HOH A O   1 
HETATM 1224 O O   . HOH D 4 .   ? 14.475  -8.161  -3.573  1.00 26.52 ? 174 HOH A O   1 
HETATM 1225 O O   . HOH D 4 .   ? 16.776  -7.013  -2.350  1.00 25.75 ? 175 HOH A O   1 
HETATM 1226 O O   . HOH D 4 .   ? 1.128   -6.733  10.908  1.00 40.67 ? 176 HOH A O   1 
HETATM 1227 O O   . HOH D 4 .   ? 8.881   8.916   -4.113  1.00 29.70 ? 177 HOH A O   1 
HETATM 1228 O O   . HOH D 4 .   ? -11.295 -6.074  4.320   1.00 30.37 ? 178 HOH A O   1 
HETATM 1229 O O   . HOH D 4 .   ? -6.241  1.199   -10.892 1.00 44.91 ? 179 HOH A O   1 
HETATM 1230 O O   . HOH D 4 .   ? 12.063  6.365   -7.285  1.00 45.93 ? 180 HOH A O   1 
HETATM 1231 O O   . HOH D 4 .   ? 9.471   13.178  1.334   1.00 26.65 ? 181 HOH A O   1 
HETATM 1232 O O   . HOH D 4 .   ? -6.112  11.581  -11.052 1.00 41.56 ? 182 HOH A O   1 
HETATM 1233 O O   . HOH D 4 .   ? -14.951 15.826  -4.495  1.00 49.20 ? 183 HOH A O   1 
HETATM 1234 O O   . HOH D 4 .   ? -9.706  6.768   -0.653  1.00 46.72 ? 184 HOH A O   1 
HETATM 1235 O O   . HOH D 4 .   ? 16.790  -4.893  -0.674  1.00 25.91 ? 185 HOH A O   1 
HETATM 1236 O O   . HOH D 4 .   ? -7.565  7.766   -17.799 1.00 32.12 ? 186 HOH A O   1 
HETATM 1237 O O   . HOH D 4 .   ? 14.073  9.170   7.723   1.00 35.83 ? 187 HOH A O   1 
HETATM 1238 O O   . HOH D 4 .   ? 3.518   14.941  9.550   1.00 32.28 ? 188 HOH A O   1 
HETATM 1239 O O   . HOH D 4 .   ? 6.838   17.578  7.267   1.00 43.33 ? 189 HOH A O   1 
HETATM 1240 O O   . HOH D 4 .   ? 6.312   8.150   -13.885 1.00 46.00 ? 190 HOH A O   1 
HETATM 1241 O O   . HOH D 4 .   ? 11.745  3.988   2.888   1.00 20.76 ? 191 HOH A O   1 
HETATM 1242 O O   . HOH D 4 .   ? 14.690  -10.540 -5.331  1.00 28.06 ? 192 HOH A O   1 
HETATM 1243 O O   . HOH D 4 .   ? -9.437  -15.385 6.696   1.00 40.30 ? 193 HOH A O   1 
HETATM 1244 O O   . HOH D 4 .   ? 14.134  -3.595  8.380   1.00 34.54 ? 194 HOH A O   1 
HETATM 1245 O O   . HOH D 4 .   ? 7.634   -1.858  12.693  1.00 43.36 ? 195 HOH A O   1 
HETATM 1246 O O   . HOH D 4 .   ? 11.387  -5.260  9.080   1.00 32.48 ? 196 HOH A O   1 
HETATM 1247 O O   . HOH D 4 .   ? -2.098  -3.479  -9.489  1.00 34.91 ? 197 HOH A O   1 
HETATM 1248 O O   . HOH D 4 .   ? 5.453   -9.059  9.168   1.00 53.16 ? 198 HOH A O   1 
HETATM 1249 O O   . HOH D 4 .   ? -18.415 10.769  -15.714 1.00 37.83 ? 199 HOH A O   1 
HETATM 1250 O O   . HOH D 4 .   ? 0.234   13.574  6.548   1.00 46.44 ? 200 HOH A O   1 
HETATM 1251 O O   . HOH D 4 .   ? -8.791  9.758   -17.922 1.00 43.47 ? 201 HOH A O   1 
HETATM 1252 O O   . HOH D 4 .   ? 11.349  -11.071 5.452   1.00 46.48 ? 202 HOH A O   1 
HETATM 1253 O O   . HOH D 4 .   ? 11.778  -0.545  -12.000 1.00 40.89 ? 203 HOH A O   1 
HETATM 1254 O O   . HOH D 4 .   ? 20.526  6.760   11.011  1.00 35.60 ? 204 HOH A O   1 
HETATM 1255 O O   . HOH D 4 .   ? 5.170   10.229  -15.444 1.00 40.38 ? 205 HOH A O   1 
HETATM 1256 O O   . HOH D 4 .   ? 13.782  1.528   17.117  1.00 52.49 ? 206 HOH A O   1 
HETATM 1257 O O   . HOH D 4 .   ? 20.735  1.539   2.129   1.00 44.34 ? 207 HOH A O   1 
HETATM 1258 O O   . HOH D 4 .   ? 13.283  9.176   14.873  1.00 42.39 ? 208 HOH A O   1 
HETATM 1259 O O   . HOH D 4 .   ? 14.505  -6.347  -7.626  1.00 41.88 ? 209 HOH A O   1 
HETATM 1260 O O   . HOH D 4 .   ? 9.266   -14.965 -0.947  1.00 37.12 ? 210 HOH A O   1 
HETATM 1261 O O   . HOH D 4 .   ? 20.307  1.088   16.187  1.00 46.55 ? 211 HOH A O   1 
HETATM 1262 O O   . HOH D 4 .   ? 8.685   -14.184 1.498   1.00 42.46 ? 212 HOH A O   1 
HETATM 1263 O O   . HOH D 4 .   ? 15.131  -3.785  -9.767  1.00 44.69 ? 213 HOH A O   1 
HETATM 1264 O O   . HOH D 4 .   ? -10.869 -3.022  -13.448 0.50 38.71 ? 214 HOH A O   1 
HETATM 1265 O O   . HOH D 4 .   ? 4.007   -11.871 -7.660  1.00 48.43 ? 215 HOH A O   1 
HETATM 1266 O O   . HOH D 4 .   ? 5.991   -10.061 -7.219  1.00 44.59 ? 216 HOH A O   1 
HETATM 1267 O O   . HOH D 4 .   ? 8.235   -11.376 -6.951  1.00 40.58 ? 217 HOH A O   1 
HETATM 1268 O O   . HOH D 4 .   ? -15.361 -4.678  5.080   1.00 44.74 ? 218 HOH A O   1 
HETATM 1269 O O   . HOH D 4 .   ? -6.384  9.007   -7.924  1.00 35.98 ? 219 HOH A O   1 
HETATM 1270 O O   . HOH D 4 .   ? 8.630   4.675   19.660  1.00 43.99 ? 220 HOH A O   1 
HETATM 1271 O O   . HOH D 4 .   ? -4.603  0.447   13.972  1.00 48.56 ? 221 HOH A O   1 
HETATM 1272 O O   . HOH D 4 .   ? -21.093 10.872  -8.162  1.00 30.00 ? 222 HOH A O   1 
HETATM 1273 O O   . HOH D 4 .   ? 14.640  4.819   5.135   1.00 33.43 ? 223 HOH A O   1 
HETATM 1274 O O   . HOH D 4 .   ? -13.100 -4.567  5.780   1.00 39.75 ? 224 HOH A O   1 
HETATM 1275 O O   . HOH D 4 .   ? -5.671  11.028  -14.681 1.00 26.19 ? 225 HOH A O   1 
HETATM 1276 O O   . HOH D 4 .   ? -4.565  -10.646 9.263   1.00 33.64 ? 226 HOH A O   1 
HETATM 1277 O O   . HOH D 4 .   ? 16.414  -2.337  11.593  1.00 46.92 ? 227 HOH A O   1 
HETATM 1278 O O   . HOH D 4 .   ? -13.393 -5.145  -2.406  1.00 32.27 ? 228 HOH A O   1 
HETATM 1279 O O   . HOH D 4 .   ? 11.856  6.093   0.998   1.00 32.43 ? 229 HOH A O   1 
HETATM 1280 O O   . HOH D 4 .   ? -11.980 -5.891  10.066  1.00 43.95 ? 230 HOH A O   1 
HETATM 1281 O O   . HOH D 4 .   ? -5.701  -8.813  12.687  1.00 37.54 ? 231 HOH A O   1 
HETATM 1282 O O   . HOH D 4 .   ? 13.243  7.205   -3.022  1.00 40.69 ? 232 HOH A O   1 
HETATM 1283 O O   . HOH D 4 .   ? 6.792   -9.129  -4.280  1.00 28.71 ? 233 HOH A O   1 
HETATM 1284 O O   . HOH D 4 .   ? 13.049  10.831  3.769   1.00 40.98 ? 234 HOH A O   1 
HETATM 1285 O O   . HOH D 4 .   ? 0.015   8.996   -5.978  1.00 36.93 ? 235 HOH A O   1 
HETATM 1286 O O   . HOH D 4 .   ? -20.160 -4.497  -1.465  1.00 42.12 ? 236 HOH A O   1 
HETATM 1287 O O   . HOH D 4 .   ? -17.689 -0.475  3.955   1.00 41.55 ? 237 HOH A O   1 
HETATM 1288 O O   . HOH D 4 .   ? -2.065  2.555   -13.769 1.00 30.82 ? 238 HOH A O   1 
HETATM 1289 O O   . HOH D 4 .   ? 1.674   5.862   9.697   1.00 33.85 ? 239 HOH A O   1 
HETATM 1290 O O   . HOH D 4 .   ? -9.808  -11.847 -6.554  1.00 44.79 ? 240 HOH A O   1 
HETATM 1291 O O   . HOH D 4 .   ? 14.019  7.472   1.148   1.00 42.42 ? 241 HOH A O   1 
HETATM 1292 O O   . HOH D 4 .   ? -14.554 7.250   -14.808 1.00 37.81 ? 242 HOH A O   1 
HETATM 1293 O O   . HOH D 4 .   ? -7.540  -0.322  6.010   1.00 29.00 ? 243 HOH A O   1 
HETATM 1294 O O   . HOH D 4 .   ? -19.151 -0.832  -1.974  1.00 39.36 ? 244 HOH A O   1 
HETATM 1295 O O   . HOH D 4 .   ? 19.097  8.973   10.027  1.00 49.48 ? 245 HOH A O   1 
HETATM 1296 O O   . HOH D 4 .   ? -5.935  -15.835 -6.296  1.00 46.45 ? 246 HOH A O   1 
HETATM 1297 O O   . HOH D 4 .   ? -23.648 -2.864  -6.910  1.00 53.52 ? 247 HOH A O   1 
HETATM 1298 O O   . HOH D 4 .   ? -13.053 7.932   -16.854 1.00 35.24 ? 248 HOH A O   1 
HETATM 1299 O O   . HOH D 4 .   ? -5.092  -1.883  -8.312  1.00 38.92 ? 249 HOH A O   1 
HETATM 1300 O O   . HOH D 4 .   ? 8.850   11.625  -4.032  1.00 40.28 ? 250 HOH A O   1 
HETATM 1301 O O   . HOH D 4 .   ? 2.904   -15.232 5.623   1.00 40.70 ? 251 HOH A O   1 
HETATM 1302 O O   . HOH D 4 .   ? -24.226 -3.023  -4.321  1.00 49.82 ? 252 HOH A O   1 
HETATM 1303 O O   . HOH D 4 .   ? -11.173 -9.061  -2.278  1.00 42.27 ? 253 HOH A O   1 
HETATM 1304 O O   . HOH D 4 .   ? 12.301  6.226   -11.618 1.00 50.54 ? 254 HOH A O   1 
HETATM 1305 O O   . HOH D 4 .   ? 5.787   12.398  12.099  1.00 44.13 ? 255 HOH A O   1 
HETATM 1306 O O   . HOH D 4 .   ? -6.289  7.174   -3.648  1.00 37.76 ? 256 HOH A O   1 
HETATM 1307 O O   . HOH D 4 .   ? -5.694  -16.616 -1.804  1.00 42.83 ? 257 HOH A O   1 
HETATM 1308 O O   . HOH D 4 .   ? -3.006  -17.688 -1.079  1.00 49.70 ? 258 HOH A O   1 
HETATM 1309 O O   . HOH D 4 .   ? 16.046  6.859   -0.814  1.00 48.10 ? 259 HOH A O   1 
HETATM 1310 O O   . HOH D 4 .   ? 21.850  4.631   8.966   1.00 42.74 ? 260 HOH A O   1 
HETATM 1311 O O   . HOH D 4 .   ? 4.545   -12.962 -4.865  1.00 34.96 ? 261 HOH A O   1 
HETATM 1312 O O   . HOH D 4 .   ? -1.466  8.162   -3.942  1.00 36.48 ? 262 HOH A O   1 
HETATM 1313 O O   . HOH D 4 .   ? -20.058 1.139   3.365   1.00 51.49 ? 263 HOH A O   1 
HETATM 1314 O O   . HOH D 4 .   ? 2.496   4.495   15.443  1.00 53.98 ? 264 HOH A O   1 
HETATM 1315 O O   . HOH D 4 .   ? 1.889   -13.051 9.565   1.00 56.09 ? 265 HOH A O   1 
HETATM 1316 O O   . HOH D 4 .   ? -9.182  -1.484  -3.608  1.00 23.55 ? 266 HOH A O   1 
HETATM 1317 O O   . HOH D 4 .   ? -5.525  4.090   -11.372 1.00 34.56 ? 267 HOH A O   1 
HETATM 1318 O O   . HOH D 4 .   ? -10.589 -3.818  -4.314  1.00 23.65 ? 268 HOH A O   1 
HETATM 1319 O O   . HOH D 4 .   ? 18.278  2.119   -4.959  1.00 36.63 ? 269 HOH A O   1 
HETATM 1320 O O   . HOH D 4 .   ? -7.584  4.716   -13.328 1.00 38.67 ? 270 HOH A O   1 
HETATM 1321 O O   . HOH D 4 .   ? -10.245 14.905  -6.845  1.00 43.35 ? 271 HOH A O   1 
HETATM 1322 O O   . HOH D 4 .   ? 9.581   13.304  -1.261  1.00 42.58 ? 272 HOH A O   1 
HETATM 1323 O O   . HOH D 4 .   ? 16.883  5.802   3.784   1.00 42.84 ? 273 HOH A O   1 
HETATM 1324 O O   . HOH D 4 .   ? -2.294  3.502   12.552  1.00 51.02 ? 274 HOH A O   1 
HETATM 1325 O O   . HOH D 4 .   ? -19.175 13.354  -15.352 1.00 55.52 ? 275 HOH A O   1 
HETATM 1326 O O   . HOH D 4 .   ? 11.400  0.846   -15.837 1.00 57.90 ? 276 HOH A O   1 
HETATM 1327 O O   . HOH D 4 .   ? 3.036   14.049  -2.673  1.00 47.43 ? 277 HOH A O   1 
HETATM 1328 O O   . HOH D 4 .   ? 9.939   8.028   -6.646  1.00 49.70 ? 278 HOH A O   1 
HETATM 1329 O O   . HOH D 4 .   ? 5.078   12.953  -3.941  1.00 42.60 ? 279 HOH A O   1 
HETATM 1330 O O   . HOH D 4 .   ? 14.441  3.318   -8.708  1.00 48.97 ? 280 HOH A O   1 
HETATM 1331 O O   . HOH D 4 .   ? -13.637 18.399  -18.031 1.00 44.77 ? 281 HOH A O   1 
HETATM 1332 O O   . HOH D 4 .   ? -18.929 14.592  -17.287 1.00 49.13 ? 282 HOH A O   1 
HETATM 1333 O O   . HOH D 4 .   ? 24.127  0.025   16.123  1.00 54.10 ? 283 HOH A O   1 
HETATM 1334 O O   . HOH D 4 .   ? -13.541 -7.540  -2.102  1.00 43.51 ? 284 HOH A O   1 
HETATM 1335 O O   . HOH D 4 .   ? -11.153 10.286  -2.801  1.00 55.53 ? 285 HOH A O   1 
HETATM 1336 O O   . HOH D 4 .   ? -18.695 4.145   -14.606 1.00 41.36 ? 286 HOH A O   1 
# 
loop_
_pdbx_poly_seq_scheme.asym_id 
_pdbx_poly_seq_scheme.entity_id 
_pdbx_poly_seq_scheme.seq_id 
_pdbx_poly_seq_scheme.mon_id 
_pdbx_poly_seq_scheme.ndb_seq_num 
_pdbx_poly_seq_scheme.pdb_seq_num 
_pdbx_poly_seq_scheme.auth_seq_num 
_pdbx_poly_seq_scheme.pdb_mon_id 
_pdbx_poly_seq_scheme.auth_mon_id 
_pdbx_poly_seq_scheme.pdb_strand_id 
_pdbx_poly_seq_scheme.pdb_ins_code 
_pdbx_poly_seq_scheme.hetero 
A 1 1   GLY 1   -3  ?   ?   ?   A . n 
A 1 2   SER 2   -2  ?   ?   ?   A . n 
A 1 3   HIS 3   -1  ?   ?   ?   A . n 
A 1 4   GLY 4   0   ?   ?   ?   A . n 
A 1 5   MET 5   1   ?   ?   ?   A . n 
A 1 6   ALA 6   2   ?   ?   ?   A . n 
A 1 7   ASP 7   3   ?   ?   ?   A . n 
A 1 8   GLU 8   4   ?   ?   ?   A . n 
A 1 9   GLU 9   5   ?   ?   ?   A . n 
A 1 10  LYS 10  6   ?   ?   ?   A . n 
A 1 11  LEU 11  7   7   LEU LEU A . n 
A 1 12  PRO 12  8   8   PRO PRO A . n 
A 1 13  PRO 13  9   9   PRO PRO A . n 
A 1 14  GLY 14  10  10  GLY GLY A . n 
A 1 15  TRP 15  11  11  TRP TRP A . n 
A 1 16  GLU 16  12  12  GLU GLU A . n 
A 1 17  LYS 17  13  13  LYS LYS A . n 
A 1 18  ALA 18  14  14  ALA ALA A . n 
A 1 19  MET 19  15  15  MET MET A . n 
A 1 20  SER 20  16  16  SER SER A . n 
A 1 21  ARG 21  17  17  ARG ARG A . n 
A 1 22  SER 22  18  18  SER SER A . n 
A 1 23  SER 23  19  19  SER SER A . n 
A 1 24  GLY 24  20  20  GLY GLY A . n 
A 1 25  ARG 25  21  21  ARG ARG A . n 
A 1 26  VAL 26  22  22  VAL VAL A . n 
A 1 27  TYR 27  23  23  TYR TYR A . n 
A 1 28  TYR 28  24  24  TYR TYR A . n 
A 1 29  PHE 29  25  25  PHE PHE A . n 
A 1 30  ASN 30  26  26  ASN ASN A . n 
A 1 31  HIS 31  27  27  HIS HIS A . n 
A 1 32  ILE 32  28  28  ILE ILE A . n 
A 1 33  THR 33  29  29  THR THR A . n 
A 1 34  ASN 34  30  30  ASN ASN A . n 
A 1 35  ALA 35  31  31  ALA ALA A . n 
A 1 36  SER 36  32  32  SER SER A . n 
A 1 37  GLN 37  33  33  GLN GLN A . n 
A 1 38  TRP 38  34  34  TRP TRP A . n 
A 1 39  GLU 39  35  35  GLU GLU A . n 
A 1 40  ARG 40  36  36  ARG ARG A . n 
A 1 41  PRO 41  37  37  PRO PRO A . n 
A 1 42  SER 42  38  38  SER SER A . n 
A 1 43  GLY 43  39  ?   ?   ?   A . n 
A 1 44  ASN 44  40  ?   ?   ?   A . n 
A 1 45  SER 45  41  ?   ?   ?   A . n 
A 1 46  SER 46  42  ?   ?   ?   A . n 
A 1 47  SER 47  43  ?   ?   ?   A . n 
A 1 48  GLY 48  44  ?   ?   ?   A . n 
A 1 49  GLY 49  45  ?   ?   ?   A . n 
A 1 50  LYS 50  46  ?   ?   ?   A . n 
A 1 51  ASN 51  47  ?   ?   ?   A . n 
A 1 52  GLY 52  48  ?   ?   ?   A . n 
A 1 53  GLN 53  49  ?   ?   ?   A . n 
A 1 54  GLY 54  50  ?   ?   ?   A . n 
A 1 55  GLU 55  51  51  GLU GLU A . n 
A 1 56  PRO 56  52  52  PRO PRO A . n 
A 1 57  ALA 57  53  53  ALA ALA A . n 
A 1 58  ARG 58  54  54  ARG ARG A . n 
A 1 59  VAL 59  55  55  VAL VAL A . n 
A 1 60  ARG 60  56  56  ARG ARG A . n 
A 1 61  CYS 61  57  57  CYS CYS A . n 
A 1 62  SER 62  58  58  SER SER A . n 
A 1 63  HIS 63  59  59  HIS HIS A . n 
A 1 64  LEU 64  60  60  LEU LEU A . n 
A 1 65  LEU 65  61  61  LEU LEU A . n 
A 1 66  VAL 66  62  62  VAL VAL A . n 
A 1 67  LYS 67  63  63  LYS LYS A . n 
A 1 68  HIS 68  64  64  HIS HIS A . n 
A 1 69  SER 69  65  65  SER SER A . n 
A 1 70  GLN 70  66  66  GLN GLN A . n 
A 1 71  SER 71  67  67  SER SER A . n 
A 1 72  ARG 72  68  68  ARG ARG A . n 
A 1 73  ARG 73  69  69  ARG ARG A . n 
A 1 74  PRO 74  70  70  PRO PRO A . n 
A 1 75  SER 75  71  71  SER SER A . n 
A 1 76  SER 76  72  72  SER SER A . n 
A 1 77  TRP 77  73  73  TRP TRP A . n 
A 1 78  ARG 78  74  74  ARG ARG A . n 
A 1 79  GLN 79  75  75  GLN GLN A . n 
A 1 80  GLU 80  76  76  GLU GLU A . n 
A 1 81  LYS 81  77  77  LYS LYS A . n 
A 1 82  ILE 82  78  78  ILE ILE A . n 
A 1 83  THR 83  79  79  THR THR A . n 
A 1 84  ARG 84  80  80  ARG ARG A . n 
A 1 85  THR 85  81  81  THR THR A . n 
A 1 86  LYS 86  82  82  LYS LYS A . n 
A 1 87  GLU 87  83  83  GLU GLU A . n 
A 1 88  GLU 88  84  84  GLU GLU A . n 
A 1 89  ALA 89  85  85  ALA ALA A . n 
A 1 90  LEU 90  86  86  LEU LEU A . n 
A 1 91  GLU 91  87  87  GLU GLU A . n 
A 1 92  LEU 92  88  88  LEU LEU A . n 
A 1 93  ILE 93  89  89  ILE ILE A . n 
A 1 94  ASN 94  90  90  ASN ASN A . n 
A 1 95  GLY 95  91  91  GLY GLY A . n 
A 1 96  TYR 96  92  92  TYR TYR A . n 
A 1 97  ILE 97  93  93  ILE ILE A . n 
A 1 98  GLN 98  94  94  GLN GLN A . n 
A 1 99  LYS 99  95  95  LYS LYS A . n 
A 1 100 ILE 100 96  96  ILE ILE A . n 
A 1 101 LYS 101 97  97  LYS LYS A . n 
A 1 102 SER 102 98  98  SER SER A . n 
A 1 103 GLY 103 99  99  GLY GLY A . n 
A 1 104 GLU 104 100 100 GLU GLU A . n 
A 1 105 GLU 105 101 101 GLU GLU A . n 
A 1 106 ASP 106 102 102 ASP ASP A . n 
A 1 107 PHE 107 103 103 PHE PHE A . n 
A 1 108 GLU 108 104 104 GLU GLU A . n 
A 1 109 SER 109 105 105 SER SER A . n 
A 1 110 LEU 110 106 106 LEU LEU A . n 
A 1 111 ALA 111 107 107 ALA ALA A . n 
A 1 112 SER 112 108 108 SER SER A . n 
A 1 113 GLN 113 109 109 GLN GLN A . n 
A 1 114 PHE 114 110 110 PHE PHE A . n 
A 1 115 SER 115 111 111 SER SER A . n 
A 1 116 ASP 116 112 112 ASP ASP A . n 
A 1 117 CYS 117 113 113 CYS CYS A . n 
A 1 118 SER 118 114 114 SER SER A . n 
A 1 119 SER 119 115 115 SER SER A . n 
A 1 120 ALA 120 116 116 ALA ALA A . n 
A 1 121 LYS 121 117 117 LYS LYS A . n 
A 1 122 ALA 122 118 118 ALA ALA A . n 
A 1 123 ARG 123 119 119 ARG ARG A . n 
A 1 124 GLY 124 120 120 GLY GLY A . n 
A 1 125 ASP 125 121 121 ASP ASP A . n 
A 1 126 LEU 126 122 122 LEU LEU A . n 
A 1 127 GLY 127 123 123 GLY GLY A . n 
A 1 128 ALA 128 124 124 ALA ALA A . n 
A 1 129 PHE 129 125 125 PHE PHE A . n 
A 1 130 SER 130 126 126 SER SER A . n 
A 1 131 ARG 131 127 127 ARG ARG A . n 
A 1 132 GLY 132 128 128 GLY GLY A . n 
A 1 133 GLN 133 129 129 GLN GLN A . n 
A 1 134 MET 134 130 130 MET MET A . n 
A 1 135 GLN 135 131 131 GLN GLN A . n 
A 1 136 LYS 136 132 132 LYS LYS A . n 
A 1 137 PRO 137 133 133 PRO PRO A . n 
A 1 138 PHE 138 134 134 PHE PHE A . n 
A 1 139 GLU 139 135 135 GLU GLU A . n 
A 1 140 ASP 140 136 136 ASP ASP A . n 
A 1 141 ALA 141 137 137 ALA ALA A . n 
A 1 142 SER 142 138 138 SER SER A . n 
A 1 143 PHE 143 139 139 PHE PHE A . n 
A 1 144 ALA 144 140 140 ALA ALA A . n 
A 1 145 LEU 145 141 141 LEU LEU A . n 
A 1 146 ARG 146 142 142 ARG ARG A . n 
A 1 147 THR 147 143 143 THR THR A . n 
A 1 148 GLY 148 144 144 GLY GLY A . n 
A 1 149 GLU 149 145 145 GLU GLU A . n 
A 1 150 MET 150 146 146 MET MET A . n 
A 1 151 SER 151 147 147 SER SER A . n 
A 1 152 GLY 152 148 148 GLY GLY A . n 
A 1 153 PRO 153 149 149 PRO PRO A . n 
A 1 154 VAL 154 150 150 VAL VAL A . n 
A 1 155 PHE 155 151 151 PHE PHE A . n 
A 1 156 THR 156 152 152 THR THR A . n 
A 1 157 ASP 157 153 153 ASP ASP A . n 
A 1 158 SER 158 154 154 SER SER A . n 
A 1 159 GLY 159 155 155 GLY GLY A . n 
A 1 160 ILE 160 156 156 ILE ILE A . n 
A 1 161 HIS 161 157 157 HIS HIS A . n 
A 1 162 ILE 162 158 158 ILE ILE A . n 
A 1 163 ILE 163 159 159 ILE ILE A . n 
A 1 164 LEU 164 160 160 LEU LEU A . n 
A 1 165 ARG 165 161 161 ARG ARG A . n 
A 1 166 THR 166 162 162 THR THR A . n 
A 1 167 GLU 167 163 163 GLU GLU A . n 
# 
loop_
_pdbx_nonpoly_scheme.asym_id 
_pdbx_nonpoly_scheme.entity_id 
_pdbx_nonpoly_scheme.mon_id 
_pdbx_nonpoly_scheme.ndb_seq_num 
_pdbx_nonpoly_scheme.pdb_seq_num 
_pdbx_nonpoly_scheme.auth_seq_num 
_pdbx_nonpoly_scheme.pdb_mon_id 
_pdbx_nonpoly_scheme.auth_mon_id 
_pdbx_nonpoly_scheme.pdb_strand_id 
_pdbx_nonpoly_scheme.pdb_ins_code 
B 2 4D7 1   164 1   4D7 4D7 A . 
C 3 12P 1   165 1   12P 12P A . 
D 4 HOH 1   166 1   HOH HOH A . 
D 4 HOH 2   167 2   HOH HOH A . 
D 4 HOH 3   168 3   HOH HOH A . 
D 4 HOH 4   169 4   HOH HOH A . 
D 4 HOH 5   170 5   HOH HOH A . 
D 4 HOH 6   171 171 HOH HOH A . 
D 4 HOH 7   172 6   HOH HOH A . 
D 4 HOH 8   173 173 HOH HOH A . 
D 4 HOH 9   174 8   HOH HOH A . 
D 4 HOH 10  175 9   HOH HOH A . 
D 4 HOH 11  176 11  HOH HOH A . 
D 4 HOH 12  177 12  HOH HOH A . 
D 4 HOH 13  178 13  HOH HOH A . 
D 4 HOH 14  179 179 HOH HOH A . 
D 4 HOH 15  180 180 HOH HOH A . 
D 4 HOH 16  181 15  HOH HOH A . 
D 4 HOH 17  182 182 HOH HOH A . 
D 4 HOH 18  183 183 HOH HOH A . 
D 4 HOH 19  184 184 HOH HOH A . 
D 4 HOH 20  185 16  HOH HOH A . 
D 4 HOH 21  186 186 HOH HOH A . 
D 4 HOH 22  187 187 HOH HOH A . 
D 4 HOH 23  188 188 HOH HOH A . 
D 4 HOH 24  189 189 HOH HOH A . 
D 4 HOH 25  190 190 HOH HOH A . 
D 4 HOH 26  191 17  HOH HOH A . 
D 4 HOH 27  192 192 HOH HOH A . 
D 4 HOH 28  193 193 HOH HOH A . 
D 4 HOH 29  194 194 HOH HOH A . 
D 4 HOH 30  195 195 HOH HOH A . 
D 4 HOH 31  196 196 HOH HOH A . 
D 4 HOH 32  197 18  HOH HOH A . 
D 4 HOH 33  198 198 HOH HOH A . 
D 4 HOH 34  199 199 HOH HOH A . 
D 4 HOH 35  200 200 HOH HOH A . 
D 4 HOH 36  201 201 HOH HOH A . 
D 4 HOH 37  202 202 HOH HOH A . 
D 4 HOH 38  203 203 HOH HOH A . 
D 4 HOH 39  204 204 HOH HOH A . 
D 4 HOH 40  205 205 HOH HOH A . 
D 4 HOH 41  206 206 HOH HOH A . 
D 4 HOH 42  207 207 HOH HOH A . 
D 4 HOH 43  208 208 HOH HOH A . 
D 4 HOH 44  209 209 HOH HOH A . 
D 4 HOH 45  210 210 HOH HOH A . 
D 4 HOH 46  211 211 HOH HOH A . 
D 4 HOH 47  212 212 HOH HOH A . 
D 4 HOH 48  213 213 HOH HOH A . 
D 4 HOH 49  214 214 HOH HOH A . 
D 4 HOH 50  215 215 HOH HOH A . 
D 4 HOH 51  216 216 HOH HOH A . 
D 4 HOH 52  217 217 HOH HOH A . 
D 4 HOH 53  218 218 HOH HOH A . 
D 4 HOH 54  219 19  HOH HOH A . 
D 4 HOH 55  220 220 HOH HOH A . 
D 4 HOH 56  221 221 HOH HOH A . 
D 4 HOH 57  222 222 HOH HOH A . 
D 4 HOH 58  223 20  HOH HOH A . 
D 4 HOH 59  224 21  HOH HOH A . 
D 4 HOH 60  225 22  HOH HOH A . 
D 4 HOH 61  226 23  HOH HOH A . 
D 4 HOH 62  227 25  HOH HOH A . 
D 4 HOH 63  228 27  HOH HOH A . 
D 4 HOH 64  229 28  HOH HOH A . 
D 4 HOH 65  230 29  HOH HOH A . 
D 4 HOH 66  231 31  HOH HOH A . 
D 4 HOH 67  232 32  HOH HOH A . 
D 4 HOH 68  233 34  HOH HOH A . 
D 4 HOH 69  234 36  HOH HOH A . 
D 4 HOH 70  235 37  HOH HOH A . 
D 4 HOH 71  236 38  HOH HOH A . 
D 4 HOH 72  237 39  HOH HOH A . 
D 4 HOH 73  238 40  HOH HOH A . 
D 4 HOH 74  239 41  HOH HOH A . 
D 4 HOH 75  240 42  HOH HOH A . 
D 4 HOH 76  241 44  HOH HOH A . 
D 4 HOH 77  242 48  HOH HOH A . 
D 4 HOH 78  243 49  HOH HOH A . 
D 4 HOH 79  244 51  HOH HOH A . 
D 4 HOH 80  245 52  HOH HOH A . 
D 4 HOH 81  246 53  HOH HOH A . 
D 4 HOH 82  247 54  HOH HOH A . 
D 4 HOH 83  248 56  HOH HOH A . 
D 4 HOH 84  249 57  HOH HOH A . 
D 4 HOH 85  250 58  HOH HOH A . 
D 4 HOH 86  251 61  HOH HOH A . 
D 4 HOH 87  252 63  HOH HOH A . 
D 4 HOH 88  253 64  HOH HOH A . 
D 4 HOH 89  254 66  HOH HOH A . 
D 4 HOH 90  255 70  HOH HOH A . 
D 4 HOH 91  256 71  HOH HOH A . 
D 4 HOH 92  257 74  HOH HOH A . 
D 4 HOH 93  258 75  HOH HOH A . 
D 4 HOH 94  259 76  HOH HOH A . 
D 4 HOH 95  260 82  HOH HOH A . 
D 4 HOH 96  261 87  HOH HOH A . 
D 4 HOH 97  262 88  HOH HOH A . 
D 4 HOH 98  263 90  HOH HOH A . 
D 4 HOH 99  264 95  HOH HOH A . 
D 4 HOH 100 265 97  HOH HOH A . 
D 4 HOH 101 266 99  HOH HOH A . 
D 4 HOH 102 267 100 HOH HOH A . 
D 4 HOH 103 268 101 HOH HOH A . 
D 4 HOH 104 269 103 HOH HOH A . 
D 4 HOH 105 270 105 HOH HOH A . 
D 4 HOH 106 271 108 HOH HOH A . 
D 4 HOH 107 272 109 HOH HOH A . 
D 4 HOH 108 273 111 HOH HOH A . 
D 4 HOH 109 274 114 HOH HOH A . 
D 4 HOH 110 275 117 HOH HOH A . 
D 4 HOH 111 276 118 HOH HOH A . 
D 4 HOH 112 277 123 HOH HOH A . 
D 4 HOH 113 278 124 HOH HOH A . 
D 4 HOH 114 279 125 HOH HOH A . 
D 4 HOH 115 280 135 HOH HOH A . 
D 4 HOH 116 281 137 HOH HOH A . 
D 4 HOH 117 282 141 HOH HOH A . 
D 4 HOH 118 283 148 HOH HOH A . 
D 4 HOH 119 284 151 HOH HOH A . 
D 4 HOH 120 285 159 HOH HOH A . 
D 4 HOH 121 286 160 HOH HOH A . 
# 
_pdbx_struct_assembly.id                   1 
_pdbx_struct_assembly.details              author_and_software_defined_assembly 
_pdbx_struct_assembly.method_details       PISA 
_pdbx_struct_assembly.oligomeric_details   monomeric 
_pdbx_struct_assembly.oligomeric_count     1 
# 
_pdbx_struct_assembly_gen.assembly_id       1 
_pdbx_struct_assembly_gen.oper_expression   1 
_pdbx_struct_assembly_gen.asym_id_list      A,B,C,D 
# 
_pdbx_struct_oper_list.id                   1 
_pdbx_struct_oper_list.type                 'identity operation' 
_pdbx_struct_oper_list.name                 1_555 
_pdbx_struct_oper_list.symmetry_operation   x,y,z 
_pdbx_struct_oper_list.matrix[1][1]         1.0000000000 
_pdbx_struct_oper_list.matrix[1][2]         0.0000000000 
_pdbx_struct_oper_list.matrix[1][3]         0.0000000000 
_pdbx_struct_oper_list.vector[1]            0.0000000000 
_pdbx_struct_oper_list.matrix[2][1]         0.0000000000 
_pdbx_struct_oper_list.matrix[2][2]         1.0000000000 
_pdbx_struct_oper_list.matrix[2][3]         0.0000000000 
_pdbx_struct_oper_list.vector[2]            0.0000000000 
_pdbx_struct_oper_list.matrix[3][1]         0.0000000000 
_pdbx_struct_oper_list.matrix[3][2]         0.0000000000 
_pdbx_struct_oper_list.matrix[3][3]         1.0000000000 
_pdbx_struct_oper_list.vector[3]            0.0000000000 
# 
_pdbx_struct_special_symmetry.id              1 
_pdbx_struct_special_symmetry.PDB_model_num   1 
_pdbx_struct_special_symmetry.auth_asym_id    A 
_pdbx_struct_special_symmetry.auth_comp_id    HOH 
_pdbx_struct_special_symmetry.auth_seq_id     214 
_pdbx_struct_special_symmetry.PDB_ins_code    ? 
_pdbx_struct_special_symmetry.label_asym_id   D 
_pdbx_struct_special_symmetry.label_comp_id   HOH 
_pdbx_struct_special_symmetry.label_seq_id    . 
# 
loop_
_pdbx_audit_revision_history.ordinal 
_pdbx_audit_revision_history.data_content_type 
_pdbx_audit_revision_history.major_revision 
_pdbx_audit_revision_history.minor_revision 
_pdbx_audit_revision_history.revision_date 
1 'Structure model' 1 0 2009-12-22 
2 'Structure model' 1 1 2011-07-13 
3 'Structure model' 1 2 2021-11-10 
4 'Structure model' 1 3 2023-11-01 
# 
_pdbx_audit_revision_details.ordinal             1 
_pdbx_audit_revision_details.revision_ordinal    1 
_pdbx_audit_revision_details.data_content_type   'Structure model' 
_pdbx_audit_revision_details.provider            repository 
_pdbx_audit_revision_details.type                'Initial release' 
_pdbx_audit_revision_details.description         ? 
_pdbx_audit_revision_details.details             ? 
# 
loop_
_pdbx_audit_revision_group.ordinal 
_pdbx_audit_revision_group.revision_ordinal 
_pdbx_audit_revision_group.data_content_type 
_pdbx_audit_revision_group.group 
1 2 'Structure model' 'Version format compliance' 
2 3 'Structure model' 'Database references'       
3 3 'Structure model' 'Derived calculations'      
4 4 'Structure model' 'Data collection'           
5 4 'Structure model' 'Refinement description'    
# 
loop_
_pdbx_audit_revision_category.ordinal 
_pdbx_audit_revision_category.revision_ordinal 
_pdbx_audit_revision_category.data_content_type 
_pdbx_audit_revision_category.category 
1 3 'Structure model' database_2                    
2 3 'Structure model' struct_ref_seq_dif            
3 3 'Structure model' struct_site                   
4 4 'Structure model' chem_comp_atom                
5 4 'Structure model' chem_comp_bond                
6 4 'Structure model' pdbx_initial_refinement_model 
# 
loop_
_pdbx_audit_revision_item.ordinal 
_pdbx_audit_revision_item.revision_ordinal 
_pdbx_audit_revision_item.data_content_type 
_pdbx_audit_revision_item.item 
1 3 'Structure model' '_database_2.pdbx_DOI'                
2 3 'Structure model' '_database_2.pdbx_database_accession' 
3 3 'Structure model' '_struct_ref_seq_dif.details'         
4 3 'Structure model' '_struct_site.pdbx_auth_asym_id'      
5 3 'Structure model' '_struct_site.pdbx_auth_comp_id'      
6 3 'Structure model' '_struct_site.pdbx_auth_seq_id'       
# 
loop_
_software.name 
_software.classification 
_software.version 
_software.citation_id 
_software.pdbx_ordinal 
CrystalClear 'data collection' .        ? 1 
AMoRE        phasing           .        ? 2 
REFMAC       refinement        5.5.0072 ? 3 
d*TREK       'data reduction'  .        ? 4 
d*TREK       'data scaling'    .        ? 5 
# 
loop_
_pdbx_validate_close_contact.id 
_pdbx_validate_close_contact.PDB_model_num 
_pdbx_validate_close_contact.auth_atom_id_1 
_pdbx_validate_close_contact.auth_asym_id_1 
_pdbx_validate_close_contact.auth_comp_id_1 
_pdbx_validate_close_contact.auth_seq_id_1 
_pdbx_validate_close_contact.PDB_ins_code_1 
_pdbx_validate_close_contact.label_alt_id_1 
_pdbx_validate_close_contact.auth_atom_id_2 
_pdbx_validate_close_contact.auth_asym_id_2 
_pdbx_validate_close_contact.auth_comp_id_2 
_pdbx_validate_close_contact.auth_seq_id_2 
_pdbx_validate_close_contact.PDB_ins_code_2 
_pdbx_validate_close_contact.label_alt_id_2 
_pdbx_validate_close_contact.dist 
1 1 NH2 A ARG 142 ? ? OE1 A GLU 145 ? ? 1.97 
2 1 O14 A 4D7 164 ? ? O   A HOH 196 ? ? 2.01 
3 1 OE2 A GLU 101 ? ? O   A HOH 203 ? ? 2.15 
# 
loop_
_pdbx_validate_rmsd_bond.id 
_pdbx_validate_rmsd_bond.PDB_model_num 
_pdbx_validate_rmsd_bond.auth_atom_id_1 
_pdbx_validate_rmsd_bond.auth_asym_id_1 
_pdbx_validate_rmsd_bond.auth_comp_id_1 
_pdbx_validate_rmsd_bond.auth_seq_id_1 
_pdbx_validate_rmsd_bond.PDB_ins_code_1 
_pdbx_validate_rmsd_bond.label_alt_id_1 
_pdbx_validate_rmsd_bond.auth_atom_id_2 
_pdbx_validate_rmsd_bond.auth_asym_id_2 
_pdbx_validate_rmsd_bond.auth_comp_id_2 
_pdbx_validate_rmsd_bond.auth_seq_id_2 
_pdbx_validate_rmsd_bond.PDB_ins_code_2 
_pdbx_validate_rmsd_bond.label_alt_id_2 
_pdbx_validate_rmsd_bond.bond_value 
_pdbx_validate_rmsd_bond.bond_target_value 
_pdbx_validate_rmsd_bond.bond_deviation 
_pdbx_validate_rmsd_bond.bond_standard_deviation 
_pdbx_validate_rmsd_bond.linker_flag 
1 1 CD A GLU 145 ? ? OE1 A GLU 145 ? ? 1.324 1.252 0.072 0.011 N 
2 1 CD A GLU 145 ? ? OE2 A GLU 145 ? ? 1.319 1.252 0.067 0.011 N 
# 
_pdbx_validate_rmsd_angle.id                         1 
_pdbx_validate_rmsd_angle.PDB_model_num              1 
_pdbx_validate_rmsd_angle.auth_atom_id_1             NE 
_pdbx_validate_rmsd_angle.auth_asym_id_1             A 
_pdbx_validate_rmsd_angle.auth_comp_id_1             ARG 
_pdbx_validate_rmsd_angle.auth_seq_id_1              119 
_pdbx_validate_rmsd_angle.PDB_ins_code_1             ? 
_pdbx_validate_rmsd_angle.label_alt_id_1             A 
_pdbx_validate_rmsd_angle.auth_atom_id_2             CZ 
_pdbx_validate_rmsd_angle.auth_asym_id_2             A 
_pdbx_validate_rmsd_angle.auth_comp_id_2             ARG 
_pdbx_validate_rmsd_angle.auth_seq_id_2              119 
_pdbx_validate_rmsd_angle.PDB_ins_code_2             ? 
_pdbx_validate_rmsd_angle.label_alt_id_2             A 
_pdbx_validate_rmsd_angle.auth_atom_id_3             NH1 
_pdbx_validate_rmsd_angle.auth_asym_id_3             A 
_pdbx_validate_rmsd_angle.auth_comp_id_3             ARG 
_pdbx_validate_rmsd_angle.auth_seq_id_3              119 
_pdbx_validate_rmsd_angle.PDB_ins_code_3             ? 
_pdbx_validate_rmsd_angle.label_alt_id_3             A 
_pdbx_validate_rmsd_angle.angle_value                123.66 
_pdbx_validate_rmsd_angle.angle_target_value         120.30 
_pdbx_validate_rmsd_angle.angle_deviation            3.36 
_pdbx_validate_rmsd_angle.angle_standard_deviation   0.50 
_pdbx_validate_rmsd_angle.linker_flag                N 
# 
_pdbx_validate_torsion.id              1 
_pdbx_validate_torsion.PDB_model_num   1 
_pdbx_validate_torsion.auth_comp_id    ASN 
_pdbx_validate_torsion.auth_asym_id    A 
_pdbx_validate_torsion.auth_seq_id     30 
_pdbx_validate_torsion.PDB_ins_code    ? 
_pdbx_validate_torsion.label_alt_id    ? 
_pdbx_validate_torsion.phi             59.67 
_pdbx_validate_torsion.psi             15.50 
# 
loop_
_pdbx_unobs_or_zero_occ_atoms.id 
_pdbx_unobs_or_zero_occ_atoms.PDB_model_num 
_pdbx_unobs_or_zero_occ_atoms.polymer_flag 
_pdbx_unobs_or_zero_occ_atoms.occupancy_flag 
_pdbx_unobs_or_zero_occ_atoms.auth_asym_id 
_pdbx_unobs_or_zero_occ_atoms.auth_comp_id 
_pdbx_unobs_or_zero_occ_atoms.auth_seq_id 
_pdbx_unobs_or_zero_occ_atoms.PDB_ins_code 
_pdbx_unobs_or_zero_occ_atoms.auth_atom_id 
_pdbx_unobs_or_zero_occ_atoms.label_alt_id 
_pdbx_unobs_or_zero_occ_atoms.label_asym_id 
_pdbx_unobs_or_zero_occ_atoms.label_comp_id 
_pdbx_unobs_or_zero_occ_atoms.label_seq_id 
_pdbx_unobs_or_zero_occ_atoms.label_atom_id 
1  1 N 1 A 12P 165 ? C15 ? C 12P 1 C15 
2  1 N 1 A 12P 165 ? C14 ? C 12P 1 C14 
3  1 N 1 A 12P 165 ? O13 ? C 12P 1 O13 
4  1 N 1 A 12P 165 ? C12 ? C 12P 1 C12 
5  1 N 1 A 12P 165 ? C11 ? C 12P 1 C11 
6  1 N 1 A 12P 165 ? O10 ? C 12P 1 O10 
7  1 N 1 A 12P 165 ? C9  ? C 12P 1 C9  
8  1 N 1 A 12P 165 ? C8  ? C 12P 1 C8  
9  1 N 1 A 12P 165 ? O7  ? C 12P 1 O7  
10 1 N 1 A 12P 165 ? C6  ? C 12P 1 C6  
11 1 N 1 A 12P 165 ? C5  ? C 12P 1 C5  
12 1 N 1 A 12P 165 ? O4  ? C 12P 1 O4  
13 1 N 1 A 12P 165 ? C3  ? C 12P 1 C3  
14 1 N 1 A 12P 165 ? C2  ? C 12P 1 C2  
15 1 N 1 A 12P 165 ? O1  ? C 12P 1 O1  
# 
loop_
_pdbx_unobs_or_zero_occ_residues.id 
_pdbx_unobs_or_zero_occ_residues.PDB_model_num 
_pdbx_unobs_or_zero_occ_residues.polymer_flag 
_pdbx_unobs_or_zero_occ_residues.occupancy_flag 
_pdbx_unobs_or_zero_occ_residues.auth_asym_id 
_pdbx_unobs_or_zero_occ_residues.auth_comp_id 
_pdbx_unobs_or_zero_occ_residues.auth_seq_id 
_pdbx_unobs_or_zero_occ_residues.PDB_ins_code 
_pdbx_unobs_or_zero_occ_residues.label_asym_id 
_pdbx_unobs_or_zero_occ_residues.label_comp_id 
_pdbx_unobs_or_zero_occ_residues.label_seq_id 
1  1 Y 1 A GLY -3 ? A GLY 1  
2  1 Y 1 A SER -2 ? A SER 2  
3  1 Y 1 A HIS -1 ? A HIS 3  
4  1 Y 1 A GLY 0  ? A GLY 4  
5  1 Y 1 A MET 1  ? A MET 5  
6  1 Y 1 A ALA 2  ? A ALA 6  
7  1 Y 1 A ASP 3  ? A ASP 7  
8  1 Y 1 A GLU 4  ? A GLU 8  
9  1 Y 1 A GLU 5  ? A GLU 9  
10 1 Y 1 A LYS 6  ? A LYS 10 
11 1 Y 1 A GLY 39 ? A GLY 43 
12 1 Y 1 A ASN 40 ? A ASN 44 
13 1 Y 1 A SER 41 ? A SER 45 
14 1 Y 1 A SER 42 ? A SER 46 
15 1 Y 1 A SER 43 ? A SER 47 
16 1 Y 1 A GLY 44 ? A GLY 48 
17 1 Y 1 A GLY 45 ? A GLY 49 
18 1 Y 1 A LYS 46 ? A LYS 50 
19 1 Y 1 A ASN 47 ? A ASN 51 
20 1 Y 1 A GLY 48 ? A GLY 52 
21 1 Y 1 A GLN 49 ? A GLN 53 
22 1 Y 1 A GLY 50 ? A GLY 54 
# 
loop_
_chem_comp_atom.comp_id 
_chem_comp_atom.atom_id 
_chem_comp_atom.type_symbol 
_chem_comp_atom.pdbx_aromatic_flag 
_chem_comp_atom.pdbx_stereo_config 
_chem_comp_atom.pdbx_ordinal 
12P O37  O N N 1   
12P C36  C N N 2   
12P C35  C N N 3   
12P O34  O N N 4   
12P C33  C N N 5   
12P C32  C N N 6   
12P O31  O N N 7   
12P C30  C N N 8   
12P C29  C N N 9   
12P O28  O N N 10  
12P C27  C N N 11  
12P C26  C N N 12  
12P O25  O N N 13  
12P C24  C N N 14  
12P C23  C N N 15  
12P O22  O N N 16  
12P C21  C N N 17  
12P C20  C N N 18  
12P O19  O N N 19  
12P C18  C N N 20  
12P C17  C N N 21  
12P O16  O N N 22  
12P C15  C N N 23  
12P C14  C N N 24  
12P O13  O N N 25  
12P C12  C N N 26  
12P C11  C N N 27  
12P O10  O N N 28  
12P C9   C N N 29  
12P C8   C N N 30  
12P O7   O N N 31  
12P C6   C N N 32  
12P C5   C N N 33  
12P O4   O N N 34  
12P C3   C N N 35  
12P C2   C N N 36  
12P O1   O N N 37  
12P H37  H N N 38  
12P H361 H N N 39  
12P H362 H N N 40  
12P H351 H N N 41  
12P H352 H N N 42  
12P H331 H N N 43  
12P H332 H N N 44  
12P H321 H N N 45  
12P H322 H N N 46  
12P H301 H N N 47  
12P H302 H N N 48  
12P H291 H N N 49  
12P H292 H N N 50  
12P H271 H N N 51  
12P H272 H N N 52  
12P H261 H N N 53  
12P H262 H N N 54  
12P H241 H N N 55  
12P H242 H N N 56  
12P H231 H N N 57  
12P H232 H N N 58  
12P H211 H N N 59  
12P H212 H N N 60  
12P H201 H N N 61  
12P H202 H N N 62  
12P H181 H N N 63  
12P H182 H N N 64  
12P H171 H N N 65  
12P H172 H N N 66  
12P H151 H N N 67  
12P H152 H N N 68  
12P H141 H N N 69  
12P H142 H N N 70  
12P H121 H N N 71  
12P H122 H N N 72  
12P H111 H N N 73  
12P H112 H N N 74  
12P H91  H N N 75  
12P H92  H N N 76  
12P H81  H N N 77  
12P H82  H N N 78  
12P H61  H N N 79  
12P H62  H N N 80  
12P H51  H N N 81  
12P H52  H N N 82  
12P H31  H N N 83  
12P H32  H N N 84  
12P H21  H N N 85  
12P H22  H N N 86  
12P HO1  H N N 87  
4D7 C1   C Y N 88  
4D7 C2   C Y N 89  
4D7 C3   C Y N 90  
4D7 C4   C Y N 91  
4D7 N5   N Y N 92  
4D7 C6   C Y N 93  
4D7 C7   C Y N 94  
4D7 N8   N Y N 95  
4D7 C9   C Y N 96  
4D7 C10  C N N 97  
4D7 C11  C N R 98  
4D7 C12  C N N 99  
4D7 O13  O N N 100 
4D7 O14  O N N 101 
4D7 N15  N N N 102 
4D7 C16  C N N 103 
4D7 C17  C Y N 104 
4D7 O18  O N N 105 
4D7 C19  C Y N 106 
4D7 O20  O Y N 107 
4D7 C21  C Y N 108 
4D7 C22  C Y N 109 
4D7 C23  C N N 110 
4D7 H1   H N N 111 
4D7 H2   H N N 112 
4D7 H3   H N N 113 
4D7 H4   H N N 114 
4D7 H10  H N N 115 
4D7 H10A H N N 116 
4D7 H11  H N N 117 
4D7 HO13 H N N 118 
4D7 HN15 H N N 119 
4D7 H21  H N N 120 
4D7 H22  H N N 121 
4D7 H23  H N N 122 
4D7 H23A H N N 123 
4D7 H23B H N N 124 
4D7 HN5  H N N 125 
ALA N    N N N 126 
ALA CA   C N S 127 
ALA C    C N N 128 
ALA O    O N N 129 
ALA CB   C N N 130 
ALA OXT  O N N 131 
ALA H    H N N 132 
ALA H2   H N N 133 
ALA HA   H N N 134 
ALA HB1  H N N 135 
ALA HB2  H N N 136 
ALA HB3  H N N 137 
ALA HXT  H N N 138 
ARG N    N N N 139 
ARG CA   C N S 140 
ARG C    C N N 141 
ARG O    O N N 142 
ARG CB   C N N 143 
ARG CG   C N N 144 
ARG CD   C N N 145 
ARG NE   N N N 146 
ARG CZ   C N N 147 
ARG NH1  N N N 148 
ARG NH2  N N N 149 
ARG OXT  O N N 150 
ARG H    H N N 151 
ARG H2   H N N 152 
ARG HA   H N N 153 
ARG HB2  H N N 154 
ARG HB3  H N N 155 
ARG HG2  H N N 156 
ARG HG3  H N N 157 
ARG HD2  H N N 158 
ARG HD3  H N N 159 
ARG HE   H N N 160 
ARG HH11 H N N 161 
ARG HH12 H N N 162 
ARG HH21 H N N 163 
ARG HH22 H N N 164 
ARG HXT  H N N 165 
ASN N    N N N 166 
ASN CA   C N S 167 
ASN C    C N N 168 
ASN O    O N N 169 
ASN CB   C N N 170 
ASN CG   C N N 171 
ASN OD1  O N N 172 
ASN ND2  N N N 173 
ASN OXT  O N N 174 
ASN H    H N N 175 
ASN H2   H N N 176 
ASN HA   H N N 177 
ASN HB2  H N N 178 
ASN HB3  H N N 179 
ASN HD21 H N N 180 
ASN HD22 H N N 181 
ASN HXT  H N N 182 
ASP N    N N N 183 
ASP CA   C N S 184 
ASP C    C N N 185 
ASP O    O N N 186 
ASP CB   C N N 187 
ASP CG   C N N 188 
ASP OD1  O N N 189 
ASP OD2  O N N 190 
ASP OXT  O N N 191 
ASP H    H N N 192 
ASP H2   H N N 193 
ASP HA   H N N 194 
ASP HB2  H N N 195 
ASP HB3  H N N 196 
ASP HD2  H N N 197 
ASP HXT  H N N 198 
CYS N    N N N 199 
CYS CA   C N R 200 
CYS C    C N N 201 
CYS O    O N N 202 
CYS CB   C N N 203 
CYS SG   S N N 204 
CYS OXT  O N N 205 
CYS H    H N N 206 
CYS H2   H N N 207 
CYS HA   H N N 208 
CYS HB2  H N N 209 
CYS HB3  H N N 210 
CYS HG   H N N 211 
CYS HXT  H N N 212 
GLN N    N N N 213 
GLN CA   C N S 214 
GLN C    C N N 215 
GLN O    O N N 216 
GLN CB   C N N 217 
GLN CG   C N N 218 
GLN CD   C N N 219 
GLN OE1  O N N 220 
GLN NE2  N N N 221 
GLN OXT  O N N 222 
GLN H    H N N 223 
GLN H2   H N N 224 
GLN HA   H N N 225 
GLN HB2  H N N 226 
GLN HB3  H N N 227 
GLN HG2  H N N 228 
GLN HG3  H N N 229 
GLN HE21 H N N 230 
GLN HE22 H N N 231 
GLN HXT  H N N 232 
GLU N    N N N 233 
GLU CA   C N S 234 
GLU C    C N N 235 
GLU O    O N N 236 
GLU CB   C N N 237 
GLU CG   C N N 238 
GLU CD   C N N 239 
GLU OE1  O N N 240 
GLU OE2  O N N 241 
GLU OXT  O N N 242 
GLU H    H N N 243 
GLU H2   H N N 244 
GLU HA   H N N 245 
GLU HB2  H N N 246 
GLU HB3  H N N 247 
GLU HG2  H N N 248 
GLU HG3  H N N 249 
GLU HE2  H N N 250 
GLU HXT  H N N 251 
GLY N    N N N 252 
GLY CA   C N N 253 
GLY C    C N N 254 
GLY O    O N N 255 
GLY OXT  O N N 256 
GLY H    H N N 257 
GLY H2   H N N 258 
GLY HA2  H N N 259 
GLY HA3  H N N 260 
GLY HXT  H N N 261 
HIS N    N N N 262 
HIS CA   C N S 263 
HIS C    C N N 264 
HIS O    O N N 265 
HIS CB   C N N 266 
HIS CG   C Y N 267 
HIS ND1  N Y N 268 
HIS CD2  C Y N 269 
HIS CE1  C Y N 270 
HIS NE2  N Y N 271 
HIS OXT  O N N 272 
HIS H    H N N 273 
HIS H2   H N N 274 
HIS HA   H N N 275 
HIS HB2  H N N 276 
HIS HB3  H N N 277 
HIS HD1  H N N 278 
HIS HD2  H N N 279 
HIS HE1  H N N 280 
HIS HE2  H N N 281 
HIS HXT  H N N 282 
HOH O    O N N 283 
HOH H1   H N N 284 
HOH H2   H N N 285 
ILE N    N N N 286 
ILE CA   C N S 287 
ILE C    C N N 288 
ILE O    O N N 289 
ILE CB   C N S 290 
ILE CG1  C N N 291 
ILE CG2  C N N 292 
ILE CD1  C N N 293 
ILE OXT  O N N 294 
ILE H    H N N 295 
ILE H2   H N N 296 
ILE HA   H N N 297 
ILE HB   H N N 298 
ILE HG12 H N N 299 
ILE HG13 H N N 300 
ILE HG21 H N N 301 
ILE HG22 H N N 302 
ILE HG23 H N N 303 
ILE HD11 H N N 304 
ILE HD12 H N N 305 
ILE HD13 H N N 306 
ILE HXT  H N N 307 
LEU N    N N N 308 
LEU CA   C N S 309 
LEU C    C N N 310 
LEU O    O N N 311 
LEU CB   C N N 312 
LEU CG   C N N 313 
LEU CD1  C N N 314 
LEU CD2  C N N 315 
LEU OXT  O N N 316 
LEU H    H N N 317 
LEU H2   H N N 318 
LEU HA   H N N 319 
LEU HB2  H N N 320 
LEU HB3  H N N 321 
LEU HG   H N N 322 
LEU HD11 H N N 323 
LEU HD12 H N N 324 
LEU HD13 H N N 325 
LEU HD21 H N N 326 
LEU HD22 H N N 327 
LEU HD23 H N N 328 
LEU HXT  H N N 329 
LYS N    N N N 330 
LYS CA   C N S 331 
LYS C    C N N 332 
LYS O    O N N 333 
LYS CB   C N N 334 
LYS CG   C N N 335 
LYS CD   C N N 336 
LYS CE   C N N 337 
LYS NZ   N N N 338 
LYS OXT  O N N 339 
LYS H    H N N 340 
LYS H2   H N N 341 
LYS HA   H N N 342 
LYS HB2  H N N 343 
LYS HB3  H N N 344 
LYS HG2  H N N 345 
LYS HG3  H N N 346 
LYS HD2  H N N 347 
LYS HD3  H N N 348 
LYS HE2  H N N 349 
LYS HE3  H N N 350 
LYS HZ1  H N N 351 
LYS HZ2  H N N 352 
LYS HZ3  H N N 353 
LYS HXT  H N N 354 
MET N    N N N 355 
MET CA   C N S 356 
MET C    C N N 357 
MET O    O N N 358 
MET CB   C N N 359 
MET CG   C N N 360 
MET SD   S N N 361 
MET CE   C N N 362 
MET OXT  O N N 363 
MET H    H N N 364 
MET H2   H N N 365 
MET HA   H N N 366 
MET HB2  H N N 367 
MET HB3  H N N 368 
MET HG2  H N N 369 
MET HG3  H N N 370 
MET HE1  H N N 371 
MET HE2  H N N 372 
MET HE3  H N N 373 
MET HXT  H N N 374 
PHE N    N N N 375 
PHE CA   C N S 376 
PHE C    C N N 377 
PHE O    O N N 378 
PHE CB   C N N 379 
PHE CG   C Y N 380 
PHE CD1  C Y N 381 
PHE CD2  C Y N 382 
PHE CE1  C Y N 383 
PHE CE2  C Y N 384 
PHE CZ   C Y N 385 
PHE OXT  O N N 386 
PHE H    H N N 387 
PHE H2   H N N 388 
PHE HA   H N N 389 
PHE HB2  H N N 390 
PHE HB3  H N N 391 
PHE HD1  H N N 392 
PHE HD2  H N N 393 
PHE HE1  H N N 394 
PHE HE2  H N N 395 
PHE HZ   H N N 396 
PHE HXT  H N N 397 
PRO N    N N N 398 
PRO CA   C N S 399 
PRO C    C N N 400 
PRO O    O N N 401 
PRO CB   C N N 402 
PRO CG   C N N 403 
PRO CD   C N N 404 
PRO OXT  O N N 405 
PRO H    H N N 406 
PRO HA   H N N 407 
PRO HB2  H N N 408 
PRO HB3  H N N 409 
PRO HG2  H N N 410 
PRO HG3  H N N 411 
PRO HD2  H N N 412 
PRO HD3  H N N 413 
PRO HXT  H N N 414 
SER N    N N N 415 
SER CA   C N S 416 
SER C    C N N 417 
SER O    O N N 418 
SER CB   C N N 419 
SER OG   O N N 420 
SER OXT  O N N 421 
SER H    H N N 422 
SER H2   H N N 423 
SER HA   H N N 424 
SER HB2  H N N 425 
SER HB3  H N N 426 
SER HG   H N N 427 
SER HXT  H N N 428 
THR N    N N N 429 
THR CA   C N S 430 
THR C    C N N 431 
THR O    O N N 432 
THR CB   C N R 433 
THR OG1  O N N 434 
THR CG2  C N N 435 
THR OXT  O N N 436 
THR H    H N N 437 
THR H2   H N N 438 
THR HA   H N N 439 
THR HB   H N N 440 
THR HG1  H N N 441 
THR HG21 H N N 442 
THR HG22 H N N 443 
THR HG23 H N N 444 
THR HXT  H N N 445 
TRP N    N N N 446 
TRP CA   C N S 447 
TRP C    C N N 448 
TRP O    O N N 449 
TRP CB   C N N 450 
TRP CG   C Y N 451 
TRP CD1  C Y N 452 
TRP CD2  C Y N 453 
TRP NE1  N Y N 454 
TRP CE2  C Y N 455 
TRP CE3  C Y N 456 
TRP CZ2  C Y N 457 
TRP CZ3  C Y N 458 
TRP CH2  C Y N 459 
TRP OXT  O N N 460 
TRP H    H N N 461 
TRP H2   H N N 462 
TRP HA   H N N 463 
TRP HB2  H N N 464 
TRP HB3  H N N 465 
TRP HD1  H N N 466 
TRP HE1  H N N 467 
TRP HE3  H N N 468 
TRP HZ2  H N N 469 
TRP HZ3  H N N 470 
TRP HH2  H N N 471 
TRP HXT  H N N 472 
TYR N    N N N 473 
TYR CA   C N S 474 
TYR C    C N N 475 
TYR O    O N N 476 
TYR CB   C N N 477 
TYR CG   C Y N 478 
TYR CD1  C Y N 479 
TYR CD2  C Y N 480 
TYR CE1  C Y N 481 
TYR CE2  C Y N 482 
TYR CZ   C Y N 483 
TYR OH   O N N 484 
TYR OXT  O N N 485 
TYR H    H N N 486 
TYR H2   H N N 487 
TYR HA   H N N 488 
TYR HB2  H N N 489 
TYR HB3  H N N 490 
TYR HD1  H N N 491 
TYR HD2  H N N 492 
TYR HE1  H N N 493 
TYR HE2  H N N 494 
TYR HH   H N N 495 
TYR HXT  H N N 496 
VAL N    N N N 497 
VAL CA   C N S 498 
VAL C    C N N 499 
VAL O    O N N 500 
VAL CB   C N N 501 
VAL CG1  C N N 502 
VAL CG2  C N N 503 
VAL OXT  O N N 504 
VAL H    H N N 505 
VAL H2   H N N 506 
VAL HA   H N N 507 
VAL HB   H N N 508 
VAL HG11 H N N 509 
VAL HG12 H N N 510 
VAL HG13 H N N 511 
VAL HG21 H N N 512 
VAL HG22 H N N 513 
VAL HG23 H N N 514 
VAL HXT  H N N 515 
# 
loop_
_chem_comp_bond.comp_id 
_chem_comp_bond.atom_id_1 
_chem_comp_bond.atom_id_2 
_chem_comp_bond.value_order 
_chem_comp_bond.pdbx_aromatic_flag 
_chem_comp_bond.pdbx_stereo_config 
_chem_comp_bond.pdbx_ordinal 
12P O37 C36  sing N N 1   
12P O37 H37  sing N N 2   
12P C36 C35  sing N N 3   
12P C36 H361 sing N N 4   
12P C36 H362 sing N N 5   
12P C35 O34  sing N N 6   
12P C35 H351 sing N N 7   
12P C35 H352 sing N N 8   
12P O34 C33  sing N N 9   
12P C33 C32  sing N N 10  
12P C33 H331 sing N N 11  
12P C33 H332 sing N N 12  
12P C32 O31  sing N N 13  
12P C32 H321 sing N N 14  
12P C32 H322 sing N N 15  
12P O31 C30  sing N N 16  
12P C30 C29  sing N N 17  
12P C30 H301 sing N N 18  
12P C30 H302 sing N N 19  
12P C29 O28  sing N N 20  
12P C29 H291 sing N N 21  
12P C29 H292 sing N N 22  
12P O28 C27  sing N N 23  
12P C27 C26  sing N N 24  
12P C27 H271 sing N N 25  
12P C27 H272 sing N N 26  
12P C26 O25  sing N N 27  
12P C26 H261 sing N N 28  
12P C26 H262 sing N N 29  
12P O25 C24  sing N N 30  
12P C24 C23  sing N N 31  
12P C24 H241 sing N N 32  
12P C24 H242 sing N N 33  
12P C23 O22  sing N N 34  
12P C23 H231 sing N N 35  
12P C23 H232 sing N N 36  
12P O22 C21  sing N N 37  
12P C21 C20  sing N N 38  
12P C21 H211 sing N N 39  
12P C21 H212 sing N N 40  
12P C20 O19  sing N N 41  
12P C20 H201 sing N N 42  
12P C20 H202 sing N N 43  
12P O19 C18  sing N N 44  
12P C18 C17  sing N N 45  
12P C18 H181 sing N N 46  
12P C18 H182 sing N N 47  
12P C17 O16  sing N N 48  
12P C17 H171 sing N N 49  
12P C17 H172 sing N N 50  
12P O16 C15  sing N N 51  
12P C15 C14  sing N N 52  
12P C15 H151 sing N N 53  
12P C15 H152 sing N N 54  
12P C14 O13  sing N N 55  
12P C14 H141 sing N N 56  
12P C14 H142 sing N N 57  
12P O13 C12  sing N N 58  
12P C12 C11  sing N N 59  
12P C12 H121 sing N N 60  
12P C12 H122 sing N N 61  
12P C11 O10  sing N N 62  
12P C11 H111 sing N N 63  
12P C11 H112 sing N N 64  
12P O10 C9   sing N N 65  
12P C9  C8   sing N N 66  
12P C9  H91  sing N N 67  
12P C9  H92  sing N N 68  
12P C8  O7   sing N N 69  
12P C8  H81  sing N N 70  
12P C8  H82  sing N N 71  
12P O7  C6   sing N N 72  
12P C6  C5   sing N N 73  
12P C6  H61  sing N N 74  
12P C6  H62  sing N N 75  
12P C5  O4   sing N N 76  
12P C5  H51  sing N N 77  
12P C5  H52  sing N N 78  
12P O4  C3   sing N N 79  
12P C3  C2   sing N N 80  
12P C3  H31  sing N N 81  
12P C3  H32  sing N N 82  
12P C2  O1   sing N N 83  
12P C2  H21  sing N N 84  
12P C2  H22  sing N N 85  
12P O1  HO1  sing N N 86  
4D7 C2  C1   doub Y N 87  
4D7 C1  C4   sing Y N 88  
4D7 C1  H1   sing N N 89  
4D7 C3  C2   sing Y N 90  
4D7 C2  H2   sing N N 91  
4D7 C3  C7   doub Y N 92  
4D7 C3  H3   sing N N 93  
4D7 C6  C4   doub Y N 94  
4D7 C4  H4   sing N N 95  
4D7 C9  N5   sing Y N 96  
4D7 C6  N5   sing Y N 97  
4D7 C7  C6   sing Y N 98  
4D7 N8  C7   sing Y N 99  
4D7 N8  C9   doub Y N 100 
4D7 C10 C9   sing N N 101 
4D7 C11 C10  sing N N 102 
4D7 C10 H10  sing N N 103 
4D7 C10 H10A sing N N 104 
4D7 N15 C11  sing N N 105 
4D7 C12 C11  sing N N 106 
4D7 C11 H11  sing N N 107 
4D7 O14 C12  doub N N 108 
4D7 C12 O13  sing N N 109 
4D7 O13 HO13 sing N N 110 
4D7 C16 N15  sing N N 111 
4D7 N15 HN15 sing N N 112 
4D7 C17 C16  sing N N 113 
4D7 C16 O18  doub N N 114 
4D7 C19 C17  doub Y N 115 
4D7 C22 C17  sing Y N 116 
4D7 O20 C19  sing Y N 117 
4D7 C19 C23  sing N N 118 
4D7 O20 C21  sing Y N 119 
4D7 C21 C22  doub Y N 120 
4D7 C21 H21  sing N N 121 
4D7 C22 H22  sing N N 122 
4D7 C23 H23  sing N N 123 
4D7 C23 H23A sing N N 124 
4D7 C23 H23B sing N N 125 
4D7 N5  HN5  sing N N 126 
ALA N   CA   sing N N 127 
ALA N   H    sing N N 128 
ALA N   H2   sing N N 129 
ALA CA  C    sing N N 130 
ALA CA  CB   sing N N 131 
ALA CA  HA   sing N N 132 
ALA C   O    doub N N 133 
ALA C   OXT  sing N N 134 
ALA CB  HB1  sing N N 135 
ALA CB  HB2  sing N N 136 
ALA CB  HB3  sing N N 137 
ALA OXT HXT  sing N N 138 
ARG N   CA   sing N N 139 
ARG N   H    sing N N 140 
ARG N   H2   sing N N 141 
ARG CA  C    sing N N 142 
ARG CA  CB   sing N N 143 
ARG CA  HA   sing N N 144 
ARG C   O    doub N N 145 
ARG C   OXT  sing N N 146 
ARG CB  CG   sing N N 147 
ARG CB  HB2  sing N N 148 
ARG CB  HB3  sing N N 149 
ARG CG  CD   sing N N 150 
ARG CG  HG2  sing N N 151 
ARG CG  HG3  sing N N 152 
ARG CD  NE   sing N N 153 
ARG CD  HD2  sing N N 154 
ARG CD  HD3  sing N N 155 
ARG NE  CZ   sing N N 156 
ARG NE  HE   sing N N 157 
ARG CZ  NH1  sing N N 158 
ARG CZ  NH2  doub N N 159 
ARG NH1 HH11 sing N N 160 
ARG NH1 HH12 sing N N 161 
ARG NH2 HH21 sing N N 162 
ARG NH2 HH22 sing N N 163 
ARG OXT HXT  sing N N 164 
ASN N   CA   sing N N 165 
ASN N   H    sing N N 166 
ASN N   H2   sing N N 167 
ASN CA  C    sing N N 168 
ASN CA  CB   sing N N 169 
ASN CA  HA   sing N N 170 
ASN C   O    doub N N 171 
ASN C   OXT  sing N N 172 
ASN CB  CG   sing N N 173 
ASN CB  HB2  sing N N 174 
ASN CB  HB3  sing N N 175 
ASN CG  OD1  doub N N 176 
ASN CG  ND2  sing N N 177 
ASN ND2 HD21 sing N N 178 
ASN ND2 HD22 sing N N 179 
ASN OXT HXT  sing N N 180 
ASP N   CA   sing N N 181 
ASP N   H    sing N N 182 
ASP N   H2   sing N N 183 
ASP CA  C    sing N N 184 
ASP CA  CB   sing N N 185 
ASP CA  HA   sing N N 186 
ASP C   O    doub N N 187 
ASP C   OXT  sing N N 188 
ASP CB  CG   sing N N 189 
ASP CB  HB2  sing N N 190 
ASP CB  HB3  sing N N 191 
ASP CG  OD1  doub N N 192 
ASP CG  OD2  sing N N 193 
ASP OD2 HD2  sing N N 194 
ASP OXT HXT  sing N N 195 
CYS N   CA   sing N N 196 
CYS N   H    sing N N 197 
CYS N   H2   sing N N 198 
CYS CA  C    sing N N 199 
CYS CA  CB   sing N N 200 
CYS CA  HA   sing N N 201 
CYS C   O    doub N N 202 
CYS C   OXT  sing N N 203 
CYS CB  SG   sing N N 204 
CYS CB  HB2  sing N N 205 
CYS CB  HB3  sing N N 206 
CYS SG  HG   sing N N 207 
CYS OXT HXT  sing N N 208 
GLN N   CA   sing N N 209 
GLN N   H    sing N N 210 
GLN N   H2   sing N N 211 
GLN CA  C    sing N N 212 
GLN CA  CB   sing N N 213 
GLN CA  HA   sing N N 214 
GLN C   O    doub N N 215 
GLN C   OXT  sing N N 216 
GLN CB  CG   sing N N 217 
GLN CB  HB2  sing N N 218 
GLN CB  HB3  sing N N 219 
GLN CG  CD   sing N N 220 
GLN CG  HG2  sing N N 221 
GLN CG  HG3  sing N N 222 
GLN CD  OE1  doub N N 223 
GLN CD  NE2  sing N N 224 
GLN NE2 HE21 sing N N 225 
GLN NE2 HE22 sing N N 226 
GLN OXT HXT  sing N N 227 
GLU N   CA   sing N N 228 
GLU N   H    sing N N 229 
GLU N   H2   sing N N 230 
GLU CA  C    sing N N 231 
GLU CA  CB   sing N N 232 
GLU CA  HA   sing N N 233 
GLU C   O    doub N N 234 
GLU C   OXT  sing N N 235 
GLU CB  CG   sing N N 236 
GLU CB  HB2  sing N N 237 
GLU CB  HB3  sing N N 238 
GLU CG  CD   sing N N 239 
GLU CG  HG2  sing N N 240 
GLU CG  HG3  sing N N 241 
GLU CD  OE1  doub N N 242 
GLU CD  OE2  sing N N 243 
GLU OE2 HE2  sing N N 244 
GLU OXT HXT  sing N N 245 
GLY N   CA   sing N N 246 
GLY N   H    sing N N 247 
GLY N   H2   sing N N 248 
GLY CA  C    sing N N 249 
GLY CA  HA2  sing N N 250 
GLY CA  HA3  sing N N 251 
GLY C   O    doub N N 252 
GLY C   OXT  sing N N 253 
GLY OXT HXT  sing N N 254 
HIS N   CA   sing N N 255 
HIS N   H    sing N N 256 
HIS N   H2   sing N N 257 
HIS CA  C    sing N N 258 
HIS CA  CB   sing N N 259 
HIS CA  HA   sing N N 260 
HIS C   O    doub N N 261 
HIS C   OXT  sing N N 262 
HIS CB  CG   sing N N 263 
HIS CB  HB2  sing N N 264 
HIS CB  HB3  sing N N 265 
HIS CG  ND1  sing Y N 266 
HIS CG  CD2  doub Y N 267 
HIS ND1 CE1  doub Y N 268 
HIS ND1 HD1  sing N N 269 
HIS CD2 NE2  sing Y N 270 
HIS CD2 HD2  sing N N 271 
HIS CE1 NE2  sing Y N 272 
HIS CE1 HE1  sing N N 273 
HIS NE2 HE2  sing N N 274 
HIS OXT HXT  sing N N 275 
HOH O   H1   sing N N 276 
HOH O   H2   sing N N 277 
ILE N   CA   sing N N 278 
ILE N   H    sing N N 279 
ILE N   H2   sing N N 280 
ILE CA  C    sing N N 281 
ILE CA  CB   sing N N 282 
ILE CA  HA   sing N N 283 
ILE C   O    doub N N 284 
ILE C   OXT  sing N N 285 
ILE CB  CG1  sing N N 286 
ILE CB  CG2  sing N N 287 
ILE CB  HB   sing N N 288 
ILE CG1 CD1  sing N N 289 
ILE CG1 HG12 sing N N 290 
ILE CG1 HG13 sing N N 291 
ILE CG2 HG21 sing N N 292 
ILE CG2 HG22 sing N N 293 
ILE CG2 HG23 sing N N 294 
ILE CD1 HD11 sing N N 295 
ILE CD1 HD12 sing N N 296 
ILE CD1 HD13 sing N N 297 
ILE OXT HXT  sing N N 298 
LEU N   CA   sing N N 299 
LEU N   H    sing N N 300 
LEU N   H2   sing N N 301 
LEU CA  C    sing N N 302 
LEU CA  CB   sing N N 303 
LEU CA  HA   sing N N 304 
LEU C   O    doub N N 305 
LEU C   OXT  sing N N 306 
LEU CB  CG   sing N N 307 
LEU CB  HB2  sing N N 308 
LEU CB  HB3  sing N N 309 
LEU CG  CD1  sing N N 310 
LEU CG  CD2  sing N N 311 
LEU CG  HG   sing N N 312 
LEU CD1 HD11 sing N N 313 
LEU CD1 HD12 sing N N 314 
LEU CD1 HD13 sing N N 315 
LEU CD2 HD21 sing N N 316 
LEU CD2 HD22 sing N N 317 
LEU CD2 HD23 sing N N 318 
LEU OXT HXT  sing N N 319 
LYS N   CA   sing N N 320 
LYS N   H    sing N N 321 
LYS N   H2   sing N N 322 
LYS CA  C    sing N N 323 
LYS CA  CB   sing N N 324 
LYS CA  HA   sing N N 325 
LYS C   O    doub N N 326 
LYS C   OXT  sing N N 327 
LYS CB  CG   sing N N 328 
LYS CB  HB2  sing N N 329 
LYS CB  HB3  sing N N 330 
LYS CG  CD   sing N N 331 
LYS CG  HG2  sing N N 332 
LYS CG  HG3  sing N N 333 
LYS CD  CE   sing N N 334 
LYS CD  HD2  sing N N 335 
LYS CD  HD3  sing N N 336 
LYS CE  NZ   sing N N 337 
LYS CE  HE2  sing N N 338 
LYS CE  HE3  sing N N 339 
LYS NZ  HZ1  sing N N 340 
LYS NZ  HZ2  sing N N 341 
LYS NZ  HZ3  sing N N 342 
LYS OXT HXT  sing N N 343 
MET N   CA   sing N N 344 
MET N   H    sing N N 345 
MET N   H2   sing N N 346 
MET CA  C    sing N N 347 
MET CA  CB   sing N N 348 
MET CA  HA   sing N N 349 
MET C   O    doub N N 350 
MET C   OXT  sing N N 351 
MET CB  CG   sing N N 352 
MET CB  HB2  sing N N 353 
MET CB  HB3  sing N N 354 
MET CG  SD   sing N N 355 
MET CG  HG2  sing N N 356 
MET CG  HG3  sing N N 357 
MET SD  CE   sing N N 358 
MET CE  HE1  sing N N 359 
MET CE  HE2  sing N N 360 
MET CE  HE3  sing N N 361 
MET OXT HXT  sing N N 362 
PHE N   CA   sing N N 363 
PHE N   H    sing N N 364 
PHE N   H2   sing N N 365 
PHE CA  C    sing N N 366 
PHE CA  CB   sing N N 367 
PHE CA  HA   sing N N 368 
PHE C   O    doub N N 369 
PHE C   OXT  sing N N 370 
PHE CB  CG   sing N N 371 
PHE CB  HB2  sing N N 372 
PHE CB  HB3  sing N N 373 
PHE CG  CD1  doub Y N 374 
PHE CG  CD2  sing Y N 375 
PHE CD1 CE1  sing Y N 376 
PHE CD1 HD1  sing N N 377 
PHE CD2 CE2  doub Y N 378 
PHE CD2 HD2  sing N N 379 
PHE CE1 CZ   doub Y N 380 
PHE CE1 HE1  sing N N 381 
PHE CE2 CZ   sing Y N 382 
PHE CE2 HE2  sing N N 383 
PHE CZ  HZ   sing N N 384 
PHE OXT HXT  sing N N 385 
PRO N   CA   sing N N 386 
PRO N   CD   sing N N 387 
PRO N   H    sing N N 388 
PRO CA  C    sing N N 389 
PRO CA  CB   sing N N 390 
PRO CA  HA   sing N N 391 
PRO C   O    doub N N 392 
PRO C   OXT  sing N N 393 
PRO CB  CG   sing N N 394 
PRO CB  HB2  sing N N 395 
PRO CB  HB3  sing N N 396 
PRO CG  CD   sing N N 397 
PRO CG  HG2  sing N N 398 
PRO CG  HG3  sing N N 399 
PRO CD  HD2  sing N N 400 
PRO CD  HD3  sing N N 401 
PRO OXT HXT  sing N N 402 
SER N   CA   sing N N 403 
SER N   H    sing N N 404 
SER N   H2   sing N N 405 
SER CA  C    sing N N 406 
SER CA  CB   sing N N 407 
SER CA  HA   sing N N 408 
SER C   O    doub N N 409 
SER C   OXT  sing N N 410 
SER CB  OG   sing N N 411 
SER CB  HB2  sing N N 412 
SER CB  HB3  sing N N 413 
SER OG  HG   sing N N 414 
SER OXT HXT  sing N N 415 
THR N   CA   sing N N 416 
THR N   H    sing N N 417 
THR N   H2   sing N N 418 
THR CA  C    sing N N 419 
THR CA  CB   sing N N 420 
THR CA  HA   sing N N 421 
THR C   O    doub N N 422 
THR C   OXT  sing N N 423 
THR CB  OG1  sing N N 424 
THR CB  CG2  sing N N 425 
THR CB  HB   sing N N 426 
THR OG1 HG1  sing N N 427 
THR CG2 HG21 sing N N 428 
THR CG2 HG22 sing N N 429 
THR CG2 HG23 sing N N 430 
THR OXT HXT  sing N N 431 
TRP N   CA   sing N N 432 
TRP N   H    sing N N 433 
TRP N   H2   sing N N 434 
TRP CA  C    sing N N 435 
TRP CA  CB   sing N N 436 
TRP CA  HA   sing N N 437 
TRP C   O    doub N N 438 
TRP C   OXT  sing N N 439 
TRP CB  CG   sing N N 440 
TRP CB  HB2  sing N N 441 
TRP CB  HB3  sing N N 442 
TRP CG  CD1  doub Y N 443 
TRP CG  CD2  sing Y N 444 
TRP CD1 NE1  sing Y N 445 
TRP CD1 HD1  sing N N 446 
TRP CD2 CE2  doub Y N 447 
TRP CD2 CE3  sing Y N 448 
TRP NE1 CE2  sing Y N 449 
TRP NE1 HE1  sing N N 450 
TRP CE2 CZ2  sing Y N 451 
TRP CE3 CZ3  doub Y N 452 
TRP CE3 HE3  sing N N 453 
TRP CZ2 CH2  doub Y N 454 
TRP CZ2 HZ2  sing N N 455 
TRP CZ3 CH2  sing Y N 456 
TRP CZ3 HZ3  sing N N 457 
TRP CH2 HH2  sing N N 458 
TRP OXT HXT  sing N N 459 
TYR N   CA   sing N N 460 
TYR N   H    sing N N 461 
TYR N   H2   sing N N 462 
TYR CA  C    sing N N 463 
TYR CA  CB   sing N N 464 
TYR CA  HA   sing N N 465 
TYR C   O    doub N N 466 
TYR C   OXT  sing N N 467 
TYR CB  CG   sing N N 468 
TYR CB  HB2  sing N N 469 
TYR CB  HB3  sing N N 470 
TYR CG  CD1  doub Y N 471 
TYR CG  CD2  sing Y N 472 
TYR CD1 CE1  sing Y N 473 
TYR CD1 HD1  sing N N 474 
TYR CD2 CE2  doub Y N 475 
TYR CD2 HD2  sing N N 476 
TYR CE1 CZ   doub Y N 477 
TYR CE1 HE1  sing N N 478 
TYR CE2 CZ   sing Y N 479 
TYR CE2 HE2  sing N N 480 
TYR CZ  OH   sing N N 481 
TYR OH  HH   sing N N 482 
TYR OXT HXT  sing N N 483 
VAL N   CA   sing N N 484 
VAL N   H    sing N N 485 
VAL N   H2   sing N N 486 
VAL CA  C    sing N N 487 
VAL CA  CB   sing N N 488 
VAL CA  HA   sing N N 489 
VAL C   O    doub N N 490 
VAL C   OXT  sing N N 491 
VAL CB  CG1  sing N N 492 
VAL CB  CG2  sing N N 493 
VAL CB  HB   sing N N 494 
VAL CG1 HG11 sing N N 495 
VAL CG1 HG12 sing N N 496 
VAL CG1 HG13 sing N N 497 
VAL CG2 HG21 sing N N 498 
VAL CG2 HG22 sing N N 499 
VAL CG2 HG23 sing N N 500 
VAL OXT HXT  sing N N 501 
# 
loop_
_pdbx_entity_nonpoly.entity_id 
_pdbx_entity_nonpoly.name 
_pdbx_entity_nonpoly.comp_id 
2 '3-(1H-benzimidazol-2-yl)-N-[(2-methylfuran-3-yl)carbonyl]-D-alanine' 4D7 
3 'DODECAETHYLENE GLYCOL'                                               12P 
4 water                                                                 HOH 
# 
_pdbx_initial_refinement_model.id               1 
_pdbx_initial_refinement_model.entity_id_list   ? 
_pdbx_initial_refinement_model.type             'experimental model' 
_pdbx_initial_refinement_model.source_name      PDB 
_pdbx_initial_refinement_model.accession_code   1PIN 
_pdbx_initial_refinement_model.details          'PDB ENTRY 1PIN' 
# 
